data_9L0F
#
_entry.id   9L0F
#
_cell.length_a   1.00
_cell.length_b   1.00
_cell.length_c   1.00
_cell.angle_alpha   90.00
_cell.angle_beta   90.00
_cell.angle_gamma   90.00
#
_symmetry.space_group_name_H-M   'P 1'
#
_entity_poly.entity_id   1
_entity_poly.type   'polypeptide(L)'
_entity_poly.pdbx_seq_one_letter_code
;MHLPNGAQIFVETSRGVEVEATAITNAENPVATVASKGDLAKGDYVIVTQSTWAKMVSRVLIVTDAQETSITLAGIDTSD
TLVFPAGGTMSFAKITGWTEIPCVQEIGQDGGEQQYYTYQCLSDDKEQQIPTFKSAVSLTYTFAHEFDNPIYPILRKLDS
SGQVTAVRMYVPKASEMRMWAGILSFNDIPSTQVNEMETVELAVSLKGDFTFISSTLASPGA
;
_entity_poly.pdbx_strand_id   G,H,I,J,K,L
#
# COMPACT_ATOMS: atom_id res chain seq x y z
N HIS A 2 15.08 19.71 29.34
CA HIS A 2 14.37 18.47 29.63
C HIS A 2 14.75 17.37 28.64
N LEU A 3 15.39 16.32 29.14
CA LEU A 3 15.80 15.20 28.30
C LEU A 3 15.38 13.91 29.00
N PRO A 4 14.99 12.88 28.25
CA PRO A 4 14.51 11.64 28.90
C PRO A 4 15.61 10.70 29.32
N ASN A 5 16.89 11.07 29.15
CA ASN A 5 17.98 10.17 29.49
C ASN A 5 17.99 9.86 30.98
N GLY A 6 18.29 8.59 31.29
CA GLY A 6 18.41 8.15 32.67
C GLY A 6 17.13 7.63 33.30
N ALA A 7 16.01 7.69 32.61
CA ALA A 7 14.75 7.21 33.16
C ALA A 7 14.72 5.68 33.20
N GLN A 8 14.16 5.14 34.28
CA GLN A 8 14.10 3.70 34.47
C GLN A 8 12.69 3.30 34.87
N ILE A 9 12.27 2.11 34.45
CA ILE A 9 10.90 1.64 34.57
C ILE A 9 10.85 0.44 35.50
N PHE A 10 9.86 0.44 36.39
CA PHE A 10 9.64 -0.66 37.33
C PHE A 10 8.24 -1.21 37.16
N VAL A 11 8.02 -2.43 37.64
CA VAL A 11 6.72 -3.08 37.57
C VAL A 11 6.34 -3.57 38.95
N GLU A 12 5.12 -4.11 39.04
CA GLU A 12 4.61 -4.67 40.29
C GLU A 12 5.33 -5.96 40.64
N THR A 13 5.42 -6.23 41.95
CA THR A 13 5.89 -7.51 42.46
C THR A 13 4.85 -8.19 43.34
N SER A 14 4.27 -7.48 44.30
CA SER A 14 3.27 -8.04 45.19
C SER A 14 2.44 -6.92 45.77
N ARG A 15 1.25 -7.27 46.26
CA ARG A 15 0.33 -6.31 46.85
C ARG A 15 -0.29 -6.92 48.09
N GLY A 16 -0.70 -6.04 49.01
CA GLY A 16 -1.28 -6.47 50.26
C GLY A 16 -2.78 -6.75 50.16
N VAL A 17 -3.39 -6.97 51.33
CA VAL A 17 -4.82 -7.26 51.36
C VAL A 17 -5.61 -5.98 51.08
N GLU A 18 -6.90 -6.17 50.78
CA GLU A 18 -7.76 -5.05 50.46
C GLU A 18 -8.01 -4.17 51.68
N VAL A 19 -8.15 -2.87 51.44
CA VAL A 19 -8.51 -1.89 52.46
C VAL A 19 -9.70 -1.10 51.94
N GLU A 20 -10.70 -0.91 52.79
CA GLU A 20 -11.97 -0.30 52.38
C GLU A 20 -12.03 1.14 52.90
N ALA A 21 -12.54 2.04 52.07
CA ALA A 21 -12.75 3.44 52.45
C ALA A 21 -14.25 3.70 52.48
N THR A 22 -14.74 4.24 53.59
CA THR A 22 -16.18 4.47 53.73
C THR A 22 -16.62 5.76 53.07
N ALA A 23 -15.95 6.87 53.38
CA ALA A 23 -16.34 8.19 52.91
C ALA A 23 -15.16 8.89 52.26
N ILE A 24 -15.43 9.66 51.21
CA ILE A 24 -14.40 10.32 50.42
C ILE A 24 -14.74 11.80 50.31
N THR A 25 -13.78 12.65 50.63
CA THR A 25 -13.93 14.08 50.44
C THR A 25 -13.67 14.45 48.98
N ASN A 26 -14.52 15.33 48.44
CA ASN A 26 -14.42 15.73 47.04
C ASN A 26 -13.95 17.19 46.93
N ALA A 27 -12.63 17.36 46.98
CA ALA A 27 -11.96 18.63 46.78
C ALA A 27 -10.46 18.39 46.79
N GLU A 28 -9.76 19.10 45.90
CA GLU A 28 -8.30 19.01 45.76
C GLU A 28 -7.76 17.60 45.97
N ASN A 29 -7.06 17.38 47.09
CA ASN A 29 -6.55 16.07 47.42
C ASN A 29 -7.65 15.27 48.10
N PRO A 30 -8.10 14.15 47.54
CA PRO A 30 -9.14 13.35 48.19
C PRO A 30 -8.66 12.79 49.52
N VAL A 31 -9.59 12.68 50.46
CA VAL A 31 -9.32 12.16 51.80
C VAL A 31 -10.18 10.93 52.01
N ALA A 32 -9.56 9.82 52.39
CA ALA A 32 -10.26 8.57 52.64
C ALA A 32 -10.35 8.32 54.14
N THR A 33 -11.57 8.07 54.61
CA THR A 33 -11.82 7.85 56.04
C THR A 33 -11.80 6.34 56.29
N VAL A 34 -10.66 5.81 56.67
CA VAL A 34 -10.48 4.39 56.89
C VAL A 34 -10.15 4.16 58.36
N ALA A 35 -10.97 3.35 59.03
CA ALA A 35 -10.75 3.08 60.44
C ALA A 35 -9.59 2.11 60.62
N SER A 36 -8.64 2.49 61.47
CA SER A 36 -7.51 1.63 61.85
C SER A 36 -6.71 1.20 60.62
N LYS A 37 -6.09 2.20 59.98
CA LYS A 37 -5.30 1.92 58.79
C LYS A 37 -4.12 1.03 59.15
N GLY A 38 -3.74 0.15 58.21
CA GLY A 38 -2.67 -0.78 58.49
C GLY A 38 -1.43 -0.58 57.64
N ASP A 39 -0.37 -0.08 58.26
CA ASP A 39 0.88 0.13 57.53
C ASP A 39 0.67 1.04 56.33
N LEU A 40 0.11 2.22 56.56
CA LEU A 40 -0.02 3.17 55.46
C LEU A 40 0.86 4.39 55.71
N ALA A 41 2.17 4.16 55.67
CA ALA A 41 3.11 5.23 55.92
C ALA A 41 3.16 6.19 54.73
N LYS A 42 3.73 7.37 54.98
CA LYS A 42 3.85 8.39 53.94
C LYS A 42 4.75 7.93 52.81
N GLY A 43 4.32 8.19 51.57
CA GLY A 43 5.08 7.82 50.40
C GLY A 43 4.70 6.50 49.78
N ASP A 44 3.77 5.76 50.37
CA ASP A 44 3.39 4.46 49.82
C ASP A 44 2.59 4.62 48.53
N TYR A 45 2.58 3.56 47.73
CA TYR A 45 1.85 3.52 46.48
C TYR A 45 0.63 2.61 46.65
N VAL A 46 -0.54 3.13 46.32
CA VAL A 46 -1.79 2.41 46.46
C VAL A 46 -2.53 2.43 45.12
N ILE A 47 -3.04 1.27 44.72
CA ILE A 47 -3.77 1.10 43.48
C ILE A 47 -5.24 0.86 43.82
N VAL A 48 -6.12 1.58 43.14
CA VAL A 48 -7.57 1.47 43.38
C VAL A 48 -8.06 0.27 42.58
N THR A 49 -8.84 -0.60 43.22
CA THR A 49 -9.30 -1.81 42.55
C THR A 49 -10.78 -1.71 42.18
N GLN A 50 -11.57 -1.00 42.98
CA GLN A 50 -12.99 -0.84 42.68
C GLN A 50 -13.49 0.43 43.34
N SER A 51 -14.50 1.04 42.70
CA SER A 51 -15.12 2.26 43.19
C SER A 51 -16.38 2.50 42.38
N THR A 52 -17.19 3.46 42.85
CA THR A 52 -18.44 3.82 42.19
C THR A 52 -18.41 5.25 41.66
N TRP A 53 -17.22 5.82 41.46
CA TRP A 53 -17.08 7.18 40.98
C TRP A 53 -16.64 7.25 39.52
N ALA A 54 -17.02 6.26 38.71
CA ALA A 54 -16.77 6.28 37.28
C ALA A 54 -15.27 6.29 36.98
N LYS A 55 -14.62 7.42 37.26
CA LYS A 55 -13.17 7.51 37.16
C LYS A 55 -12.52 6.87 38.39
N MET A 56 -11.20 6.99 38.47
CA MET A 56 -10.42 6.45 39.58
C MET A 56 -10.61 4.95 39.75
N VAL A 57 -11.02 4.25 38.70
CA VAL A 57 -11.26 2.82 38.83
C VAL A 57 -9.94 2.07 39.02
N SER A 58 -8.93 2.37 38.20
CA SER A 58 -7.66 1.64 38.25
C SER A 58 -6.50 2.64 38.09
N ARG A 59 -6.55 3.74 38.81
CA ARG A 59 -5.52 4.78 38.73
C ARG A 59 -4.69 4.75 40.02
N VAL A 60 -3.37 4.83 39.86
CA VAL A 60 -2.46 4.71 40.99
C VAL A 60 -2.29 6.05 41.68
N LEU A 61 -2.29 6.04 43.02
CA LEU A 61 -2.24 7.24 43.83
C LEU A 61 -1.18 7.07 44.92
N ILE A 62 -0.81 8.18 45.56
CA ILE A 62 0.14 8.17 46.67
C ILE A 62 -0.47 8.91 47.86
N VAL A 63 -0.27 8.36 49.05
CA VAL A 63 -0.77 8.96 50.29
C VAL A 63 0.28 9.97 50.77
N THR A 64 -0.19 11.02 51.44
CA THR A 64 0.74 11.98 52.03
C THR A 64 0.58 12.03 53.55
N ASP A 65 -0.64 11.84 54.05
CA ASP A 65 -0.90 11.82 55.48
C ASP A 65 -1.21 10.40 55.93
N ALA A 66 -0.63 10.00 57.05
CA ALA A 66 -0.80 8.67 57.61
C ALA A 66 -1.65 8.70 58.88
N GLN A 67 -2.68 9.52 58.87
CA GLN A 67 -3.53 9.66 60.06
C GLN A 67 -4.26 8.35 60.34
N GLU A 68 -4.62 8.16 61.62
CA GLU A 68 -5.17 6.89 62.07
C GLU A 68 -6.47 6.55 61.35
N THR A 69 -7.35 7.54 61.19
CA THR A 69 -8.68 7.30 60.63
C THR A 69 -8.94 8.06 59.33
N SER A 70 -8.04 8.93 58.89
CA SER A 70 -8.25 9.75 57.70
C SER A 70 -6.97 9.80 56.88
N ILE A 71 -6.84 8.88 55.93
CA ILE A 71 -5.70 8.91 55.01
C ILE A 71 -6.03 9.81 53.82
N THR A 72 -5.08 10.64 53.43
CA THR A 72 -5.26 11.60 52.35
C THR A 72 -4.57 11.06 51.09
N LEU A 73 -5.36 10.56 50.15
CA LEU A 73 -4.84 10.07 48.88
C LEU A 73 -4.63 11.26 47.94
N ALA A 74 -3.50 11.94 48.13
CA ALA A 74 -3.24 13.16 47.38
C ALA A 74 -3.18 12.90 45.89
N GLY A 75 -2.18 12.15 45.44
CA GLY A 75 -2.01 11.85 44.03
C GLY A 75 -2.03 13.09 43.16
N ILE A 76 -2.68 12.99 42.00
CA ILE A 76 -2.90 14.14 41.13
C ILE A 76 -4.39 14.42 40.98
N ASP A 77 -5.19 13.35 40.93
CA ASP A 77 -6.61 13.48 40.64
C ASP A 77 -7.30 14.43 41.61
N THR A 78 -8.10 15.35 41.07
CA THR A 78 -8.86 16.30 41.86
C THR A 78 -10.33 15.93 41.75
N SER A 79 -10.97 15.72 42.89
CA SER A 79 -12.37 15.32 42.94
C SER A 79 -13.31 16.49 43.20
N ASP A 80 -12.80 17.72 43.10
CA ASP A 80 -13.64 18.90 43.34
C ASP A 80 -14.77 19.00 42.31
N THR A 81 -14.58 18.45 41.13
CA THR A 81 -15.59 18.55 40.08
C THR A 81 -16.87 17.82 40.50
N LEU A 82 -18.01 18.33 40.02
CA LEU A 82 -19.29 17.78 40.40
C LEU A 82 -19.54 16.42 39.75
N VAL A 83 -18.69 16.03 38.79
CA VAL A 83 -18.87 14.78 38.05
C VAL A 83 -18.91 13.63 39.05
N PHE A 84 -18.05 13.67 40.06
CA PHE A 84 -18.10 12.69 41.13
C PHE A 84 -19.21 13.07 42.10
N PRO A 85 -20.22 12.24 42.31
CA PRO A 85 -21.31 12.60 43.22
C PRO A 85 -20.85 12.57 44.68
N ALA A 86 -21.77 12.97 45.56
CA ALA A 86 -21.48 13.05 46.99
C ALA A 86 -21.11 11.68 47.55
N GLY A 87 -22.06 10.74 47.54
CA GLY A 87 -21.78 9.41 48.09
C GLY A 87 -20.79 8.66 47.22
N GLY A 88 -19.74 8.13 47.86
CA GLY A 88 -18.72 7.41 47.12
C GLY A 88 -17.93 6.43 47.96
N THR A 89 -17.56 5.31 47.37
CA THR A 89 -16.77 4.28 48.03
C THR A 89 -15.57 3.92 47.15
N MET A 90 -14.52 3.43 47.79
CA MET A 90 -13.31 3.05 47.06
C MET A 90 -12.52 2.04 47.88
N SER A 91 -11.95 1.05 47.19
CA SER A 91 -11.10 0.04 47.81
C SER A 91 -9.75 0.07 47.11
N PHE A 92 -8.66 0.01 47.89
CA PHE A 92 -7.32 0.11 47.35
C PHE A 92 -6.41 -0.92 48.00
N ALA A 93 -5.34 -1.27 47.29
CA ALA A 93 -4.36 -2.24 47.76
C ALA A 93 -2.99 -1.58 47.81
N LYS A 94 -2.23 -1.88 48.87
CA LYS A 94 -0.91 -1.30 49.05
C LYS A 94 0.13 -2.12 48.29
N ILE A 95 1.04 -1.42 47.61
CA ILE A 95 2.09 -2.09 46.85
C ILE A 95 3.33 -2.29 47.72
N THR A 96 3.94 -3.47 47.60
CA THR A 96 5.07 -3.85 48.46
C THR A 96 6.41 -3.53 47.84
N GLY A 97 6.72 -4.09 46.66
CA GLY A 97 8.01 -3.91 46.06
C GLY A 97 7.92 -3.72 44.56
N TRP A 98 9.07 -3.40 43.97
CA TRP A 98 9.15 -3.12 42.54
C TRP A 98 10.36 -3.83 41.93
N THR A 99 10.29 -4.07 40.63
CA THR A 99 11.35 -4.73 39.88
C THR A 99 11.61 -3.96 38.60
N GLU A 100 12.89 -3.73 38.31
CA GLU A 100 13.31 -2.88 37.19
C GLU A 100 13.58 -3.71 35.94
N ILE A 101 13.07 -3.23 34.81
CA ILE A 101 13.38 -3.82 33.51
C ILE A 101 14.85 -3.59 33.20
N PRO A 102 15.58 -4.57 32.67
CA PRO A 102 17.04 -4.40 32.52
C PRO A 102 17.47 -3.23 31.66
N CYS A 103 17.08 -3.20 30.38
CA CYS A 103 17.63 -2.19 29.46
C CYS A 103 16.60 -1.89 28.38
N VAL A 104 15.81 -0.84 28.59
CA VAL A 104 14.82 -0.43 27.60
C VAL A 104 15.51 0.33 26.49
N GLN A 105 15.24 -0.07 25.24
CA GLN A 105 15.87 0.55 24.08
C GLN A 105 14.88 1.25 23.16
N GLU A 106 13.58 1.00 23.31
CA GLU A 106 12.58 1.61 22.44
C GLU A 106 11.24 1.61 23.14
N ILE A 107 10.53 2.72 23.06
CA ILE A 107 9.19 2.87 23.63
C ILE A 107 8.27 3.40 22.54
N GLY A 108 7.17 2.70 22.30
CA GLY A 108 6.21 3.12 21.30
C GLY A 108 4.79 2.92 21.79
N GLN A 109 3.90 3.81 21.33
CA GLN A 109 2.50 3.80 21.73
C GLN A 109 1.62 3.68 20.50
N ASP A 110 0.59 2.85 20.60
CA ASP A 110 -0.42 2.70 19.55
C ASP A 110 -1.80 2.84 20.18
N GLY A 111 -2.63 3.70 19.61
CA GLY A 111 -3.98 3.85 20.07
C GLY A 111 -4.37 5.31 20.14
N GLY A 112 -5.39 5.59 20.94
CA GLY A 112 -5.93 6.93 21.03
C GLY A 112 -7.04 7.16 20.02
N GLU A 113 -7.26 8.44 19.72
CA GLU A 113 -8.21 8.89 18.71
C GLU A 113 -9.64 8.69 19.17
N GLN A 114 -10.51 9.66 18.87
CA GLN A 114 -11.91 9.62 19.28
C GLN A 114 -12.77 9.17 18.12
N GLN A 115 -13.64 8.21 18.37
CA GLN A 115 -14.57 7.74 17.34
C GLN A 115 -15.80 8.63 17.30
N TYR A 116 -16.40 8.74 16.11
CA TYR A 116 -17.52 9.63 15.87
C TYR A 116 -18.67 8.87 15.22
N TYR A 117 -19.87 9.40 15.40
CA TYR A 117 -21.06 8.90 14.73
C TYR A 117 -21.61 10.01 13.83
N THR A 118 -21.83 9.68 12.57
CA THR A 118 -22.19 10.67 11.57
C THR A 118 -23.66 10.50 11.15
N TYR A 119 -24.34 11.63 10.99
CA TYR A 119 -25.73 11.63 10.53
C TYR A 119 -25.97 12.92 9.76
N GLN A 120 -27.02 12.93 8.94
CA GLN A 120 -27.40 14.11 8.20
C GLN A 120 -28.91 14.09 7.96
N CYS A 121 -29.55 15.21 8.27
CA CYS A 121 -30.99 15.35 8.10
C CYS A 121 -31.28 16.11 6.81
N LEU A 122 -32.54 16.11 6.41
CA LEU A 122 -32.95 16.85 5.22
C LEU A 122 -32.73 18.34 5.42
N SER A 123 -33.04 18.84 6.62
CA SER A 123 -32.86 20.26 6.91
C SER A 123 -31.39 20.67 6.98
N ASP A 124 -30.52 19.76 7.44
CA ASP A 124 -29.10 20.10 7.56
C ASP A 124 -28.46 20.28 6.19
N ASP A 125 -27.56 21.27 6.11
CA ASP A 125 -26.86 21.52 4.84
C ASP A 125 -25.57 20.71 4.76
N LYS A 126 -24.96 20.40 5.90
CA LYS A 126 -23.72 19.65 5.94
C LYS A 126 -23.84 18.52 6.95
N GLU A 127 -23.00 17.50 6.75
CA GLU A 127 -23.00 16.35 7.65
C GLU A 127 -22.55 16.75 9.05
N GLN A 128 -23.25 16.24 10.06
CA GLN A 128 -22.97 16.54 11.45
C GLN A 128 -22.47 15.29 12.17
N GLN A 129 -21.70 15.51 13.24
CA GLN A 129 -21.07 14.44 13.98
C GLN A 129 -21.27 14.64 15.48
N ILE A 130 -21.36 13.53 16.20
CA ILE A 130 -21.40 13.56 17.66
C ILE A 130 -20.42 12.51 18.19
N PRO A 131 -19.64 12.82 19.23
CA PRO A 131 -18.67 11.85 19.74
C PRO A 131 -19.36 10.68 20.42
N THR A 132 -18.73 9.50 20.35
CA THR A 132 -19.26 8.31 20.99
C THR A 132 -18.35 7.81 22.10
N PHE A 133 -17.07 7.56 21.84
CA PHE A 133 -16.14 7.10 22.86
C PHE A 133 -14.72 7.14 22.30
N LYS A 134 -13.75 6.97 23.20
CA LYS A 134 -12.34 7.02 22.87
C LYS A 134 -11.79 5.60 22.81
N SER A 135 -10.92 5.35 21.84
CA SER A 135 -10.36 4.01 21.68
C SER A 135 -9.33 3.71 22.75
N ALA A 136 -8.88 2.46 22.80
CA ALA A 136 -7.91 2.03 23.79
C ALA A 136 -6.50 2.38 23.33
N VAL A 137 -5.55 2.26 24.27
CA VAL A 137 -4.15 2.58 24.03
C VAL A 137 -3.29 1.40 24.50
N SER A 138 -2.32 1.02 23.68
CA SER A 138 -1.39 -0.06 24.00
C SER A 138 0.04 0.44 23.88
N LEU A 139 0.89 0.02 24.81
CA LEU A 139 2.29 0.43 24.85
C LEU A 139 3.17 -0.79 24.67
N THR A 140 4.29 -0.61 23.99
CA THR A 140 5.26 -1.68 23.74
C THR A 140 6.63 -1.27 24.23
N TYR A 141 7.33 -2.19 24.89
CA TYR A 141 8.69 -1.98 25.36
C TYR A 141 9.59 -3.07 24.81
N THR A 142 10.81 -2.70 24.45
CA THR A 142 11.81 -3.63 23.93
C THR A 142 13.04 -3.56 24.82
N PHE A 143 13.48 -4.71 25.33
CA PHE A 143 14.65 -4.74 26.20
C PHE A 143 15.52 -5.93 25.85
N ALA A 144 16.75 -5.90 26.35
CA ALA A 144 17.76 -6.90 26.01
C ALA A 144 17.42 -8.25 26.63
N HIS A 145 18.08 -9.28 26.12
CA HIS A 145 17.81 -10.66 26.50
C HIS A 145 18.83 -11.16 27.51
N GLU A 146 18.36 -11.52 28.70
CA GLU A 146 19.19 -12.14 29.74
C GLU A 146 18.33 -13.20 30.41
N PHE A 147 18.65 -14.48 30.18
CA PHE A 147 17.74 -15.54 30.63
C PHE A 147 17.85 -15.76 32.14
N ASP A 148 18.87 -15.20 32.78
CA ASP A 148 19.02 -15.35 34.22
C ASP A 148 18.28 -14.28 35.01
N ASN A 149 17.75 -13.25 34.34
CA ASN A 149 17.14 -12.13 35.02
C ASN A 149 15.89 -12.59 35.77
N PRO A 150 15.76 -12.29 37.06
CA PRO A 150 14.56 -12.74 37.80
C PRO A 150 13.26 -12.13 37.29
N ILE A 151 13.31 -11.09 36.46
CA ILE A 151 12.08 -10.46 35.98
C ILE A 151 11.31 -11.41 35.07
N TYR A 152 12.01 -12.37 34.45
CA TYR A 152 11.35 -13.27 33.50
C TYR A 152 10.28 -14.15 34.14
N PRO A 153 10.54 -14.87 35.24
CA PRO A 153 9.44 -15.64 35.86
C PRO A 153 8.29 -14.77 36.33
N ILE A 154 8.59 -13.57 36.84
CA ILE A 154 7.53 -12.69 37.33
C ILE A 154 6.65 -12.25 36.17
N LEU A 155 7.26 -11.85 35.06
CA LEU A 155 6.50 -11.41 33.90
C LEU A 155 5.70 -12.56 33.31
N ARG A 156 6.28 -13.77 33.28
CA ARG A 156 5.55 -14.92 32.75
C ARG A 156 4.35 -15.24 33.62
N LYS A 157 4.52 -15.18 34.94
CA LYS A 157 3.40 -15.43 35.85
C LYS A 157 2.31 -14.37 35.70
N LEU A 158 2.71 -13.10 35.56
CA LEU A 158 1.73 -12.03 35.37
C LEU A 158 0.99 -12.19 34.05
N ASP A 159 1.68 -12.69 33.02
CA ASP A 159 1.02 -12.91 31.74
C ASP A 159 0.06 -14.10 31.82
N SER A 160 0.41 -15.12 32.60
CA SER A 160 -0.41 -16.33 32.66
C SER A 160 -1.83 -16.02 33.15
N SER A 161 -1.94 -15.29 34.26
CA SER A 161 -3.23 -14.92 34.84
C SER A 161 -3.40 -13.42 34.72
N GLY A 162 -4.37 -13.00 33.93
CA GLY A 162 -4.60 -11.59 33.70
C GLY A 162 -4.91 -10.81 34.97
N GLN A 163 -4.08 -9.82 35.26
CA GLN A 163 -4.26 -8.99 36.44
C GLN A 163 -3.81 -7.58 36.13
N VAL A 164 -4.54 -6.61 36.65
CA VAL A 164 -4.25 -5.21 36.36
C VAL A 164 -3.15 -4.72 37.29
N THR A 165 -1.89 -4.92 36.89
CA THR A 165 -0.76 -4.52 37.69
C THR A 165 -0.43 -3.04 37.49
N ALA A 166 0.53 -2.55 38.26
CA ALA A 166 0.91 -1.15 38.25
C ALA A 166 2.34 -1.00 37.74
N VAL A 167 2.57 0.05 36.95
CA VAL A 167 3.86 0.32 36.35
C VAL A 167 4.27 1.75 36.67
N ARG A 168 5.54 1.93 37.04
CA ARG A 168 6.09 3.23 37.36
C ARG A 168 7.35 3.47 36.54
N MET A 169 7.52 4.71 36.07
CA MET A 169 8.73 5.09 35.37
C MET A 169 9.10 6.51 35.80
N TYR A 170 10.38 6.70 36.15
CA TYR A 170 10.84 7.91 36.83
C TYR A 170 11.84 8.64 35.94
N VAL A 171 11.56 9.91 35.67
CA VAL A 171 12.41 10.75 34.83
C VAL A 171 13.21 11.67 35.74
N PRO A 172 14.54 11.56 35.80
CA PRO A 172 15.29 12.36 36.78
C PRO A 172 15.49 13.81 36.38
N LYS A 173 15.51 14.12 35.08
CA LYS A 173 15.81 15.48 34.65
C LYS A 173 14.75 16.47 35.12
N ALA A 174 13.48 16.08 35.06
CA ALA A 174 12.39 16.92 35.52
C ALA A 174 11.89 16.52 36.90
N SER A 175 12.46 15.48 37.50
CA SER A 175 12.03 14.97 38.81
C SER A 175 10.53 14.66 38.81
N GLU A 176 10.07 13.98 37.77
CA GLU A 176 8.66 13.66 37.59
C GLU A 176 8.46 12.15 37.61
N MET A 177 7.36 11.71 38.20
CA MET A 177 7.06 10.28 38.26
C MET A 177 5.75 9.97 37.55
N ARG A 178 5.78 9.02 36.62
CA ARG A 178 4.56 8.63 35.91
C ARG A 178 4.09 7.25 36.33
N MET A 179 2.80 7.12 36.60
CA MET A 179 2.25 5.83 37.00
C MET A 179 0.99 5.52 36.21
N TRP A 180 0.83 4.25 35.85
CA TRP A 180 -0.37 3.78 35.17
C TRP A 180 -0.53 2.30 35.42
N ALA A 181 -1.72 1.77 35.13
CA ALA A 181 -2.05 0.38 35.38
C ALA A 181 -2.56 -0.27 34.10
N GLY A 182 -2.30 -1.56 33.93
CA GLY A 182 -2.76 -2.26 32.76
C GLY A 182 -2.38 -3.72 32.81
N ILE A 183 -2.77 -4.44 31.76
CA ILE A 183 -2.47 -5.87 31.64
C ILE A 183 -1.19 -6.06 30.86
N LEU A 184 -0.38 -7.04 31.26
CA LEU A 184 0.92 -7.30 30.65
C LEU A 184 0.86 -8.62 29.89
N SER A 185 1.21 -8.58 28.61
CA SER A 185 1.38 -9.77 27.78
C SER A 185 2.82 -9.81 27.31
N PHE A 186 3.55 -10.86 27.69
CA PHE A 186 5.00 -10.90 27.55
C PHE A 186 5.40 -11.94 26.51
N ASN A 187 5.96 -11.47 25.40
CA ASN A 187 6.62 -12.35 24.45
C ASN A 187 8.02 -12.67 24.94
N ASP A 188 8.54 -13.83 24.55
CA ASP A 188 9.85 -14.26 25.00
C ASP A 188 10.74 -14.86 23.92
N ILE A 189 10.27 -15.00 22.69
CA ILE A 189 11.17 -15.49 21.63
C ILE A 189 12.14 -14.39 21.26
N PRO A 190 13.45 -14.58 21.40
CA PRO A 190 14.38 -13.49 21.12
C PRO A 190 14.81 -13.42 19.68
N SER A 191 14.69 -12.26 19.06
CA SER A 191 15.16 -12.08 17.69
C SER A 191 16.66 -11.89 17.67
N THR A 192 17.32 -12.65 16.80
CA THR A 192 18.78 -12.65 16.74
C THR A 192 19.24 -12.17 15.37
N GLN A 193 20.27 -11.34 15.37
CA GLN A 193 20.89 -10.88 14.14
C GLN A 193 22.38 -10.72 14.38
N VAL A 194 23.18 -11.15 13.41
CA VAL A 194 24.63 -11.14 13.57
C VAL A 194 25.12 -9.71 13.76
N ASN A 195 26.10 -9.55 14.66
CA ASN A 195 26.66 -8.23 15.00
C ASN A 195 25.61 -7.30 15.60
N GLU A 196 24.62 -7.86 16.28
CA GLU A 196 23.59 -7.08 16.94
C GLU A 196 23.09 -7.83 18.16
N MET A 197 22.77 -7.10 19.22
CA MET A 197 22.29 -7.72 20.43
C MET A 197 20.86 -8.24 20.25
N GLU A 198 20.51 -9.25 21.04
CA GLU A 198 19.20 -9.87 21.01
C GLU A 198 18.22 -9.08 21.86
N THR A 199 16.96 -9.04 21.42
CA THR A 199 15.94 -8.24 22.07
C THR A 199 14.70 -9.08 22.35
N VAL A 200 13.97 -8.69 23.39
CA VAL A 200 12.72 -9.31 23.81
C VAL A 200 11.71 -8.20 24.05
N GLU A 201 10.51 -8.39 23.52
CA GLU A 201 9.50 -7.33 23.49
C GLU A 201 8.38 -7.62 24.47
N LEU A 202 7.89 -6.55 25.11
CA LEU A 202 6.82 -6.61 26.07
C LEU A 202 5.72 -5.62 25.66
N ALA A 203 4.48 -5.95 26.01
CA ALA A 203 3.33 -5.12 25.65
C ALA A 203 2.44 -4.89 26.87
N VAL A 204 1.85 -3.71 26.95
CA VAL A 204 0.95 -3.33 28.04
C VAL A 204 -0.33 -2.76 27.44
N SER A 205 -1.47 -3.21 27.96
CA SER A 205 -2.78 -2.70 27.53
C SER A 205 -3.30 -1.77 28.61
N LEU A 206 -3.42 -0.48 28.29
CA LEU A 206 -3.77 0.52 29.28
C LEU A 206 -5.18 0.31 29.81
N LYS A 207 -5.35 0.54 31.11
CA LYS A 207 -6.65 0.42 31.77
C LYS A 207 -7.02 1.66 32.56
N GLY A 208 -6.17 2.68 32.59
CA GLY A 208 -6.43 3.87 33.35
C GLY A 208 -5.84 5.09 32.68
N ASP A 209 -5.64 6.14 33.47
CA ASP A 209 -5.09 7.39 33.00
C ASP A 209 -3.75 7.67 33.65
N PHE A 210 -2.89 8.37 32.92
CA PHE A 210 -1.55 8.69 33.42
C PHE A 210 -1.62 9.70 34.55
N THR A 211 -0.79 9.50 35.57
CA THR A 211 -0.68 10.41 36.70
C THR A 211 0.70 11.05 36.71
N PHE A 212 0.75 12.38 36.75
CA PHE A 212 1.99 13.13 36.76
C PHE A 212 2.16 13.78 38.12
N ILE A 213 3.26 13.46 38.80
CA ILE A 213 3.56 14.04 40.10
C ILE A 213 5.03 14.44 40.13
N SER A 214 5.38 15.25 41.13
CA SER A 214 6.77 15.59 41.36
C SER A 214 7.45 14.54 42.24
N SER A 215 8.76 14.39 42.05
CA SER A 215 9.50 13.38 42.82
C SER A 215 9.73 13.80 44.26
N THR A 216 9.46 15.05 44.62
CA THR A 216 9.66 15.50 45.99
C THR A 216 8.72 14.80 46.95
N LEU A 217 7.54 14.40 46.47
CA LEU A 217 6.60 13.67 47.32
C LEU A 217 7.18 12.33 47.75
N ALA A 218 7.83 11.62 46.83
CA ALA A 218 8.50 10.35 47.11
C ALA A 218 7.55 9.31 47.69
N HIS B 2 8.21 37.31 3.73
CA HIS B 2 7.18 36.84 4.65
C HIS B 2 7.52 35.45 5.17
N LEU B 3 7.81 35.35 6.47
CA LEU B 3 8.17 34.08 7.08
C LEU B 3 7.28 33.88 8.30
N PRO B 4 6.95 32.62 8.64
CA PRO B 4 6.07 32.40 9.79
C PRO B 4 6.79 32.40 11.13
N ASN B 5 8.09 32.68 11.16
CA ASN B 5 8.84 32.63 12.40
C ASN B 5 8.31 33.66 13.39
N GLY B 6 8.28 33.27 14.67
CA GLY B 6 7.86 34.16 15.73
C GLY B 6 6.39 34.12 16.06
N ALA B 7 5.58 33.35 15.34
CA ALA B 7 4.15 33.29 15.60
C ALA B 7 3.85 32.45 16.83
N GLN B 8 2.88 32.89 17.62
CA GLN B 8 2.50 32.20 18.84
C GLN B 8 0.98 32.05 18.90
N ILE B 9 0.53 30.96 19.50
CA ILE B 9 -0.88 30.57 19.47
C ILE B 9 -1.43 30.61 20.89
N PHE B 10 -2.65 31.12 21.02
CA PHE B 10 -3.33 31.20 22.32
C PHE B 10 -4.70 30.54 22.22
N VAL B 11 -5.23 30.12 23.38
CA VAL B 11 -6.55 29.53 23.48
C VAL B 11 -7.35 30.32 24.51
N GLU B 12 -8.67 30.16 24.42
CA GLU B 12 -9.58 30.85 25.33
C GLU B 12 -9.46 30.31 26.74
N THR B 13 -9.62 31.20 27.73
CA THR B 13 -9.67 30.83 29.14
C THR B 13 -11.09 30.88 29.70
N SER B 14 -11.77 32.02 29.58
CA SER B 14 -13.12 32.16 30.10
C SER B 14 -13.87 33.19 29.27
N ARG B 15 -15.19 33.12 29.35
CA ARG B 15 -16.05 34.02 28.59
C ARG B 15 -17.16 34.54 29.50
N GLY B 16 -17.68 35.72 29.14
CA GLY B 16 -18.70 36.37 29.95
C GLY B 16 -20.10 35.89 29.63
N VAL B 17 -21.08 36.62 30.19
CA VAL B 17 -22.47 36.28 29.96
C VAL B 17 -22.88 36.65 28.54
N GLU B 18 -23.99 36.06 28.10
CA GLU B 18 -24.47 36.28 26.74
C GLU B 18 -24.97 37.71 26.56
N VAL B 19 -24.80 38.22 25.34
CA VAL B 19 -25.30 39.53 24.94
C VAL B 19 -26.11 39.35 23.66
N GLU B 20 -27.30 39.94 23.63
CA GLU B 20 -28.24 39.75 22.53
C GLU B 20 -28.22 40.99 21.62
N ALA B 21 -28.21 40.75 20.31
CA ALA B 21 -28.27 41.81 19.32
C ALA B 21 -29.62 41.73 18.60
N THR B 22 -30.41 42.78 18.71
CA THR B 22 -31.74 42.77 18.10
C THR B 22 -31.68 42.90 16.58
N ALA B 23 -30.86 43.83 16.09
CA ALA B 23 -30.82 44.15 14.66
C ALA B 23 -29.38 44.20 14.18
N ILE B 24 -29.17 43.80 12.93
CA ILE B 24 -27.84 43.81 12.31
C ILE B 24 -27.95 44.46 10.95
N THR B 25 -27.08 45.43 10.68
CA THR B 25 -26.99 46.03 9.36
C THR B 25 -26.22 45.10 8.43
N ASN B 26 -26.61 45.11 7.16
CA ASN B 26 -26.01 44.23 6.15
C ASN B 26 -25.27 45.06 5.10
N ALA B 27 -24.02 45.41 5.43
CA ALA B 27 -23.10 46.10 4.53
C ALA B 27 -21.75 46.21 5.23
N GLU B 28 -20.69 45.98 4.44
CA GLU B 28 -19.30 46.05 4.90
C GLU B 28 -19.12 45.52 6.32
N ASN B 29 -18.85 46.42 7.27
CA ASN B 29 -18.71 46.04 8.66
C ASN B 29 -20.11 45.93 9.29
N PRO B 30 -20.51 44.77 9.80
CA PRO B 30 -21.82 44.66 10.43
C PRO B 30 -21.92 45.54 11.67
N VAL B 31 -23.12 46.06 11.91
CA VAL B 31 -23.42 46.87 13.08
C VAL B 31 -24.51 46.18 13.87
N ALA B 32 -24.25 45.95 15.16
CA ALA B 32 -25.21 45.30 16.05
C ALA B 32 -25.82 46.33 16.97
N THR B 33 -27.15 46.39 17.00
CA THR B 33 -27.88 47.34 17.83
C THR B 33 -28.21 46.68 19.16
N VAL B 34 -27.37 46.90 20.15
CA VAL B 34 -27.52 46.30 21.48
C VAL B 34 -27.76 47.42 22.49
N ALA B 35 -28.85 47.32 23.23
CA ALA B 35 -29.17 48.35 24.22
C ALA B 35 -28.33 48.15 25.48
N SER B 36 -27.69 49.22 25.93
CA SER B 36 -26.94 49.24 27.19
C SER B 36 -25.86 48.16 27.22
N LYS B 37 -24.88 48.33 26.33
CA LYS B 37 -23.80 47.36 26.22
C LYS B 37 -22.99 47.31 27.52
N GLY B 38 -22.53 46.12 27.87
CA GLY B 38 -21.80 45.95 29.11
C GLY B 38 -20.34 45.61 28.93
N ASP B 39 -19.46 46.57 29.18
CA ASP B 39 -18.03 46.33 29.09
C ASP B 39 -17.61 45.86 27.70
N LEU B 40 -18.11 46.51 26.66
CA LEU B 40 -17.67 46.17 25.31
C LEU B 40 -16.88 47.34 24.73
N ALA B 41 -15.61 47.42 25.15
CA ALA B 41 -14.74 48.50 24.70
C ALA B 41 -14.21 48.20 23.30
N LYS B 42 -13.19 48.98 22.91
CA LYS B 42 -12.52 48.76 21.64
C LYS B 42 -11.46 47.67 21.75
N GLY B 43 -11.39 46.83 20.73
CA GLY B 43 -10.34 45.83 20.63
C GLY B 43 -10.64 44.48 21.23
N ASP B 44 -11.82 44.30 21.82
CA ASP B 44 -12.15 43.00 22.42
C ASP B 44 -12.58 42.01 21.34
N TYR B 45 -12.56 40.73 21.72
CA TYR B 45 -12.92 39.63 20.84
C TYR B 45 -14.24 39.04 21.29
N VAL B 46 -15.11 38.74 20.34
CA VAL B 46 -16.45 38.22 20.62
C VAL B 46 -16.68 36.96 19.81
N ILE B 47 -17.33 35.97 20.42
CA ILE B 47 -17.68 34.72 19.77
C ILE B 47 -19.19 34.69 19.58
N VAL B 48 -19.63 34.56 18.32
CA VAL B 48 -21.04 34.41 18.01
C VAL B 48 -21.42 32.98 18.39
N THR B 49 -22.48 32.82 19.18
CA THR B 49 -22.86 31.49 19.65
C THR B 49 -24.09 30.96 18.91
N GLN B 50 -24.97 31.86 18.48
CA GLN B 50 -26.15 31.46 17.73
C GLN B 50 -26.61 32.62 16.85
N SER B 51 -27.25 32.27 15.75
CA SER B 51 -27.76 33.26 14.79
C SER B 51 -28.65 32.54 13.80
N THR B 52 -29.37 33.33 13.01
CA THR B 52 -30.25 32.82 11.96
C THR B 52 -29.77 33.22 10.57
N TRP B 53 -28.50 33.59 10.43
CA TRP B 53 -27.95 34.04 9.15
C TRP B 53 -27.05 32.99 8.51
N ALA B 54 -27.35 31.70 8.68
CA ALA B 54 -26.69 30.61 7.96
C ALA B 54 -25.20 30.55 8.29
N LYS B 55 -24.44 31.53 7.82
CA LYS B 55 -23.04 31.65 8.19
C LYS B 55 -22.92 32.32 9.55
N MET B 56 -21.69 32.65 9.94
CA MET B 56 -21.39 33.48 11.10
C MET B 56 -21.93 32.84 12.39
N VAL B 57 -22.18 31.53 12.37
CA VAL B 57 -22.71 30.86 13.55
C VAL B 57 -21.69 30.80 14.67
N SER B 58 -20.44 30.44 14.34
CA SER B 58 -19.42 30.26 15.37
C SER B 58 -18.10 30.88 14.89
N ARG B 59 -18.18 32.11 14.38
CA ARG B 59 -17.02 32.80 13.84
C ARG B 59 -16.65 33.97 14.75
N VAL B 60 -15.35 34.10 15.04
CA VAL B 60 -14.88 35.12 15.97
C VAL B 60 -14.76 36.47 15.26
N LEU B 61 -15.25 37.52 15.90
CA LEU B 61 -15.25 38.87 15.35
C LEU B 61 -14.61 39.83 16.35
N ILE B 62 -14.42 41.07 15.91
CA ILE B 62 -13.79 42.12 16.71
C ILE B 62 -14.71 43.34 16.75
N VAL B 63 -14.74 44.01 17.89
CA VAL B 63 -15.54 45.21 18.08
C VAL B 63 -14.63 46.41 17.88
N THR B 64 -15.00 47.30 16.97
CA THR B 64 -14.21 48.51 16.74
C THR B 64 -14.85 49.72 17.39
N ASP B 65 -16.17 49.84 17.33
CA ASP B 65 -16.89 50.94 17.94
C ASP B 65 -17.58 50.48 19.21
N ALA B 66 -17.38 51.23 20.28
CA ALA B 66 -17.94 50.91 21.59
C ALA B 66 -19.13 51.81 21.91
N GLN B 67 -19.96 52.10 20.90
CA GLN B 67 -21.10 52.98 21.10
C GLN B 67 -22.10 52.35 22.06
N GLU B 68 -22.89 53.21 22.71
CA GLU B 68 -23.79 52.76 23.76
C GLU B 68 -24.85 51.81 23.21
N THR B 69 -25.38 52.10 22.02
CA THR B 69 -26.50 51.33 21.47
C THR B 69 -26.15 50.62 20.17
N SER B 70 -25.17 51.10 19.42
CA SER B 70 -24.88 50.59 18.08
C SER B 70 -23.44 50.06 18.05
N ILE B 71 -23.28 48.79 18.39
CA ILE B 71 -21.96 48.16 18.36
C ILE B 71 -21.65 47.70 16.95
N THR B 72 -20.47 48.07 16.43
CA THR B 72 -20.06 47.73 15.09
C THR B 72 -18.99 46.64 15.16
N LEU B 73 -19.40 45.39 15.01
CA LEU B 73 -18.47 44.26 14.95
C LEU B 73 -17.90 44.17 13.54
N ALA B 74 -16.80 44.88 13.34
CA ALA B 74 -16.18 44.94 12.02
C ALA B 74 -15.67 43.56 11.60
N GLY B 75 -14.65 43.07 12.29
CA GLY B 75 -14.06 41.79 11.94
C GLY B 75 -13.62 41.71 10.49
N ILE B 76 -13.95 40.61 9.82
CA ILE B 76 -13.61 40.43 8.41
C ILE B 76 -14.88 40.26 7.59
N ASP B 77 -15.86 39.54 8.13
CA ASP B 77 -17.06 39.19 7.37
C ASP B 77 -17.78 40.43 6.85
N THR B 78 -18.19 40.36 5.60
CA THR B 78 -18.99 41.41 4.98
C THR B 78 -20.39 40.85 4.72
N SER B 79 -21.40 41.52 5.25
CA SER B 79 -22.78 41.08 5.14
C SER B 79 -23.54 41.77 4.01
N ASP B 80 -22.83 42.48 3.14
CA ASP B 80 -23.49 43.21 2.05
C ASP B 80 -24.20 42.26 1.09
N THR B 81 -23.74 41.02 0.99
CA THR B 81 -24.34 40.07 0.05
C THR B 81 -25.78 39.76 0.45
N LEU B 82 -26.60 39.46 -0.56
CA LEU B 82 -28.01 39.23 -0.33
C LEU B 82 -28.25 37.87 0.33
N VAL B 83 -27.21 37.04 0.43
CA VAL B 83 -27.34 35.70 1.01
C VAL B 83 -27.87 35.83 2.43
N PHE B 84 -27.39 36.81 3.16
CA PHE B 84 -27.94 37.10 4.48
C PHE B 84 -29.23 37.90 4.32
N PRO B 85 -30.37 37.39 4.77
CA PRO B 85 -31.62 38.11 4.60
C PRO B 85 -31.69 39.34 5.51
N ALA B 86 -32.76 40.10 5.35
CA ALA B 86 -32.96 41.33 6.12
C ALA B 86 -33.01 41.06 7.61
N GLY B 87 -34.03 40.34 8.06
CA GLY B 87 -34.18 40.07 9.48
C GLY B 87 -33.10 39.15 9.99
N GLY B 88 -32.44 39.55 11.07
CA GLY B 88 -31.37 38.75 11.64
C GLY B 88 -31.15 38.96 13.12
N THR B 89 -30.96 37.88 13.86
CA THR B 89 -30.68 37.92 15.29
C THR B 89 -29.28 37.37 15.54
N MET B 90 -28.69 37.75 16.67
CA MET B 90 -27.34 37.34 16.99
C MET B 90 -27.15 37.35 18.51
N SER B 91 -26.34 36.40 18.99
CA SER B 91 -25.93 36.34 20.38
C SER B 91 -24.43 36.08 20.43
N PHE B 92 -23.71 36.86 21.23
CA PHE B 92 -22.27 36.74 21.31
C PHE B 92 -21.80 36.92 22.75
N ALA B 93 -20.64 36.34 23.04
CA ALA B 93 -20.01 36.42 24.35
C ALA B 93 -18.58 36.92 24.19
N LYS B 94 -18.17 37.82 25.08
CA LYS B 94 -16.82 38.38 25.02
C LYS B 94 -15.84 37.48 25.75
N ILE B 95 -14.59 37.48 25.30
CA ILE B 95 -13.57 36.64 25.91
C ILE B 95 -12.79 37.45 26.94
N THR B 96 -12.42 36.79 28.04
CA THR B 96 -11.70 37.45 29.13
C THR B 96 -10.20 37.38 28.97
N GLY B 97 -9.63 36.17 28.93
CA GLY B 97 -8.19 36.02 28.89
C GLY B 97 -7.77 34.90 27.96
N TRP B 98 -6.45 34.79 27.76
CA TRP B 98 -5.86 33.82 26.86
C TRP B 98 -4.64 33.18 27.50
N THR B 99 -4.32 31.96 27.05
CA THR B 99 -3.15 31.23 27.49
C THR B 99 -2.37 30.73 26.28
N GLU B 100 -1.04 30.80 26.36
CA GLU B 100 -0.16 30.47 25.26
C GLU B 100 0.33 29.04 25.36
N ILE B 101 0.30 28.34 24.22
CA ILE B 101 0.90 27.00 24.13
C ILE B 101 2.41 27.13 24.26
N PRO B 102 3.07 26.25 25.03
CA PRO B 102 4.51 26.48 25.31
C PRO B 102 5.40 26.53 24.08
N CYS B 103 5.46 25.47 23.28
CA CYS B 103 6.44 25.42 22.18
C CYS B 103 5.87 24.56 21.05
N VAL B 104 5.24 25.22 20.08
CA VAL B 104 4.70 24.51 18.92
C VAL B 104 5.83 24.18 17.96
N GLN B 105 5.93 22.91 17.57
CA GLN B 105 6.97 22.47 16.66
C GLN B 105 6.45 21.91 15.35
N GLU B 106 5.15 21.64 15.23
CA GLU B 106 4.59 21.08 14.02
C GLU B 106 3.12 21.44 13.93
N ILE B 107 2.69 21.90 12.76
CA ILE B 107 1.29 22.21 12.50
C ILE B 107 0.89 21.49 11.21
N GLY B 108 -0.14 20.65 11.29
CA GLY B 108 -0.63 19.95 10.13
C GLY B 108 -2.15 19.96 10.09
N GLN B 109 -2.68 20.02 8.87
CA GLN B 109 -4.12 20.10 8.65
C GLN B 109 -4.56 18.93 7.77
N ASP B 110 -5.67 18.32 8.15
CA ASP B 110 -6.27 17.21 7.42
C ASP B 110 -7.73 17.52 7.16
N GLY B 111 -8.16 17.37 5.91
CA GLY B 111 -9.54 17.54 5.57
C GLY B 111 -9.70 18.40 4.34
N GLY B 112 -10.90 18.94 4.15
CA GLY B 112 -11.22 19.71 2.98
C GLY B 112 -11.87 18.87 1.90
N GLU B 113 -11.71 19.34 0.66
CA GLU B 113 -12.16 18.64 -0.55
C GLU B 113 -13.69 18.64 -0.66
N GLN B 114 -14.19 18.83 -1.88
CA GLN B 114 -15.62 18.93 -2.14
C GLN B 114 -16.14 17.57 -2.60
N GLN B 115 -17.21 17.10 -1.97
CA GLN B 115 -17.85 15.86 -2.40
C GLN B 115 -18.85 16.12 -3.51
N TYR B 116 -18.99 15.14 -4.40
CA TYR B 116 -19.84 15.26 -5.57
C TYR B 116 -20.81 14.09 -5.63
N TYR B 117 -21.91 14.30 -6.35
CA TYR B 117 -22.88 13.25 -6.65
C TYR B 117 -22.87 13.01 -8.15
N THR B 118 -22.64 11.77 -8.57
CA THR B 118 -22.47 11.44 -9.97
C THR B 118 -23.70 10.74 -10.52
N TYR B 119 -24.09 11.11 -11.74
CA TYR B 119 -25.23 10.51 -12.40
C TYR B 119 -25.00 10.59 -13.91
N GLN B 120 -25.74 9.79 -14.66
CA GLN B 120 -25.66 9.82 -16.11
C GLN B 120 -26.96 9.27 -16.68
N CYS B 121 -27.63 10.07 -17.51
CA CYS B 121 -28.84 9.62 -18.17
C CYS B 121 -28.52 9.14 -19.59
N LEU B 122 -29.53 8.57 -20.24
CA LEU B 122 -29.32 8.03 -21.58
C LEU B 122 -28.95 9.13 -22.57
N SER B 123 -29.60 10.28 -22.47
CA SER B 123 -29.31 11.36 -23.41
C SER B 123 -27.88 11.88 -23.26
N ASP B 124 -27.38 11.92 -22.03
CA ASP B 124 -26.05 12.46 -21.78
C ASP B 124 -24.97 11.60 -22.41
N ASP B 125 -23.92 12.24 -22.90
CA ASP B 125 -22.81 11.50 -23.50
C ASP B 125 -21.72 11.20 -22.48
N LYS B 126 -21.59 12.04 -21.46
CA LYS B 126 -20.58 11.87 -20.42
C LYS B 126 -21.21 12.02 -19.05
N GLU B 127 -20.55 11.47 -18.04
CA GLU B 127 -21.06 11.54 -16.68
C GLU B 127 -21.05 12.97 -16.16
N GLN B 128 -22.12 13.36 -15.49
CA GLN B 128 -22.25 14.68 -14.91
C GLN B 128 -22.22 14.61 -13.39
N GLN B 129 -21.91 15.74 -12.76
CA GLN B 129 -21.74 15.81 -11.32
C GLN B 129 -22.46 17.03 -10.76
N ILE B 130 -22.94 16.89 -9.53
CA ILE B 130 -23.56 17.98 -8.79
C ILE B 130 -22.87 18.10 -7.44
N PRO B 131 -22.34 19.26 -7.08
CA PRO B 131 -21.74 19.40 -5.74
C PRO B 131 -22.77 19.24 -4.64
N THR B 132 -22.37 18.59 -3.55
CA THR B 132 -23.27 18.33 -2.44
C THR B 132 -22.86 19.07 -1.18
N PHE B 133 -21.63 18.90 -0.69
CA PHE B 133 -21.18 19.60 0.51
C PHE B 133 -19.67 19.44 0.64
N LYS B 134 -19.09 20.21 1.56
CA LYS B 134 -17.67 20.24 1.81
C LYS B 134 -17.36 19.49 3.11
N SER B 135 -16.32 18.67 3.09
CA SER B 135 -15.99 17.86 4.26
C SER B 135 -15.39 18.73 5.37
N ALA B 136 -15.23 18.11 6.54
CA ALA B 136 -14.71 18.82 7.70
C ALA B 136 -13.19 18.95 7.63
N VAL B 137 -12.65 19.80 8.50
CA VAL B 137 -11.22 20.07 8.56
C VAL B 137 -10.77 19.98 10.01
N SER B 138 -9.64 19.30 10.24
CA SER B 138 -9.05 19.16 11.56
C SER B 138 -7.56 19.46 11.50
N LEU B 139 -7.03 20.02 12.59
CA LEU B 139 -5.61 20.35 12.68
C LEU B 139 -5.03 19.69 13.92
N THR B 140 -3.74 19.36 13.87
CA THR B 140 -3.02 18.79 14.99
C THR B 140 -1.81 19.66 15.33
N TYR B 141 -1.64 19.94 16.62
CA TYR B 141 -0.50 20.69 17.12
C TYR B 141 0.33 19.81 18.03
N THR B 142 1.65 19.96 17.96
CA THR B 142 2.57 19.20 18.78
C THR B 142 3.44 20.17 19.56
N PHE B 143 3.47 20.01 20.88
CA PHE B 143 4.28 20.88 21.72
C PHE B 143 5.02 20.07 22.77
N ALA B 144 5.98 20.72 23.42
CA ALA B 144 6.85 20.04 24.36
C ALA B 144 6.11 19.69 25.64
N HIS B 145 6.72 18.80 26.42
CA HIS B 145 6.11 18.26 27.63
C HIS B 145 6.63 18.98 28.86
N GLU B 146 5.74 19.68 29.56
CA GLU B 146 6.06 20.33 30.82
C GLU B 146 4.87 20.12 31.75
N PHE B 147 5.03 19.23 32.73
CA PHE B 147 3.87 18.79 33.50
C PHE B 147 3.42 19.85 34.50
N ASP B 148 4.26 20.86 34.74
CA ASP B 148 3.89 21.95 35.63
C ASP B 148 3.11 23.06 34.92
N ASN B 149 3.04 23.02 33.60
CA ASN B 149 2.44 24.09 32.83
C ASN B 149 0.95 24.22 33.15
N PRO B 150 0.47 25.40 33.53
CA PRO B 150 -0.96 25.53 33.88
C PRO B 150 -1.91 25.27 32.72
N ILE B 151 -1.41 25.20 31.48
CA ILE B 151 -2.30 24.98 30.34
C ILE B 151 -2.90 23.58 30.39
N TYR B 152 -2.23 22.65 31.06
CA TYR B 152 -2.70 21.27 31.08
C TYR B 152 -4.05 21.10 31.76
N PRO B 153 -4.30 21.64 32.96
CA PRO B 153 -5.66 21.53 33.53
C PRO B 153 -6.72 22.18 32.66
N ILE B 154 -6.39 23.31 32.03
CA ILE B 154 -7.37 24.00 31.19
C ILE B 154 -7.74 23.15 29.99
N LEU B 155 -6.73 22.57 29.33
CA LEU B 155 -6.99 21.71 28.18
C LEU B 155 -7.76 20.46 28.60
N ARG B 156 -7.42 19.88 29.75
CA ARG B 156 -8.14 18.70 30.22
C ARG B 156 -9.61 19.03 30.49
N LYS B 157 -9.86 20.18 31.11
CA LYS B 157 -11.23 20.59 31.40
C LYS B 157 -12.02 20.84 30.11
N LEU B 158 -11.40 21.52 29.14
CA LEU B 158 -12.09 21.78 27.88
C LEU B 158 -12.34 20.50 27.10
N ASP B 159 -11.46 19.50 27.27
CA ASP B 159 -11.67 18.22 26.62
C ASP B 159 -12.78 17.43 27.29
N SER B 160 -12.91 17.55 28.62
CA SER B 160 -13.92 16.77 29.33
C SER B 160 -15.33 17.10 28.86
N SER B 161 -15.64 18.39 28.76
CA SER B 161 -16.97 18.85 28.33
C SER B 161 -16.81 19.55 26.99
N GLY B 162 -17.41 18.98 25.95
CA GLY B 162 -17.31 19.54 24.63
C GLY B 162 -17.85 20.96 24.54
N GLN B 163 -17.02 21.88 24.07
CA GLN B 163 -17.41 23.28 23.97
C GLN B 163 -16.62 23.92 22.84
N VAL B 164 -17.29 24.81 22.11
CA VAL B 164 -16.66 25.46 20.96
C VAL B 164 -15.84 26.66 21.44
N THR B 165 -14.59 26.41 21.80
CA THR B 165 -13.71 27.46 22.27
C THR B 165 -13.12 28.24 21.10
N ALA B 166 -12.37 29.29 21.41
CA ALA B 166 -11.75 30.14 20.41
C ALA B 166 -10.24 30.02 20.48
N VAL B 167 -9.59 30.02 19.32
CA VAL B 167 -8.15 29.89 19.21
C VAL B 167 -7.62 31.04 18.35
N ARG B 168 -6.53 31.66 18.80
CA ARG B 168 -5.92 32.78 18.10
C ARG B 168 -4.43 32.53 17.92
N MET B 169 -3.91 32.89 16.74
CA MET B 169 -2.49 32.81 16.47
C MET B 169 -2.09 34.02 15.63
N TYR B 170 -0.98 34.65 16.01
CA TYR B 170 -0.59 35.94 15.46
C TYR B 170 0.77 35.83 14.79
N VAL B 171 0.85 36.25 13.54
CA VAL B 171 2.09 36.21 12.77
C VAL B 171 2.69 37.62 12.76
N PRO B 172 3.88 37.81 13.31
CA PRO B 172 4.42 39.19 13.41
C PRO B 172 4.99 39.72 12.11
N LYS B 173 5.49 38.86 11.23
CA LYS B 173 6.15 39.34 10.02
C LYS B 173 5.19 40.11 9.12
N ALA B 174 3.97 39.62 8.98
CA ALA B 174 2.96 40.29 8.17
C ALA B 174 1.97 41.08 9.01
N SER B 175 2.13 41.08 10.34
CA SER B 175 1.23 41.77 11.25
C SER B 175 -0.23 41.34 11.01
N GLU B 176 -0.42 40.05 10.79
CA GLU B 176 -1.71 39.47 10.46
C GLU B 176 -2.14 38.54 11.59
N MET B 177 -3.45 38.55 11.89
CA MET B 177 -4.01 37.85 13.03
C MET B 177 -5.13 36.94 12.53
N ARG B 178 -5.04 35.65 12.87
CA ARG B 178 -6.06 34.69 12.45
C ARG B 178 -6.85 34.15 13.64
N MET B 179 -8.14 33.91 13.44
CA MET B 179 -8.98 33.37 14.51
C MET B 179 -9.96 32.32 14.02
N TRP B 180 -10.15 31.26 14.80
CA TRP B 180 -11.11 30.22 14.43
C TRP B 180 -11.64 29.60 15.71
N ALA B 181 -12.76 28.89 15.59
CA ALA B 181 -13.40 28.24 16.72
C ALA B 181 -13.59 26.76 16.45
N GLY B 182 -13.49 25.94 17.50
CA GLY B 182 -13.66 24.51 17.34
C GLY B 182 -13.56 23.79 18.66
N ILE B 183 -13.73 22.46 18.60
CA ILE B 183 -13.65 21.60 19.76
C ILE B 183 -12.23 21.08 19.90
N LEU B 184 -11.77 20.96 21.15
CA LEU B 184 -10.41 20.54 21.45
C LEU B 184 -10.44 19.17 22.11
N SER B 185 -9.69 18.23 21.55
CA SER B 185 -9.47 16.92 22.16
C SER B 185 -7.98 16.79 22.43
N PHE B 186 -7.62 16.62 23.71
CA PHE B 186 -6.24 16.76 24.15
C PHE B 186 -5.71 15.41 24.61
N ASN B 187 -4.78 14.85 23.84
CA ASN B 187 -3.99 13.72 24.30
C ASN B 187 -2.93 14.19 25.28
N ASP B 188 -2.50 13.27 26.16
CA ASP B 188 -1.50 13.63 27.15
C ASP B 188 -0.40 12.59 27.37
N ILE B 189 -0.46 11.44 26.71
CA ILE B 189 0.63 10.48 26.88
C ILE B 189 1.83 10.95 26.07
N PRO B 190 2.98 11.21 26.69
CA PRO B 190 4.12 11.76 25.95
C PRO B 190 5.01 10.69 25.36
N SER B 191 5.30 10.79 24.06
CA SER B 191 6.23 9.88 23.42
C SER B 191 7.66 10.28 23.76
N THR B 192 8.46 9.28 24.16
CA THR B 192 9.81 9.53 24.61
C THR B 192 10.79 8.77 23.73
N GLN B 193 11.87 9.44 23.34
CA GLN B 193 12.93 8.81 22.57
C GLN B 193 14.26 9.31 23.09
N VAL B 194 15.24 8.41 23.17
CA VAL B 194 16.54 8.76 23.72
C VAL B 194 17.19 9.82 22.85
N ASN B 195 17.83 10.80 23.49
CA ASN B 195 18.47 11.94 22.82
C ASN B 195 17.47 12.77 22.02
N GLU B 196 16.23 12.83 22.49
CA GLU B 196 15.20 13.63 21.85
C GLU B 196 14.19 14.08 22.91
N MET B 197 13.69 15.29 22.74
CA MET B 197 12.73 15.84 23.68
C MET B 197 11.38 15.14 23.55
N GLU B 198 10.62 15.11 24.65
CA GLU B 198 9.31 14.49 24.70
C GLU B 198 8.25 15.47 24.21
N THR B 199 7.25 14.94 23.50
CA THR B 199 6.22 15.77 22.88
C THR B 199 4.83 15.26 23.25
N VAL B 200 3.87 16.17 23.21
CA VAL B 200 2.45 15.88 23.41
C VAL B 200 1.69 16.52 22.24
N GLU B 201 0.55 15.92 21.90
CA GLU B 201 -0.19 16.32 20.70
C GLU B 201 -1.61 16.72 21.04
N LEU B 202 -2.09 17.75 20.35
CA LEU B 202 -3.43 18.30 20.54
C LEU B 202 -4.11 18.42 19.18
N ALA B 203 -5.42 18.24 19.17
CA ALA B 203 -6.21 18.26 17.94
C ALA B 203 -7.40 19.20 18.07
N VAL B 204 -7.76 19.85 16.97
CA VAL B 204 -8.88 20.79 16.92
C VAL B 204 -9.74 20.46 15.71
N SER B 205 -11.06 20.47 15.88
CA SER B 205 -12.01 20.25 14.79
C SER B 205 -12.75 21.55 14.54
N LEU B 206 -12.65 22.07 13.32
CA LEU B 206 -13.26 23.36 13.00
C LEU B 206 -14.78 23.31 13.09
N LYS B 207 -15.37 24.44 13.49
CA LYS B 207 -16.81 24.65 13.42
C LYS B 207 -17.16 25.90 12.63
N GLY B 208 -16.18 26.62 12.13
CA GLY B 208 -16.43 27.84 11.37
C GLY B 208 -15.36 28.06 10.32
N ASP B 209 -15.19 29.32 9.95
CA ASP B 209 -14.24 29.72 8.92
C ASP B 209 -13.17 30.64 9.50
N PHE B 210 -12.04 30.71 8.82
CA PHE B 210 -10.92 31.51 9.28
C PHE B 210 -11.20 33.00 9.09
N THR B 211 -10.67 33.81 10.00
CA THR B 211 -10.80 35.26 9.94
C THR B 211 -9.41 35.88 9.85
N PHE B 212 -9.21 36.76 8.87
CA PHE B 212 -7.93 37.43 8.65
C PHE B 212 -8.12 38.92 8.89
N ILE B 213 -7.27 39.49 9.75
CA ILE B 213 -7.28 40.92 10.03
C ILE B 213 -5.85 41.44 10.09
N SER B 214 -5.71 42.75 10.12
CA SER B 214 -4.43 43.36 10.42
C SER B 214 -4.26 43.55 11.92
N SER B 215 -3.02 43.51 12.39
CA SER B 215 -2.74 43.66 13.81
C SER B 215 -2.94 45.09 14.30
N THR B 216 -3.13 46.04 13.39
CA THR B 216 -3.30 47.43 13.80
C THR B 216 -4.61 47.63 14.56
N LEU B 217 -5.64 46.84 14.23
CA LEU B 217 -6.90 46.94 14.95
C LEU B 217 -6.72 46.59 16.42
N ALA B 218 -5.97 45.53 16.70
CA ALA B 218 -5.66 45.12 18.08
C ALA B 218 -6.92 44.84 18.90
N HIS C 2 27.10 -9.57 25.51
CA HIS C 2 26.33 -10.66 24.91
C HIS C 2 26.14 -10.44 23.41
N LEU C 3 26.69 -11.33 22.59
CA LEU C 3 26.57 -11.25 21.15
C LEU C 3 26.16 -12.62 20.61
N PRO C 4 25.34 -12.67 19.56
CA PRO C 4 24.89 -13.98 19.06
C PRO C 4 25.89 -14.67 18.15
N ASN C 5 27.08 -14.11 17.94
CA ASN C 5 28.05 -14.72 17.04
C ASN C 5 28.49 -16.08 17.55
N GLY C 6 28.68 -17.01 16.62
CA GLY C 6 29.15 -18.34 16.94
C GLY C 6 28.09 -19.37 17.25
N ALA C 7 26.82 -18.99 17.27
CA ALA C 7 25.75 -19.93 17.56
C ALA C 7 25.47 -20.84 16.37
N GLN C 8 25.19 -22.11 16.67
CA GLN C 8 24.94 -23.10 15.63
C GLN C 8 23.67 -23.87 15.97
N ILE C 9 22.95 -24.28 14.93
CA ILE C 9 21.61 -24.86 15.05
C ILE C 9 21.63 -26.30 14.54
N PHE C 10 21.08 -27.20 15.33
CA PHE C 10 20.99 -28.62 14.98
C PHE C 10 19.53 -29.04 14.90
N VAL C 11 19.28 -30.17 14.23
CA VAL C 11 17.96 -30.75 14.13
C VAL C 11 18.03 -32.22 14.51
N GLU C 12 16.90 -32.77 14.90
CA GLU C 12 16.81 -34.17 15.30
C GLU C 12 17.01 -35.08 14.08
N THR C 13 17.70 -36.21 14.31
CA THR C 13 17.93 -37.20 13.28
C THR C 13 17.14 -38.48 13.51
N SER C 14 17.13 -39.01 14.74
CA SER C 14 16.40 -40.23 15.04
C SER C 14 15.99 -40.22 16.50
N ARG C 15 14.99 -41.02 16.83
CA ARG C 15 14.45 -41.07 18.18
C ARG C 15 14.18 -42.52 18.56
N GLY C 16 14.19 -42.79 19.86
CA GLY C 16 14.02 -44.13 20.37
C GLY C 16 12.58 -44.53 20.58
N VAL C 17 12.38 -45.68 21.22
CA VAL C 17 11.04 -46.16 21.50
C VAL C 17 10.42 -45.35 22.63
N GLU C 18 9.09 -45.46 22.74
CA GLU C 18 8.36 -44.70 23.74
C GLU C 18 8.68 -45.17 25.15
N VAL C 19 8.64 -44.23 26.10
CA VAL C 19 8.80 -44.52 27.52
C VAL C 19 7.63 -43.91 28.26
N GLU C 20 7.02 -44.68 29.16
CA GLU C 20 5.81 -44.25 29.87
C GLU C 20 6.17 -43.87 31.30
N ALA C 21 5.64 -42.73 31.76
CA ALA C 21 5.84 -42.27 33.13
C ALA C 21 4.51 -42.38 33.86
N THR C 22 4.48 -43.20 34.92
CA THR C 22 3.24 -43.42 35.64
C THR C 22 2.84 -42.22 36.48
N ALA C 23 3.80 -41.65 37.21
CA ALA C 23 3.52 -40.57 38.16
C ALA C 23 4.54 -39.46 38.01
N ILE C 24 4.10 -38.22 38.20
CA ILE C 24 4.94 -37.04 38.12
C ILE C 24 4.71 -36.18 39.35
N THR C 25 5.80 -35.79 40.01
CA THR C 25 5.71 -34.83 41.09
C THR C 25 5.57 -33.42 40.54
N ASN C 26 4.90 -32.55 41.30
CA ASN C 26 4.65 -31.18 40.87
C ASN C 26 5.34 -30.18 41.82
N ALA C 27 6.62 -29.94 41.53
CA ALA C 27 7.42 -28.93 42.23
C ALA C 27 8.77 -28.84 41.55
N GLU C 28 9.25 -27.60 41.39
CA GLU C 28 10.54 -27.30 40.77
C GLU C 28 10.85 -28.20 39.58
N ASN C 29 11.82 -29.11 39.76
CA ASN C 29 12.17 -30.06 38.71
C ASN C 29 11.23 -31.25 38.78
N PRO C 30 10.41 -31.51 37.76
CA PRO C 30 9.53 -32.68 37.80
C PRO C 30 10.31 -33.98 37.88
N VAL C 31 9.76 -34.95 38.58
CA VAL C 31 10.35 -36.28 38.73
C VAL C 31 9.40 -37.30 38.15
N ALA C 32 9.89 -38.13 37.24
CA ALA C 32 9.10 -39.16 36.58
C ALA C 32 9.45 -40.51 37.17
N THR C 33 8.44 -41.23 37.65
CA THR C 33 8.63 -42.55 38.25
C THR C 33 8.42 -43.59 37.16
N VAL C 34 9.51 -44.00 36.51
CA VAL C 34 9.48 -44.95 35.42
C VAL C 34 10.20 -46.22 35.86
N ALA C 35 9.50 -47.34 35.82
CA ALA C 35 10.10 -48.60 36.25
C ALA C 35 11.08 -49.11 35.21
N SER C 36 12.31 -49.40 35.65
CA SER C 36 13.35 -50.00 34.82
C SER C 36 13.64 -49.14 33.57
N LYS C 37 14.17 -47.95 33.84
CA LYS C 37 14.47 -47.01 32.78
C LYS C 37 15.52 -47.60 31.84
N GLY C 38 15.38 -47.30 30.55
CA GLY C 38 16.27 -47.86 29.55
C GLY C 38 17.20 -46.85 28.91
N ASP C 39 18.49 -46.93 29.25
CA ASP C 39 19.55 -46.11 28.67
C ASP C 39 19.26 -44.62 28.83
N LEU C 40 18.76 -44.21 30.00
CA LEU C 40 18.48 -42.80 30.27
C LEU C 40 19.61 -42.19 31.09
N ALA C 41 20.75 -42.00 30.42
CA ALA C 41 21.92 -41.45 31.09
C ALA C 41 21.76 -39.94 31.28
N LYS C 42 22.66 -39.38 32.11
CA LYS C 42 22.64 -37.96 32.40
C LYS C 42 22.98 -37.14 31.16
N GLY C 43 22.34 -35.98 31.05
CA GLY C 43 22.56 -35.09 29.92
C GLY C 43 21.80 -35.44 28.66
N ASP C 44 20.88 -36.40 28.71
CA ASP C 44 20.16 -36.83 27.52
C ASP C 44 19.06 -35.84 27.16
N TYR C 45 18.62 -35.91 25.91
CA TYR C 45 17.56 -35.06 25.38
C TYR C 45 16.34 -35.90 25.06
N VAL C 46 15.19 -35.51 25.62
CA VAL C 46 13.95 -36.26 25.47
C VAL C 46 12.84 -35.30 25.08
N ILE C 47 11.97 -35.75 24.18
CA ILE C 47 10.81 -34.99 23.74
C ILE C 47 9.55 -35.64 24.29
N VAL C 48 8.63 -34.82 24.78
CA VAL C 48 7.36 -35.30 25.30
C VAL C 48 6.40 -35.43 24.10
N THR C 49 5.75 -36.58 23.98
CA THR C 49 4.87 -36.79 22.83
C THR C 49 3.41 -36.66 23.20
N GLN C 50 3.05 -37.02 24.44
CA GLN C 50 1.67 -36.89 24.89
C GLN C 50 1.64 -36.79 26.41
N SER C 51 0.59 -36.15 26.91
CA SER C 51 0.40 -35.96 28.34
C SER C 51 -1.01 -35.41 28.56
N THR C 52 -1.44 -35.41 29.82
CA THR C 52 -2.74 -34.89 30.22
C THR C 52 -2.62 -33.63 31.08
N TRP C 53 -1.46 -32.98 31.07
CA TRP C 53 -1.23 -31.79 31.88
C TRP C 53 -1.28 -30.50 31.06
N ALA C 54 -2.06 -30.48 29.99
CA ALA C 54 -2.30 -29.27 29.19
C ALA C 54 -1.02 -28.76 28.56
N LYS C 55 -0.11 -28.23 29.38
CA LYS C 55 1.20 -27.81 28.91
C LYS C 55 2.11 -29.02 28.76
N MET C 56 3.37 -28.75 28.44
CA MET C 56 4.43 -29.78 28.39
C MET C 56 4.08 -30.85 27.34
N VAL C 57 3.15 -30.56 26.44
CA VAL C 57 2.76 -31.55 25.44
C VAL C 57 3.90 -31.83 24.47
N SER C 58 4.57 -30.79 23.98
CA SER C 58 5.63 -30.97 22.98
C SER C 58 6.84 -30.10 23.35
N ARG C 59 7.27 -30.17 24.60
CA ARG C 59 8.40 -29.38 25.07
C ARG C 59 9.57 -30.29 25.39
N VAL C 60 10.76 -29.89 24.94
CA VAL C 60 11.96 -30.71 25.13
C VAL C 60 12.60 -30.42 26.47
N LEU C 61 13.00 -31.48 27.18
CA LEU C 61 13.55 -31.39 28.52
C LEU C 61 14.86 -32.16 28.61
N ILE C 62 15.51 -32.07 29.78
CA ILE C 62 16.76 -32.77 30.06
C ILE C 62 16.61 -33.53 31.36
N VAL C 63 17.15 -34.76 31.40
CA VAL C 63 17.19 -35.56 32.62
C VAL C 63 18.49 -35.23 33.32
N THR C 64 18.44 -35.09 34.64
CA THR C 64 19.65 -34.84 35.42
C THR C 64 20.02 -36.05 36.27
N ASP C 65 19.02 -36.81 36.72
CA ASP C 65 19.24 -38.00 37.51
C ASP C 65 18.87 -39.23 36.70
N ALA C 66 19.71 -40.26 36.78
CA ALA C 66 19.52 -41.50 36.04
C ALA C 66 19.14 -42.65 36.98
N GLN C 67 18.31 -42.35 37.97
CA GLN C 67 17.93 -43.36 38.95
C GLN C 67 17.12 -44.47 38.28
N GLU C 68 17.16 -45.65 38.90
CA GLU C 68 16.59 -46.85 38.26
C GLU C 68 15.09 -46.69 38.05
N THR C 69 14.37 -46.15 39.04
CA THR C 69 12.92 -46.06 38.97
C THR C 69 12.38 -44.65 38.98
N SER C 70 13.20 -43.64 39.29
CA SER C 70 12.73 -42.26 39.43
C SER C 70 13.70 -41.33 38.71
N ILE C 71 13.43 -41.06 37.43
CA ILE C 71 14.20 -40.07 36.69
C ILE C 71 13.67 -38.68 37.01
N THR C 72 14.57 -37.70 37.06
CA THR C 72 14.21 -36.33 37.37
C THR C 72 14.36 -35.49 36.10
N LEU C 73 13.23 -35.21 35.46
CA LEU C 73 13.20 -34.39 34.25
C LEU C 73 13.26 -32.91 34.64
N ALA C 74 14.48 -32.46 34.92
CA ALA C 74 14.67 -31.09 35.38
C ALA C 74 14.20 -30.09 34.34
N GLY C 75 14.86 -30.06 33.18
CA GLY C 75 14.49 -29.15 32.11
C GLY C 75 14.42 -27.70 32.56
N ILE C 76 13.37 -27.00 32.16
CA ILE C 76 13.13 -25.63 32.60
C ILE C 76 11.78 -25.54 33.31
N ASP C 77 10.79 -26.27 32.79
CA ASP C 77 9.42 -26.16 33.29
C ASP C 77 9.33 -26.46 34.77
N THR C 78 8.58 -25.65 35.49
CA THR C 78 8.26 -25.88 36.89
C THR C 78 6.77 -26.16 37.01
N SER C 79 6.42 -27.32 37.55
CA SER C 79 5.04 -27.74 37.69
C SER C 79 4.47 -27.45 39.07
N ASP C 80 5.13 -26.60 39.85
CA ASP C 80 4.66 -26.29 41.21
C ASP C 80 3.29 -25.63 41.19
N THR C 81 2.97 -24.91 40.12
CA THR C 81 1.69 -24.21 40.06
C THR C 81 0.52 -25.20 40.06
N LEU C 82 -0.61 -24.74 40.60
CA LEU C 82 -1.77 -25.63 40.72
C LEU C 82 -2.41 -25.90 39.36
N VAL C 83 -2.00 -25.17 38.33
CA VAL C 83 -2.56 -25.33 36.99
C VAL C 83 -2.42 -26.77 36.55
N PHE C 84 -1.28 -27.38 36.87
CA PHE C 84 -1.09 -28.80 36.62
C PHE C 84 -1.73 -29.58 37.76
N PRO C 85 -2.77 -30.38 37.50
CA PRO C 85 -3.44 -31.09 38.59
C PRO C 85 -2.58 -32.21 39.16
N ALA C 86 -3.11 -32.87 40.20
CA ALA C 86 -2.36 -33.92 40.89
C ALA C 86 -2.06 -35.09 39.96
N GLY C 87 -3.10 -35.81 39.54
CA GLY C 87 -2.89 -36.97 38.70
C GLY C 87 -2.41 -36.57 37.32
N GLY C 88 -1.31 -37.19 36.87
CA GLY C 88 -0.75 -36.86 35.58
C GLY C 88 0.04 -37.99 34.94
N THR C 89 -0.11 -38.15 33.63
CA THR C 89 0.60 -39.15 32.86
C THR C 89 1.43 -38.46 31.78
N MET C 90 2.50 -39.12 31.37
CA MET C 90 3.39 -38.55 30.37
C MET C 90 4.09 -39.67 29.61
N SER C 91 4.34 -39.43 28.33
CA SER C 91 5.12 -40.33 27.48
C SER C 91 6.17 -39.51 26.75
N PHE C 92 7.42 -39.99 26.75
CA PHE C 92 8.50 -39.26 26.12
C PHE C 92 9.43 -40.22 25.39
N ALA C 93 10.08 -39.70 24.35
CA ALA C 93 11.02 -40.47 23.54
C ALA C 93 12.37 -39.77 23.55
N LYS C 94 13.44 -40.55 23.67
CA LYS C 94 14.78 -40.00 23.77
C LYS C 94 15.38 -39.78 22.38
N ILE C 95 16.12 -38.68 22.22
CA ILE C 95 16.75 -38.37 20.94
C ILE C 95 18.14 -39.00 20.88
N THR C 96 18.53 -39.43 19.68
CA THR C 96 19.78 -40.16 19.48
C THR C 96 20.90 -39.27 18.96
N GLY C 97 20.69 -38.63 17.80
CA GLY C 97 21.74 -37.86 17.16
C GLY C 97 21.21 -36.55 16.62
N TRP C 98 22.14 -35.70 16.21
CA TRP C 98 21.82 -34.36 15.72
C TRP C 98 22.60 -34.06 14.45
N THR C 99 22.05 -33.18 13.62
CA THR C 99 22.66 -32.75 12.38
C THR C 99 22.60 -31.23 12.30
N GLU C 100 23.73 -30.62 11.93
CA GLU C 100 23.87 -29.16 11.97
C GLU C 100 23.63 -28.56 10.59
N ILE C 101 22.86 -27.48 10.57
CA ILE C 101 22.63 -26.72 9.34
C ILE C 101 23.93 -26.06 8.90
N PRO C 102 24.29 -26.09 7.61
CA PRO C 102 25.63 -25.64 7.21
C PRO C 102 25.96 -24.20 7.56
N CYS C 103 25.22 -23.22 7.04
CA CYS C 103 25.61 -21.82 7.22
C CYS C 103 24.34 -20.95 7.28
N VAL C 104 23.86 -20.70 8.49
CA VAL C 104 22.69 -19.86 8.67
C VAL C 104 23.10 -18.40 8.51
N GLN C 105 22.40 -17.68 7.63
CA GLN C 105 22.72 -16.29 7.36
C GLN C 105 21.63 -15.32 7.79
N GLU C 106 20.41 -15.80 8.04
CA GLU C 106 19.31 -14.92 8.41
C GLU C 106 18.27 -15.73 9.17
N ILE C 107 17.79 -15.18 10.28
CA ILE C 107 16.75 -15.80 11.09
C ILE C 107 15.63 -14.80 11.27
N GLY C 108 14.42 -15.18 10.90
CA GLY C 108 13.26 -14.32 11.04
C GLY C 108 12.07 -15.06 11.60
N GLN C 109 11.27 -14.34 12.38
CA GLN C 109 10.10 -14.92 13.05
C GLN C 109 8.87 -14.11 12.69
N ASP C 110 7.77 -14.81 12.41
CA ASP C 110 6.48 -14.19 12.10
C ASP C 110 5.42 -14.86 12.96
N GLY C 111 4.61 -14.04 13.64
CA GLY C 111 3.51 -14.57 14.40
C GLY C 111 3.43 -13.89 15.75
N GLY C 112 2.65 -14.49 16.64
CA GLY C 112 2.43 -13.93 17.96
C GLY C 112 1.13 -13.16 18.04
N GLU C 113 1.09 -12.23 19.00
CA GLU C 113 -0.02 -11.30 19.20
C GLU C 113 -1.23 -12.01 19.79
N GLN C 114 -1.89 -11.36 20.75
CA GLN C 114 -3.02 -11.95 21.45
C GLN C 114 -4.32 -11.42 20.83
N GLN C 115 -5.18 -12.33 20.41
CA GLN C 115 -6.45 -11.96 19.81
C GLN C 115 -7.48 -11.67 20.89
N TYR C 116 -8.37 -10.71 20.60
CA TYR C 116 -9.38 -10.27 21.54
C TYR C 116 -10.76 -10.45 20.93
N TYR C 117 -11.77 -10.38 21.79
CA TYR C 117 -13.17 -10.36 21.40
C TYR C 117 -13.83 -9.13 22.00
N THR C 118 -14.51 -8.34 21.17
CA THR C 118 -15.02 -7.04 21.57
C THR C 118 -16.54 -7.07 21.70
N TYR C 119 -17.05 -6.33 22.68
CA TYR C 119 -18.49 -6.21 22.90
C TYR C 119 -18.73 -4.90 23.64
N GLN C 120 -20.00 -4.48 23.66
CA GLN C 120 -20.39 -3.27 24.37
C GLN C 120 -21.86 -3.34 24.71
N CYS C 121 -22.18 -2.99 25.96
CA CYS C 121 -23.55 -2.99 26.45
C CYS C 121 -24.05 -1.56 26.53
N LEU C 122 -25.37 -1.42 26.71
CA LEU C 122 -25.93 -0.08 26.89
C LEU C 122 -25.43 0.56 28.17
N SER C 123 -25.25 -0.22 29.24
CA SER C 123 -24.74 0.30 30.49
C SER C 123 -23.29 0.77 30.37
N ASP C 124 -22.49 0.07 29.57
CA ASP C 124 -21.08 0.43 29.43
C ASP C 124 -20.91 1.75 28.70
N ASP C 125 -19.88 2.50 29.08
CA ASP C 125 -19.61 3.78 28.42
C ASP C 125 -18.57 3.62 27.32
N LYS C 126 -17.69 2.62 27.44
CA LYS C 126 -16.65 2.37 26.45
C LYS C 126 -16.65 0.89 26.09
N GLU C 127 -16.12 0.60 24.90
CA GLU C 127 -16.06 -0.78 24.42
C GLU C 127 -15.11 -1.60 25.30
N GLN C 128 -15.53 -2.81 25.62
CA GLN C 128 -14.77 -3.71 26.47
C GLN C 128 -14.29 -4.92 25.67
N GLN C 129 -13.19 -5.51 26.12
CA GLN C 129 -12.55 -6.60 25.42
C GLN C 129 -12.18 -7.70 26.41
N ILE C 130 -12.20 -8.95 25.93
CA ILE C 130 -11.75 -10.09 26.69
C ILE C 130 -10.84 -10.95 25.82
N PRO C 131 -9.75 -11.51 26.36
CA PRO C 131 -8.86 -12.32 25.53
C PRO C 131 -9.50 -13.64 25.15
N THR C 132 -9.16 -14.14 23.96
CA THR C 132 -9.68 -15.41 23.48
C THR C 132 -8.57 -16.45 23.32
N PHE C 133 -7.51 -16.15 22.57
CA PHE C 133 -6.40 -17.08 22.40
C PHE C 133 -5.25 -16.36 21.71
N LYS C 134 -4.10 -17.01 21.71
CA LYS C 134 -2.87 -16.48 21.14
C LYS C 134 -2.59 -17.16 19.80
N SER C 135 -2.15 -16.38 18.82
CA SER C 135 -1.92 -16.91 17.49
C SER C 135 -0.64 -17.76 17.46
N ALA C 136 -0.41 -18.40 16.31
CA ALA C 136 0.74 -19.26 16.15
C ALA C 136 1.99 -18.45 15.77
N VAL C 137 3.14 -19.13 15.81
CA VAL C 137 4.43 -18.52 15.51
C VAL C 137 5.14 -19.39 14.49
N SER C 138 5.71 -18.76 13.47
CA SER C 138 6.47 -19.45 12.44
C SER C 138 7.86 -18.84 12.30
N LEU C 139 8.87 -19.69 12.12
CA LEU C 139 10.26 -19.27 12.02
C LEU C 139 10.80 -19.68 10.66
N THR C 140 11.65 -18.84 10.08
CA THR C 140 12.28 -19.10 8.80
C THR C 140 13.79 -18.99 8.93
N TYR C 141 14.51 -19.93 8.31
CA TYR C 141 15.96 -19.92 8.28
C TYR C 141 16.43 -19.96 6.83
N THR C 142 17.49 -19.23 6.54
CA THR C 142 18.10 -19.21 5.21
C THR C 142 19.55 -19.66 5.33
N PHE C 143 19.93 -20.64 4.52
CA PHE C 143 21.30 -21.16 4.57
C PHE C 143 21.81 -21.41 3.16
N ALA C 144 23.12 -21.59 3.07
CA ALA C 144 23.78 -21.70 1.77
C ALA C 144 23.46 -23.03 1.10
N HIS C 145 23.77 -23.10 -0.20
CA HIS C 145 23.40 -24.22 -1.03
C HIS C 145 24.58 -25.16 -1.24
N GLU C 146 24.39 -26.44 -0.90
CA GLU C 146 25.41 -27.47 -1.09
C GLU C 146 24.67 -28.79 -1.33
N PHE C 147 24.60 -29.23 -2.58
CA PHE C 147 23.71 -30.35 -2.91
C PHE C 147 24.25 -31.66 -2.38
N ASP C 148 25.53 -31.71 -2.00
CA ASP C 148 26.11 -32.92 -1.46
C ASP C 148 25.86 -33.08 0.04
N ASN C 149 25.35 -32.06 0.71
CA ASN C 149 25.19 -32.07 2.15
C ASN C 149 24.18 -33.14 2.56
N PRO C 150 24.54 -34.04 3.48
CA PRO C 150 23.58 -35.09 3.87
C PRO C 150 22.33 -34.57 4.55
N ILE C 151 22.28 -33.30 4.94
CA ILE C 151 21.09 -32.78 5.61
C ILE C 151 19.91 -32.73 4.65
N TYR C 152 20.16 -32.64 3.35
CA TYR C 152 19.07 -32.51 2.39
C TYR C 152 18.14 -33.72 2.37
N PRO C 153 18.61 -34.96 2.28
CA PRO C 153 17.67 -36.10 2.38
C PRO C 153 16.90 -36.12 3.69
N ILE C 154 17.54 -35.75 4.80
CA ILE C 154 16.86 -35.77 6.10
C ILE C 154 15.73 -34.75 6.12
N LEU C 155 16.00 -33.53 5.65
CA LEU C 155 14.96 -32.51 5.62
C LEU C 155 13.84 -32.89 4.66
N ARG C 156 14.19 -33.46 3.51
CA ARG C 156 13.16 -33.87 2.56
C ARG C 156 12.27 -34.95 3.16
N LYS C 157 12.87 -35.92 3.86
CA LYS C 157 12.10 -36.97 4.50
C LYS C 157 11.19 -36.42 5.59
N LEU C 158 11.73 -35.52 6.43
CA LEU C 158 10.91 -34.96 7.51
C LEU C 158 9.80 -34.07 6.96
N ASP C 159 10.01 -33.48 5.78
CA ASP C 159 8.97 -32.69 5.15
C ASP C 159 7.90 -33.57 4.54
N SER C 160 8.29 -34.72 3.99
CA SER C 160 7.33 -35.60 3.33
C SER C 160 6.25 -36.07 4.29
N SER C 161 6.64 -36.55 5.46
CA SER C 161 5.69 -37.04 6.47
C SER C 161 5.74 -36.07 7.65
N GLY C 162 4.62 -35.44 7.94
CA GLY C 162 4.55 -34.50 9.04
C GLY C 162 4.88 -35.11 10.37
N GLN C 163 5.90 -34.58 11.05
CA GLN C 163 6.33 -35.08 12.33
C GLN C 163 6.88 -33.93 13.15
N VAL C 164 6.57 -33.94 14.44
CA VAL C 164 7.00 -32.86 15.32
C VAL C 164 8.42 -33.14 15.79
N THR C 165 9.40 -32.71 15.01
CA THR C 165 10.80 -32.92 15.33
C THR C 165 11.27 -31.91 16.38
N ALA C 166 12.52 -32.08 16.81
CA ALA C 166 13.12 -31.22 17.82
C ALA C 166 14.29 -30.45 17.21
N VAL C 167 14.43 -29.19 17.60
CA VAL C 167 15.48 -28.31 17.09
C VAL C 167 16.21 -27.71 18.29
N ARG C 168 17.53 -27.60 18.18
CA ARG C 168 18.36 -27.07 19.25
C ARG C 168 19.31 -26.00 18.70
N MET C 169 19.49 -24.93 19.48
CA MET C 169 20.43 -23.87 19.15
C MET C 169 21.22 -23.52 20.40
N TYR C 170 22.54 -23.43 20.26
CA TYR C 170 23.43 -23.21 21.40
C TYR C 170 24.24 -21.94 21.17
N VAL C 171 24.09 -20.99 22.08
CA VAL C 171 24.77 -19.70 22.01
C VAL C 171 25.95 -19.73 22.99
N PRO C 172 27.19 -19.65 22.51
CA PRO C 172 28.34 -19.81 23.43
C PRO C 172 28.63 -18.59 24.28
N LYS C 173 28.29 -17.38 23.81
CA LYS C 173 28.66 -16.18 24.54
C LYS C 173 27.98 -16.11 25.90
N ALA C 174 26.70 -16.49 25.96
CA ALA C 174 25.97 -16.53 27.22
C ALA C 174 25.80 -17.95 27.74
N SER C 175 26.34 -18.95 27.04
CA SER C 175 26.22 -20.35 27.43
C SER C 175 24.76 -20.78 27.60
N GLU C 176 23.92 -20.34 26.68
CA GLU C 176 22.50 -20.71 26.65
C GLU C 176 22.31 -21.83 25.64
N MET C 177 21.29 -22.65 25.86
CA MET C 177 20.87 -23.66 24.91
C MET C 177 19.35 -23.66 24.84
N ARG C 178 18.81 -23.31 23.68
CA ARG C 178 17.36 -23.21 23.49
C ARG C 178 16.86 -24.39 22.67
N MET C 179 15.73 -24.97 23.09
CA MET C 179 15.14 -26.11 22.43
C MET C 179 13.65 -25.86 22.21
N TRP C 180 13.16 -26.26 21.03
CA TRP C 180 11.74 -26.15 20.70
C TRP C 180 11.41 -27.24 19.70
N ALA C 181 10.11 -27.50 19.54
CA ALA C 181 9.63 -28.56 18.65
C ALA C 181 8.61 -27.99 17.67
N GLY C 182 8.61 -28.54 16.45
CA GLY C 182 7.68 -28.08 15.45
C GLY C 182 7.81 -28.88 14.17
N ILE C 183 6.96 -28.54 13.21
CA ILE C 183 6.95 -29.19 11.89
C ILE C 183 7.88 -28.42 10.96
N LEU C 184 8.57 -29.16 10.10
CA LEU C 184 9.54 -28.58 9.17
C LEU C 184 9.01 -28.73 7.75
N SER C 185 8.96 -27.61 7.02
CA SER C 185 8.65 -27.62 5.60
C SER C 185 9.83 -27.02 4.86
N PHE C 186 10.42 -27.80 3.96
CA PHE C 186 11.72 -27.47 3.37
C PHE C 186 11.58 -27.20 1.89
N ASN C 187 11.77 -25.93 1.50
CA ASN C 187 11.93 -25.58 0.10
C ASN C 187 13.33 -25.96 -0.36
N ASP C 188 13.48 -26.17 -1.67
CA ASP C 188 14.78 -26.55 -2.22
C ASP C 188 15.16 -25.83 -3.50
N ILE C 189 14.29 -24.98 -4.05
CA ILE C 189 14.70 -24.23 -5.24
C ILE C 189 15.66 -23.12 -4.83
N PRO C 190 16.90 -23.11 -5.32
CA PRO C 190 17.86 -22.10 -4.87
C PRO C 190 17.81 -20.84 -5.72
N SER C 191 17.68 -19.69 -5.09
CA SER C 191 17.71 -18.43 -5.80
C SER C 191 19.14 -18.05 -6.16
N THR C 192 19.33 -17.62 -7.40
CA THR C 192 20.66 -17.31 -7.89
C THR C 192 20.72 -15.86 -8.33
N GLN C 193 21.82 -15.19 -7.98
CA GLN C 193 22.08 -13.83 -8.42
C GLN C 193 23.56 -13.69 -8.69
N VAL C 194 23.90 -13.00 -9.77
CA VAL C 194 25.29 -12.91 -10.19
C VAL C 194 26.10 -12.17 -9.11
N ASN C 195 27.32 -12.65 -8.88
CA ASN C 195 28.20 -12.12 -7.83
C ASN C 195 27.60 -12.25 -6.45
N GLU C 196 26.80 -13.28 -6.23
CA GLU C 196 26.21 -13.56 -4.92
C GLU C 196 25.99 -15.06 -4.78
N MET C 197 26.12 -15.53 -3.55
CA MET C 197 25.95 -16.96 -3.30
C MET C 197 24.49 -17.36 -3.40
N GLU C 198 24.26 -18.65 -3.67
CA GLU C 198 22.93 -19.22 -3.78
C GLU C 198 22.41 -19.62 -2.41
N THR C 199 21.13 -19.38 -2.15
CA THR C 199 20.54 -19.62 -0.85
C THR C 199 19.29 -20.49 -0.96
N VAL C 200 19.03 -21.24 0.11
CA VAL C 200 17.83 -22.05 0.26
C VAL C 200 17.21 -21.71 1.60
N GLU C 201 15.90 -21.89 1.70
CA GLU C 201 15.15 -21.44 2.87
C GLU C 201 14.38 -22.59 3.49
N LEU C 202 14.33 -22.61 4.83
CA LEU C 202 13.62 -23.62 5.59
C LEU C 202 12.66 -22.92 6.55
N ALA C 203 11.53 -23.56 6.84
CA ALA C 203 10.49 -22.99 7.68
C ALA C 203 10.10 -23.96 8.78
N VAL C 204 9.77 -23.41 9.96
CA VAL C 204 9.37 -24.20 11.12
C VAL C 204 8.10 -23.58 11.70
N SER C 205 7.13 -24.41 12.06
CA SER C 205 5.91 -23.98 12.73
C SER C 205 5.93 -24.55 14.15
N LEU C 206 5.93 -23.67 15.15
CA LEU C 206 6.06 -24.11 16.53
C LEU C 206 4.83 -24.90 16.97
N LYS C 207 5.06 -25.89 17.85
CA LYS C 207 3.99 -26.60 18.52
C LYS C 207 4.09 -26.52 20.03
N GLY C 208 5.07 -25.79 20.55
CA GLY C 208 5.26 -25.69 21.98
C GLY C 208 5.86 -24.35 22.36
N ASP C 209 6.61 -24.35 23.45
CA ASP C 209 7.20 -23.15 24.00
C ASP C 209 8.72 -23.29 24.11
N PHE C 210 9.42 -22.17 24.07
CA PHE C 210 10.88 -22.17 24.13
C PHE C 210 11.36 -22.57 25.52
N THR C 211 12.49 -23.26 25.56
CA THR C 211 13.14 -23.68 26.80
C THR C 211 14.49 -23.00 26.92
N PHE C 212 14.76 -22.39 28.07
CA PHE C 212 16.01 -21.68 28.32
C PHE C 212 16.74 -22.38 29.46
N ILE C 213 17.95 -22.87 29.18
CA ILE C 213 18.75 -23.61 30.16
C ILE C 213 20.18 -23.10 30.12
N SER C 214 20.97 -23.53 31.10
CA SER C 214 22.41 -23.26 31.07
C SER C 214 23.15 -24.39 30.37
N SER C 215 24.27 -24.05 29.75
CA SER C 215 25.05 -25.05 29.04
C SER C 215 25.85 -25.95 29.97
N THR C 216 25.90 -25.62 31.27
CA THR C 216 26.65 -26.43 32.21
C THR C 216 26.01 -27.80 32.40
N LEU C 217 24.68 -27.87 32.31
CA LEU C 217 24.00 -29.15 32.45
C LEU C 217 24.41 -30.11 31.33
N ALA C 218 24.50 -29.61 30.10
CA ALA C 218 24.94 -30.39 28.95
C ALA C 218 24.12 -31.65 28.74
N HIS D 2 31.88 -21.03 -3.74
CA HIS D 2 30.83 -21.42 -4.68
C HIS D 2 30.10 -20.18 -5.19
N LEU D 3 30.23 -19.91 -6.49
CA LEU D 3 29.60 -18.75 -7.10
C LEU D 3 28.82 -19.22 -8.33
N PRO D 4 27.71 -18.56 -8.67
CA PRO D 4 26.92 -19.01 -9.82
C PRO D 4 27.43 -18.52 -11.15
N ASN D 5 28.56 -17.81 -11.18
CA ASN D 5 29.06 -17.25 -12.43
C ASN D 5 29.40 -18.35 -13.41
N GLY D 6 29.10 -18.10 -14.69
CA GLY D 6 29.42 -19.02 -15.76
C GLY D 6 28.34 -20.03 -16.09
N ALA D 7 27.22 -20.04 -15.36
CA ALA D 7 26.15 -20.98 -15.62
C ALA D 7 25.35 -20.58 -16.86
N GLN D 8 24.96 -21.58 -17.64
CA GLN D 8 24.21 -21.36 -18.86
C GLN D 8 23.02 -22.31 -18.91
N ILE D 9 21.93 -21.84 -19.51
CA ILE D 9 20.65 -22.54 -19.50
C ILE D 9 20.28 -22.96 -20.91
N PHE D 10 19.76 -24.18 -21.05
CA PHE D 10 19.33 -24.71 -22.33
C PHE D 10 17.88 -25.19 -22.24
N VAL D 11 17.22 -25.26 -23.39
CA VAL D 11 15.85 -25.75 -23.49
C VAL D 11 15.82 -26.87 -24.51
N GLU D 12 14.77 -27.69 -24.43
CA GLU D 12 14.60 -28.82 -25.33
C GLU D 12 14.30 -28.34 -26.75
N THR D 13 14.81 -29.10 -27.73
CA THR D 13 14.51 -28.87 -29.14
C THR D 13 13.53 -29.89 -29.70
N SER D 14 13.84 -31.18 -29.58
CA SER D 14 12.97 -32.23 -30.10
C SER D 14 13.15 -33.49 -29.26
N ARG D 15 12.15 -34.36 -29.34
CA ARG D 15 12.16 -35.60 -28.58
C ARG D 15 11.73 -36.75 -29.48
N GLY D 16 12.17 -37.96 -29.12
CA GLY D 16 11.89 -39.14 -29.92
C GLY D 16 10.55 -39.77 -29.60
N VAL D 17 10.35 -40.97 -30.16
CA VAL D 17 9.10 -41.69 -29.94
C VAL D 17 9.06 -42.23 -28.51
N GLU D 18 7.85 -42.60 -28.08
CA GLU D 18 7.66 -43.11 -26.72
C GLU D 18 8.32 -44.47 -26.54
N VAL D 19 8.80 -44.72 -25.32
CA VAL D 19 9.35 -46.00 -24.92
C VAL D 19 8.65 -46.43 -23.65
N GLU D 20 8.21 -47.69 -23.61
CA GLU D 20 7.42 -48.21 -22.51
C GLU D 20 8.29 -49.08 -21.60
N ALA D 21 8.14 -48.89 -20.28
CA ALA D 21 8.85 -49.70 -19.30
C ALA D 21 7.82 -50.58 -18.58
N THR D 22 8.01 -51.90 -18.67
CA THR D 22 7.05 -52.81 -18.07
C THR D 22 7.20 -52.85 -16.54
N ALA D 23 8.43 -52.95 -16.04
CA ALA D 23 8.67 -53.14 -14.62
C ALA D 23 9.75 -52.19 -14.13
N ILE D 24 9.61 -51.72 -12.90
CA ILE D 24 10.57 -50.85 -12.24
C ILE D 24 10.88 -51.40 -10.86
N THR D 25 12.17 -51.54 -10.56
CA THR D 25 12.61 -51.89 -9.23
C THR D 25 12.54 -50.67 -8.31
N ASN D 26 12.29 -50.91 -7.03
CA ASN D 26 12.15 -49.83 -6.05
C ASN D 26 13.28 -49.91 -5.02
N ALA D 27 14.42 -49.31 -5.38
CA ALA D 27 15.57 -49.17 -4.51
C ALA D 27 16.60 -48.30 -5.21
N GLU D 28 17.21 -47.38 -4.43
CA GLU D 28 18.26 -46.47 -4.90
C GLU D 28 18.02 -45.98 -6.32
N ASN D 29 18.83 -46.44 -7.26
CA ASN D 29 18.67 -46.07 -8.66
C ASN D 29 17.61 -46.98 -9.30
N PRO D 30 16.51 -46.43 -9.79
CA PRO D 30 15.50 -47.28 -10.43
C PRO D 30 16.05 -47.94 -11.69
N VAL D 31 15.58 -49.15 -11.96
CA VAL D 31 15.93 -49.90 -13.16
C VAL D 31 14.65 -50.19 -13.93
N ALA D 32 14.62 -49.81 -15.20
CA ALA D 32 13.45 -50.01 -16.05
C ALA D 32 13.70 -51.18 -16.99
N THR D 33 12.78 -52.15 -16.98
CA THR D 33 12.90 -53.35 -17.80
C THR D 33 12.22 -53.11 -19.14
N VAL D 34 13.00 -52.73 -20.14
CA VAL D 34 12.49 -52.41 -21.46
C VAL D 34 13.10 -53.38 -22.45
N ALA D 35 12.25 -54.05 -23.22
CA ALA D 35 12.73 -55.02 -24.20
C ALA D 35 13.19 -54.30 -25.47
N SER D 36 14.41 -54.61 -25.91
CA SER D 36 14.96 -54.11 -27.17
C SER D 36 14.98 -52.58 -27.20
N LYS D 37 15.80 -52.02 -26.31
CA LYS D 37 15.89 -50.58 -26.20
C LYS D 37 16.43 -49.98 -27.49
N GLY D 38 15.93 -48.80 -27.86
CA GLY D 38 16.32 -48.17 -29.09
C GLY D 38 17.14 -46.91 -28.92
N ASP D 39 18.44 -47.00 -29.18
CA ASP D 39 19.30 -45.82 -29.09
C ASP D 39 19.28 -45.20 -27.69
N LEU D 40 19.38 -46.03 -26.66
CA LEU D 40 19.47 -45.47 -25.31
C LEU D 40 20.86 -45.73 -24.74
N ALA D 41 21.81 -44.90 -25.16
CA ALA D 41 23.19 -45.05 -24.72
C ALA D 41 23.37 -44.46 -23.33
N LYS D 42 24.64 -44.31 -22.94
CA LYS D 42 24.97 -43.69 -21.66
C LYS D 42 24.98 -42.18 -21.78
N GLY D 43 24.43 -41.52 -20.76
CA GLY D 43 24.48 -40.07 -20.66
C GLY D 43 23.31 -39.33 -21.26
N ASP D 44 22.34 -40.01 -21.85
CA ASP D 44 21.21 -39.31 -22.44
C ASP D 44 20.21 -38.89 -21.35
N TYR D 45 19.34 -37.95 -21.73
CA TYR D 45 18.32 -37.41 -20.84
C TYR D 45 16.95 -37.92 -21.29
N VAL D 46 16.13 -38.32 -20.33
CA VAL D 46 14.82 -38.88 -20.61
C VAL D 46 13.77 -38.14 -19.80
N ILE D 47 12.62 -37.89 -20.41
CA ILE D 47 11.49 -37.23 -19.76
C ILE D 47 10.39 -38.25 -19.56
N VAL D 48 9.98 -38.47 -18.32
CA VAL D 48 8.86 -39.35 -18.02
C VAL D 48 7.58 -38.59 -18.39
N THR D 49 6.72 -39.22 -19.19
CA THR D 49 5.52 -38.53 -19.64
C THR D 49 4.27 -39.02 -18.90
N GLN D 50 4.27 -40.27 -18.46
CA GLN D 50 3.14 -40.80 -17.70
C GLN D 50 3.62 -41.95 -16.83
N SER D 51 2.92 -42.14 -15.72
CA SER D 51 3.25 -43.21 -14.77
C SER D 51 2.11 -43.32 -13.77
N THR D 52 2.14 -44.39 -12.98
CA THR D 52 1.17 -44.64 -11.94
C THR D 52 1.79 -44.60 -10.55
N TRP D 53 2.96 -43.98 -10.40
CA TRP D 53 3.66 -43.91 -9.13
C TRP D 53 3.56 -42.55 -8.46
N ALA D 54 2.45 -41.84 -8.67
CA ALA D 54 2.19 -40.58 -7.97
C ALA D 54 3.24 -39.53 -8.30
N LYS D 55 4.47 -39.74 -7.85
CA LYS D 55 5.58 -38.89 -8.22
C LYS D 55 6.14 -39.33 -9.58
N MET D 56 7.26 -38.74 -9.97
CA MET D 56 7.95 -39.08 -11.21
C MET D 56 7.06 -38.94 -12.44
N VAL D 57 6.05 -38.07 -12.38
CA VAL D 57 5.17 -37.90 -13.52
C VAL D 57 5.86 -37.17 -14.66
N SER D 58 6.54 -36.06 -14.36
CA SER D 58 7.17 -35.24 -15.39
C SER D 58 8.55 -34.78 -14.91
N ARG D 59 9.33 -35.71 -14.37
CA ARG D 59 10.65 -35.39 -13.84
C ARG D 59 11.73 -35.96 -14.74
N VAL D 60 12.75 -35.16 -15.04
CA VAL D 60 13.79 -35.57 -15.97
C VAL D 60 14.81 -36.44 -15.27
N LEU D 61 15.19 -37.54 -15.91
CA LEU D 61 16.13 -38.51 -15.36
C LEU D 61 17.24 -38.76 -16.36
N ILE D 62 18.26 -39.51 -15.93
CA ILE D 62 19.44 -39.81 -16.74
C ILE D 62 19.65 -41.31 -16.74
N VAL D 63 20.08 -41.83 -17.89
CA VAL D 63 20.35 -43.25 -18.07
C VAL D 63 21.85 -43.48 -17.88
N THR D 64 22.21 -44.39 -16.96
CA THR D 64 23.61 -44.71 -16.75
C THR D 64 24.00 -46.03 -17.41
N ASP D 65 23.12 -47.03 -17.33
CA ASP D 65 23.38 -48.33 -17.94
C ASP D 65 22.55 -48.48 -19.21
N ALA D 66 23.20 -48.88 -20.29
CA ALA D 66 22.58 -49.05 -21.59
C ALA D 66 22.34 -50.53 -21.90
N GLN D 67 21.96 -51.29 -20.89
CA GLN D 67 21.74 -52.72 -21.07
C GLN D 67 20.58 -52.97 -22.02
N GLU D 68 20.61 -54.14 -22.68
CA GLU D 68 19.64 -54.43 -23.73
C GLU D 68 18.22 -54.50 -23.17
N THR D 69 18.05 -55.10 -21.98
CA THR D 69 16.72 -55.33 -21.43
C THR D 69 16.47 -54.57 -20.14
N SER D 70 17.51 -54.17 -19.40
CA SER D 70 17.35 -53.58 -18.08
C SER D 70 18.04 -52.22 -18.06
N ILE D 71 17.27 -51.18 -18.39
CA ILE D 71 17.79 -49.81 -18.38
C ILE D 71 17.69 -49.26 -16.96
N THR D 72 18.80 -48.71 -16.47
CA THR D 72 18.88 -48.19 -15.11
C THR D 72 18.84 -46.66 -15.17
N LEU D 73 17.65 -46.09 -14.98
CA LEU D 73 17.48 -44.64 -14.92
C LEU D 73 17.87 -44.16 -13.51
N ALA D 74 19.17 -43.93 -13.35
CA ALA D 74 19.68 -43.53 -12.05
C ALA D 74 19.11 -42.18 -11.62
N GLY D 75 19.49 -41.12 -12.32
CA GLY D 75 19.03 -39.78 -11.97
C GLY D 75 19.29 -39.44 -10.52
N ILE D 76 18.29 -38.87 -9.84
CA ILE D 76 18.41 -38.51 -8.44
C ILE D 76 17.38 -39.26 -7.61
N ASP D 77 16.17 -39.42 -8.15
CA ASP D 77 15.06 -40.00 -7.39
C ASP D 77 15.39 -41.39 -6.89
N THR D 78 15.05 -41.65 -5.63
CA THR D 78 15.17 -42.96 -5.03
C THR D 78 13.77 -43.47 -4.71
N SER D 79 13.42 -44.63 -5.26
CA SER D 79 12.10 -45.21 -5.08
C SER D 79 12.06 -46.25 -3.98
N ASP D 80 13.09 -46.31 -3.13
CA ASP D 80 13.14 -47.32 -2.08
C ASP D 80 11.99 -47.16 -1.09
N THR D 81 11.47 -45.95 -0.93
CA THR D 81 10.40 -45.72 0.02
C THR D 81 9.14 -46.48 -0.38
N LEU D 82 8.33 -46.81 0.63
CA LEU D 82 7.13 -47.62 0.39
C LEU D 82 6.04 -46.81 -0.31
N VAL D 83 6.22 -45.49 -0.40
CA VAL D 83 5.21 -44.61 -1.00
C VAL D 83 4.95 -45.08 -2.43
N PHE D 84 5.99 -45.44 -3.14
CA PHE D 84 5.83 -46.04 -4.45
C PHE D 84 5.49 -47.52 -4.29
N PRO D 85 4.33 -47.97 -4.75
CA PRO D 85 3.95 -49.38 -4.55
C PRO D 85 4.75 -50.31 -5.46
N ALA D 86 4.49 -51.61 -5.30
CA ALA D 86 5.19 -52.62 -6.07
C ALA D 86 4.95 -52.47 -7.56
N GLY D 87 3.70 -52.67 -8.00
CA GLY D 87 3.41 -52.58 -9.43
C GLY D 87 3.55 -51.16 -9.93
N GLY D 88 4.25 -50.99 -11.05
CA GLY D 88 4.46 -49.67 -11.61
C GLY D 88 4.77 -49.67 -13.09
N THR D 89 4.17 -48.74 -13.82
CA THR D 89 4.40 -48.57 -15.24
C THR D 89 4.97 -47.18 -15.50
N MET D 90 5.71 -47.05 -16.59
CA MET D 90 6.37 -45.80 -16.91
C MET D 90 6.60 -45.69 -18.40
N SER D 91 6.47 -44.47 -18.93
CA SER D 91 6.74 -44.17 -20.33
C SER D 91 7.62 -42.93 -20.38
N PHE D 92 8.69 -42.99 -21.18
CA PHE D 92 9.63 -41.88 -21.26
C PHE D 92 10.08 -41.68 -22.71
N ALA D 93 10.50 -40.46 -23.01
CA ALA D 93 11.01 -40.09 -24.32
C ALA D 93 12.38 -39.44 -24.16
N LYS D 94 13.32 -39.80 -25.03
CA LYS D 94 14.67 -39.26 -24.97
C LYS D 94 14.74 -37.93 -25.71
N ILE D 95 15.68 -37.08 -25.30
CA ILE D 95 15.81 -35.76 -25.92
C ILE D 95 16.93 -35.78 -26.95
N THR D 96 16.73 -35.07 -28.05
CA THR D 96 17.69 -35.04 -29.15
C THR D 96 18.71 -33.93 -29.00
N GLY D 97 18.28 -32.67 -28.93
CA GLY D 97 19.20 -31.55 -28.90
C GLY D 97 18.72 -30.46 -27.97
N TRP D 98 19.60 -29.46 -27.76
CA TRP D 98 19.34 -28.36 -26.85
C TRP D 98 19.75 -27.05 -27.50
N THR D 99 19.13 -25.96 -27.05
CA THR D 99 19.44 -24.61 -27.50
C THR D 99 19.66 -23.71 -26.29
N GLU D 100 20.66 -22.85 -26.39
CA GLU D 100 21.08 -21.99 -25.28
C GLU D 100 20.43 -20.61 -25.37
N ILE D 101 19.93 -20.14 -24.24
CA ILE D 101 19.43 -18.76 -24.15
C ILE D 101 20.60 -17.80 -24.28
N PRO D 102 20.46 -16.70 -25.05
CA PRO D 102 21.65 -15.87 -25.33
C PRO D 102 22.32 -15.29 -24.09
N CYS D 103 21.63 -14.48 -23.29
CA CYS D 103 22.30 -13.77 -22.20
C CYS D 103 21.30 -13.55 -21.07
N VAL D 104 21.30 -14.46 -20.09
CA VAL D 104 20.42 -14.32 -18.94
C VAL D 104 21.02 -13.29 -17.98
N GLN D 105 20.20 -12.31 -17.59
CA GLN D 105 20.66 -11.26 -16.70
C GLN D 105 19.91 -11.21 -15.37
N GLU D 106 18.80 -11.94 -15.24
CA GLU D 106 18.03 -11.92 -14.00
C GLU D 106 17.18 -13.18 -13.93
N ILE D 107 17.19 -13.83 -12.77
CA ILE D 107 16.39 -15.01 -12.50
C ILE D 107 15.62 -14.78 -11.22
N GLY D 108 14.30 -14.90 -11.29
CA GLY D 108 13.46 -14.75 -10.12
C GLY D 108 12.38 -15.81 -10.08
N GLN D 109 12.02 -16.23 -8.87
CA GLN D 109 11.04 -17.28 -8.66
C GLN D 109 9.91 -16.75 -7.78
N ASP D 110 8.68 -17.10 -8.16
CA ASP D 110 7.48 -16.72 -7.42
C ASP D 110 6.66 -17.96 -7.14
N GLY D 111 6.25 -18.15 -5.91
CA GLY D 111 5.38 -19.24 -5.56
C GLY D 111 5.87 -19.97 -4.32
N GLY D 112 5.37 -21.19 -4.14
CA GLY D 112 5.69 -21.95 -2.95
C GLY D 112 4.63 -21.80 -1.88
N GLU D 113 5.06 -22.02 -0.63
CA GLU D 113 4.25 -21.85 0.57
C GLU D 113 3.18 -22.93 0.67
N GLN D 114 2.95 -23.41 1.89
CA GLN D 114 1.98 -24.47 2.14
C GLN D 114 0.68 -23.87 2.62
N GLN D 115 -0.42 -24.27 2.00
CA GLN D 115 -1.74 -23.82 2.42
C GLN D 115 -2.28 -24.72 3.53
N TYR D 116 -3.05 -24.11 4.42
CA TYR D 116 -3.59 -24.79 5.59
C TYR D 116 -5.10 -24.63 5.65
N TYR D 117 -5.74 -25.54 6.37
CA TYR D 117 -7.16 -25.46 6.68
C TYR D 117 -7.32 -25.29 8.19
N THR D 118 -8.02 -24.24 8.59
CA THR D 118 -8.12 -23.87 9.99
C THR D 118 -9.50 -24.23 10.55
N TYR D 119 -9.51 -24.80 11.74
CA TYR D 119 -10.74 -25.17 12.42
C TYR D 119 -10.51 -25.07 13.92
N GLN D 120 -11.61 -24.98 14.67
CA GLN D 120 -11.54 -24.95 16.12
C GLN D 120 -12.81 -25.54 16.69
N CYS D 121 -12.64 -26.44 17.66
CA CYS D 121 -13.75 -27.13 18.30
C CYS D 121 -14.07 -26.45 19.63
N LEU D 122 -15.23 -26.80 20.19
CA LEU D 122 -15.60 -26.27 21.50
C LEU D 122 -14.63 -26.72 22.58
N SER D 123 -14.08 -27.92 22.48
CA SER D 123 -13.14 -28.44 23.46
C SER D 123 -11.73 -27.87 23.30
N ASP D 124 -11.34 -27.50 22.08
CA ASP D 124 -10.00 -27.02 21.84
C ASP D 124 -9.79 -25.65 22.49
N ASP D 125 -8.57 -25.40 22.96
CA ASP D 125 -8.26 -24.12 23.58
C ASP D 125 -7.67 -23.15 22.56
N LYS D 126 -7.01 -23.67 21.52
CA LYS D 126 -6.42 -22.85 20.48
C LYS D 126 -6.78 -23.40 19.11
N GLU D 127 -6.72 -22.53 18.11
CA GLU D 127 -7.06 -22.93 16.75
C GLU D 127 -6.04 -23.91 16.20
N GLN D 128 -6.53 -24.95 15.53
CA GLN D 128 -5.70 -25.99 14.95
C GLN D 128 -5.73 -25.92 13.43
N GLN D 129 -4.74 -26.53 12.80
CA GLN D 129 -4.56 -26.46 11.36
C GLN D 129 -4.24 -27.84 10.80
N ILE D 130 -4.68 -28.08 9.56
CA ILE D 130 -4.35 -29.30 8.83
C ILE D 130 -3.78 -28.89 7.48
N PRO D 131 -2.60 -29.37 7.10
CA PRO D 131 -2.07 -29.04 5.77
C PRO D 131 -2.92 -29.65 4.67
N THR D 132 -3.07 -28.91 3.57
CA THR D 132 -3.90 -29.37 2.46
C THR D 132 -3.07 -29.60 1.20
N PHE D 133 -2.30 -28.62 0.71
CA PHE D 133 -1.50 -28.80 -0.49
C PHE D 133 -0.54 -27.61 -0.62
N LYS D 134 0.43 -27.77 -1.51
CA LYS D 134 1.45 -26.76 -1.77
C LYS D 134 1.14 -26.05 -3.07
N SER D 135 1.30 -24.72 -3.07
CA SER D 135 0.97 -23.93 -4.24
C SER D 135 2.00 -24.15 -5.36
N ALA D 136 1.69 -23.59 -6.53
CA ALA D 136 2.55 -23.74 -7.69
C ALA D 136 3.74 -22.78 -7.62
N VAL D 137 4.72 -23.02 -8.48
CA VAL D 137 5.94 -22.22 -8.56
C VAL D 137 6.19 -21.84 -10.01
N SER D 138 6.53 -20.57 -10.23
CA SER D 138 6.85 -20.06 -11.56
C SER D 138 8.12 -19.23 -11.49
N LEU D 139 8.90 -19.26 -12.58
CA LEU D 139 10.15 -18.51 -12.68
C LEU D 139 10.11 -17.63 -13.93
N THR D 140 10.81 -16.51 -13.87
CA THR D 140 10.93 -15.59 -15.00
C THR D 140 12.40 -15.39 -15.35
N TYR D 141 12.70 -15.45 -16.64
CA TYR D 141 14.05 -15.21 -17.15
C TYR D 141 14.04 -14.01 -18.07
N THR D 142 15.06 -13.17 -17.97
CA THR D 142 15.20 -11.99 -18.80
C THR D 142 16.50 -12.08 -19.58
N PHE D 143 16.41 -11.93 -20.90
CA PHE D 143 17.59 -12.01 -21.74
C PHE D 143 17.55 -10.91 -22.79
N ALA D 144 18.69 -10.68 -23.42
CA ALA D 144 18.85 -9.58 -24.37
C ALA D 144 18.09 -9.86 -25.66
N HIS D 145 17.90 -8.79 -26.44
CA HIS D 145 17.08 -8.84 -27.64
C HIS D 145 17.95 -8.99 -28.88
N GLU D 146 17.79 -10.12 -29.57
CA GLU D 146 18.48 -10.38 -30.83
C GLU D 146 17.48 -11.05 -31.77
N PHE D 147 16.96 -10.30 -32.74
CA PHE D 147 15.83 -10.79 -33.51
C PHE D 147 16.25 -11.87 -34.51
N ASP D 148 17.56 -12.00 -34.75
CA ASP D 148 18.05 -13.05 -35.65
C ASP D 148 18.26 -14.38 -34.93
N ASN D 149 18.19 -14.40 -33.61
CA ASN D 149 18.51 -15.59 -32.83
C ASN D 149 17.53 -16.71 -33.16
N PRO D 150 18.01 -17.90 -33.56
CA PRO D 150 17.08 -18.98 -33.90
C PRO D 150 16.22 -19.47 -32.74
N ILE D 151 16.53 -19.08 -31.51
CA ILE D 151 15.73 -19.55 -30.37
C ILE D 151 14.32 -18.96 -30.42
N TYR D 152 14.15 -17.83 -31.10
CA TYR D 152 12.85 -17.17 -31.13
C TYR D 152 11.76 -17.98 -31.81
N PRO D 153 11.96 -18.54 -33.00
CA PRO D 153 10.90 -19.41 -33.57
C PRO D 153 10.59 -20.62 -32.70
N ILE D 154 11.61 -21.22 -32.08
CA ILE D 154 11.39 -22.39 -31.24
C ILE D 154 10.55 -22.03 -30.02
N LEU D 155 10.88 -20.91 -29.38
CA LEU D 155 10.12 -20.47 -28.22
C LEU D 155 8.69 -20.12 -28.61
N ARG D 156 8.52 -19.45 -29.75
CA ARG D 156 7.17 -19.11 -30.20
C ARG D 156 6.34 -20.37 -30.48
N LYS D 157 6.96 -21.38 -31.10
CA LYS D 157 6.25 -22.62 -31.38
C LYS D 157 5.88 -23.34 -30.10
N LEU D 158 6.80 -23.40 -29.13
CA LEU D 158 6.50 -24.06 -27.87
C LEU D 158 5.42 -23.30 -27.09
N ASP D 159 5.37 -21.98 -27.26
CA ASP D 159 4.32 -21.21 -26.60
C ASP D 159 2.97 -21.42 -27.26
N SER D 160 2.96 -21.60 -28.58
CA SER D 160 1.69 -21.73 -29.30
C SER D 160 0.91 -22.95 -28.82
N SER D 161 1.57 -24.10 -28.72
CA SER D 161 0.93 -25.34 -28.29
C SER D 161 1.53 -25.73 -26.95
N GLY D 162 0.68 -25.79 -25.92
CA GLY D 162 1.14 -26.14 -24.59
C GLY D 162 1.78 -27.51 -24.54
N GLN D 163 3.02 -27.57 -24.04
CA GLN D 163 3.76 -28.81 -23.97
C GLN D 163 4.73 -28.72 -22.80
N VAL D 164 4.87 -29.84 -22.08
CA VAL D 164 5.77 -29.88 -20.93
C VAL D 164 7.18 -30.18 -21.41
N THR D 165 7.91 -29.13 -21.78
CA THR D 165 9.27 -29.27 -22.25
C THR D 165 10.24 -29.41 -21.08
N ALA D 166 11.51 -29.64 -21.40
CA ALA D 166 12.55 -29.82 -20.40
C ALA D 166 13.56 -28.68 -20.49
N VAL D 167 14.01 -28.23 -19.33
CA VAL D 167 14.97 -27.13 -19.21
C VAL D 167 16.14 -27.60 -18.36
N ARG D 168 17.36 -27.27 -18.80
CA ARG D 168 18.58 -27.65 -18.11
C ARG D 168 19.47 -26.43 -17.93
N MET D 169 20.08 -26.33 -16.75
CA MET D 169 21.06 -25.27 -16.48
C MET D 169 22.19 -25.85 -15.65
N TYR D 170 23.42 -25.54 -16.04
CA TYR D 170 24.60 -26.20 -15.49
C TYR D 170 25.49 -25.16 -14.82
N VAL D 171 25.85 -25.40 -13.57
CA VAL D 171 26.71 -24.51 -12.79
C VAL D 171 28.12 -25.10 -12.78
N PRO D 172 29.11 -24.42 -13.34
CA PRO D 172 30.45 -25.04 -13.44
C PRO D 172 31.23 -25.02 -12.14
N LYS D 173 30.99 -24.05 -11.26
CA LYS D 173 31.81 -23.94 -10.05
C LYS D 173 31.66 -25.15 -9.15
N ALA D 174 30.44 -25.65 -9.00
CA ALA D 174 30.17 -26.83 -8.18
C ALA D 174 30.01 -28.09 -9.01
N SER D 175 30.12 -27.99 -10.34
CA SER D 175 29.94 -29.13 -11.25
C SER D 175 28.58 -29.81 -10.99
N GLU D 176 27.56 -28.99 -10.78
CA GLU D 176 26.21 -29.44 -10.46
C GLU D 176 25.29 -29.13 -11.62
N MET D 177 24.36 -30.04 -11.90
CA MET D 177 23.46 -29.96 -13.05
C MET D 177 22.02 -30.08 -12.55
N ARG D 178 21.19 -29.09 -12.86
CA ARG D 178 19.79 -29.12 -12.46
C ARG D 178 18.86 -29.29 -13.65
N MET D 179 17.75 -30.00 -13.45
CA MET D 179 16.78 -30.20 -14.52
C MET D 179 15.34 -30.12 -14.02
N TRP D 180 14.47 -29.50 -14.81
CA TRP D 180 13.06 -29.43 -14.44
C TRP D 180 12.24 -29.33 -15.72
N ALA D 181 10.93 -29.59 -15.59
CA ALA D 181 10.02 -29.59 -16.72
C ALA D 181 8.85 -28.65 -16.46
N GLY D 182 8.35 -28.01 -17.52
CA GLY D 182 7.22 -27.12 -17.37
C GLY D 182 6.81 -26.52 -18.71
N ILE D 183 5.77 -25.69 -18.66
CA ILE D 183 5.26 -25.01 -19.84
C ILE D 183 5.93 -23.65 -19.96
N LEU D 184 6.17 -23.22 -21.20
CA LEU D 184 6.85 -21.97 -21.49
C LEU D 184 5.87 -21.00 -22.13
N SER D 185 5.73 -19.82 -21.54
CA SER D 185 4.96 -18.72 -22.14
C SER D 185 5.93 -17.58 -22.42
N PHE D 186 6.08 -17.24 -23.70
CA PHE D 186 7.17 -16.36 -24.14
C PHE D 186 6.61 -15.03 -24.61
N ASN D 187 6.88 -13.99 -23.83
CA ASN D 187 6.65 -12.62 -24.29
C ASN D 187 7.74 -12.22 -25.28
N ASP D 188 7.42 -11.26 -26.14
CA ASP D 188 8.38 -10.82 -27.15
C ASP D 188 8.44 -9.31 -27.35
N ILE D 189 7.59 -8.53 -26.71
CA ILE D 189 7.70 -7.07 -26.86
C ILE D 189 8.90 -6.58 -26.06
N PRO D 190 9.90 -5.97 -26.69
CA PRO D 190 11.11 -5.59 -25.95
C PRO D 190 11.02 -4.19 -25.36
N SER D 191 11.28 -4.07 -24.06
CA SER D 191 11.32 -2.76 -23.43
C SER D 191 12.62 -2.05 -23.78
N THR D 192 12.49 -0.78 -24.17
CA THR D 192 13.65 -0.01 -24.63
C THR D 192 13.81 1.22 -23.75
N GLN D 193 15.06 1.48 -23.36
CA GLN D 193 15.38 2.67 -22.59
C GLN D 193 16.69 3.24 -23.11
N VAL D 194 16.76 4.56 -23.19
CA VAL D 194 17.94 5.21 -23.74
C VAL D 194 19.15 4.91 -22.88
N ASN D 195 20.29 4.64 -23.52
CA ASN D 195 21.54 4.28 -22.85
C ASN D 195 21.39 2.98 -22.06
N GLU D 196 20.54 2.07 -22.52
CA GLU D 196 20.36 0.78 -21.88
C GLU D 196 19.96 -0.24 -22.94
N MET D 197 20.44 -1.46 -22.78
CA MET D 197 20.11 -2.51 -23.72
C MET D 197 18.65 -2.94 -23.58
N GLU D 198 18.10 -3.46 -24.67
CA GLU D 198 16.72 -3.92 -24.72
C GLU D 198 16.64 -5.37 -24.23
N THR D 199 15.56 -5.68 -23.52
CA THR D 199 15.40 -6.99 -22.89
C THR D 199 14.05 -7.59 -23.25
N VAL D 200 14.01 -8.92 -23.22
CA VAL D 200 12.79 -9.70 -23.41
C VAL D 200 12.68 -10.68 -22.24
N GLU D 201 11.45 -11.08 -21.92
CA GLU D 201 11.19 -11.86 -20.72
C GLU D 201 10.46 -13.16 -21.06
N LEU D 202 10.83 -14.22 -20.35
CA LEU D 202 10.25 -15.55 -20.53
C LEU D 202 9.85 -16.10 -19.17
N ALA D 203 8.78 -16.90 -19.15
CA ALA D 203 8.22 -17.45 -17.92
C ALA D 203 8.02 -18.95 -18.05
N VAL D 204 8.21 -19.67 -16.96
CA VAL D 204 8.07 -21.13 -16.91
C VAL D 204 7.22 -21.49 -15.70
N SER D 205 6.30 -22.44 -15.88
CA SER D 205 5.46 -22.94 -14.79
C SER D 205 5.82 -24.41 -14.54
N LEU D 206 6.25 -24.71 -13.31
CA LEU D 206 6.71 -26.05 -12.99
C LEU D 206 5.58 -27.08 -13.04
N LYS D 207 5.93 -28.30 -13.42
CA LYS D 207 5.06 -29.46 -13.28
C LYS D 207 5.73 -30.60 -12.53
N GLY D 208 6.94 -30.40 -12.04
CA GLY D 208 7.66 -31.43 -11.32
C GLY D 208 8.57 -30.84 -10.27
N ASP D 209 9.58 -31.63 -9.90
CA ASP D 209 10.54 -31.23 -8.88
C ASP D 209 11.94 -31.14 -9.47
N PHE D 210 12.80 -30.39 -8.78
CA PHE D 210 14.17 -30.19 -9.26
C PHE D 210 15.00 -31.45 -9.07
N THR D 211 15.91 -31.70 -10.00
CA THR D 211 16.83 -32.82 -9.94
C THR D 211 18.26 -32.30 -9.86
N PHE D 212 19.01 -32.78 -8.87
CA PHE D 212 20.40 -32.38 -8.67
C PHE D 212 21.31 -33.57 -8.90
N ILE D 213 22.31 -33.39 -9.76
CA ILE D 213 23.29 -34.43 -10.03
C ILE D 213 24.68 -33.80 -10.10
N SER D 214 25.70 -34.65 -10.12
CA SER D 214 27.05 -34.19 -10.43
C SER D 214 27.28 -34.20 -11.93
N SER D 215 28.16 -33.31 -12.39
CA SER D 215 28.45 -33.22 -13.81
C SER D 215 29.29 -34.39 -14.31
N THR D 216 29.83 -35.21 -13.40
CA THR D 216 30.67 -36.33 -13.81
C THR D 216 29.87 -37.38 -14.57
N LEU D 217 28.58 -37.53 -14.25
CA LEU D 217 27.74 -38.48 -14.96
C LEU D 217 27.62 -38.10 -16.43
N ALA D 218 27.43 -36.82 -16.72
CA ALA D 218 27.35 -36.31 -18.09
C ALA D 218 26.26 -37.00 -18.91
N HIS E 2 24.51 -3.64 -29.37
CA HIS E 2 23.14 -3.24 -29.66
C HIS E 2 22.65 -2.19 -28.67
N LEU E 3 22.37 -0.98 -29.17
CA LEU E 3 21.89 0.10 -28.34
C LEU E 3 20.68 0.73 -29.03
N PRO E 4 19.69 1.19 -28.28
CA PRO E 4 18.48 1.74 -28.92
C PRO E 4 18.61 3.20 -29.36
N ASN E 5 19.79 3.81 -29.18
CA ASN E 5 19.94 5.22 -29.51
C ASN E 5 19.72 5.46 -31.00
N GLY E 6 19.07 6.57 -31.32
CA GLY E 6 18.84 6.97 -32.69
C GLY E 6 17.55 6.46 -33.32
N ALA E 7 16.79 5.63 -32.63
CA ALA E 7 15.55 5.10 -33.18
C ALA E 7 14.47 6.17 -33.22
N GLN E 8 13.69 6.17 -34.31
CA GLN E 8 12.64 7.16 -34.50
C GLN E 8 11.35 6.45 -34.89
N ILE E 9 10.22 7.02 -34.47
CA ILE E 9 8.91 6.41 -34.59
C ILE E 9 8.04 7.22 -35.53
N PHE E 10 7.31 6.53 -36.42
CA PHE E 10 6.39 7.17 -37.35
C PHE E 10 5.01 6.58 -37.18
N VAL E 11 4.00 7.32 -37.63
CA VAL E 11 2.61 6.89 -37.56
C VAL E 11 2.00 6.94 -38.96
N GLU E 12 0.75 6.50 -39.04
CA GLU E 12 0.00 6.54 -40.29
C GLU E 12 -0.38 7.96 -40.65
N THR E 13 -0.50 8.22 -41.95
CA THR E 13 -1.07 9.46 -42.47
C THR E 13 -2.30 9.24 -43.34
N SER E 14 -2.20 8.32 -44.30
CA SER E 14 -3.32 8.03 -45.19
C SER E 14 -3.13 6.64 -45.78
N ARG E 15 -4.23 6.06 -46.24
CA ARG E 15 -4.21 4.73 -46.83
C ARG E 15 -5.08 4.72 -48.08
N GLY E 16 -4.77 3.80 -48.99
CA GLY E 16 -5.46 3.71 -50.25
C GLY E 16 -6.74 2.88 -50.16
N VAL E 17 -7.32 2.61 -51.33
CA VAL E 17 -8.54 1.83 -51.38
C VAL E 17 -8.24 0.36 -51.10
N GLU E 18 -9.29 -0.39 -50.79
CA GLU E 18 -9.15 -1.80 -50.46
C GLU E 18 -8.73 -2.61 -51.68
N VAL E 19 -7.92 -3.65 -51.43
CA VAL E 19 -7.50 -4.60 -52.45
C VAL E 19 -7.80 -5.99 -51.93
N GLU E 20 -8.39 -6.83 -52.77
CA GLU E 20 -8.87 -8.15 -52.37
C GLU E 20 -7.91 -9.22 -52.88
N ALA E 21 -7.64 -10.23 -52.05
CA ALA E 21 -6.82 -11.38 -52.42
C ALA E 21 -7.71 -12.61 -52.45
N THR E 22 -7.68 -13.34 -53.56
CA THR E 22 -8.55 -14.50 -53.71
C THR E 22 -7.96 -15.74 -53.04
N ALA E 23 -6.71 -16.06 -53.36
CA ALA E 23 -6.08 -17.29 -52.89
C ALA E 23 -4.74 -16.97 -52.24
N ILE E 24 -4.40 -17.71 -51.19
CA ILE E 24 -3.19 -17.46 -50.40
C ILE E 24 -2.42 -18.77 -50.29
N THR E 25 -1.13 -18.70 -50.62
CA THR E 25 -0.24 -19.84 -50.43
C THR E 25 0.20 -19.92 -48.97
N ASN E 26 0.21 -21.13 -48.43
CA ASN E 26 0.56 -21.36 -47.03
C ASN E 26 1.91 -22.08 -46.92
N ALA E 27 2.98 -21.28 -46.97
CA ALA E 27 4.35 -21.73 -46.77
C ALA E 27 5.25 -20.50 -46.78
N GLU E 28 6.25 -20.51 -45.90
CA GLU E 28 7.24 -19.44 -45.77
C GLU E 28 6.64 -18.05 -45.98
N ASN E 29 6.99 -17.41 -47.09
CA ASN E 29 6.44 -16.11 -47.42
C ASN E 29 5.09 -16.30 -48.11
N PRO E 30 4.00 -15.82 -47.53
CA PRO E 30 2.69 -15.97 -48.19
C PRO E 30 2.65 -15.23 -49.52
N VAL E 31 1.91 -15.81 -50.47
CA VAL E 31 1.73 -15.24 -51.80
C VAL E 31 0.25 -14.96 -52.00
N ALA E 32 -0.08 -13.73 -52.38
CA ALA E 32 -1.45 -13.32 -52.63
C ALA E 32 -1.69 -13.22 -54.12
N THR E 33 -2.74 -13.88 -54.60
CA THR E 33 -3.08 -13.90 -56.03
C THR E 33 -4.12 -12.82 -56.28
N VAL E 34 -3.68 -11.63 -56.65
CA VAL E 34 -4.55 -10.48 -56.88
C VAL E 34 -4.48 -10.11 -58.35
N ALA E 35 -5.63 -10.12 -59.01
CA ALA E 35 -5.68 -9.80 -60.43
C ALA E 35 -5.52 -8.29 -60.63
N SER E 36 -4.56 -7.91 -61.48
CA SER E 36 -4.34 -6.52 -61.87
C SER E 36 -4.09 -5.63 -60.66
N LYS E 37 -2.96 -5.90 -60.00
CA LYS E 37 -2.59 -5.16 -58.81
C LYS E 37 -2.37 -3.69 -59.15
N GLY E 38 -2.73 -2.80 -58.22
CA GLY E 38 -2.62 -1.39 -58.45
C GLY E 38 -1.57 -0.69 -57.61
N ASP E 39 -0.48 -0.28 -58.26
CA ASP E 39 0.62 0.46 -57.64
C ASP E 39 1.13 -0.28 -56.39
N LEU E 40 1.40 -1.58 -56.52
CA LEU E 40 2.01 -2.35 -55.44
C LEU E 40 3.51 -2.53 -55.71
N ALA E 41 4.23 -1.42 -55.62
CA ALA E 41 5.66 -1.46 -55.85
C ALA E 41 6.38 -2.16 -54.71
N LYS E 42 7.62 -2.58 -54.97
CA LYS E 42 8.42 -3.28 -53.97
C LYS E 42 8.78 -2.34 -52.83
N GLY E 43 8.72 -2.88 -51.61
CA GLY E 43 9.01 -2.11 -50.42
C GLY E 43 7.82 -1.42 -49.78
N ASP E 44 6.63 -1.52 -50.37
CA ASP E 44 5.46 -0.85 -49.82
C ASP E 44 5.00 -1.52 -48.53
N TYR E 45 4.27 -0.77 -47.73
CA TYR E 45 3.70 -1.25 -46.47
C TYR E 45 2.20 -1.45 -46.64
N VAL E 46 1.73 -2.65 -46.33
CA VAL E 46 0.32 -3.01 -46.45
C VAL E 46 -0.19 -3.53 -45.12
N ILE E 47 -1.36 -3.04 -44.71
CA ILE E 47 -2.00 -3.45 -43.47
C ILE E 47 -3.21 -4.30 -43.81
N VAL E 48 -3.36 -5.43 -43.14
CA VAL E 48 -4.46 -6.36 -43.37
C VAL E 48 -5.66 -5.84 -42.57
N THR E 49 -6.81 -5.74 -43.23
CA THR E 49 -7.99 -5.19 -42.56
C THR E 49 -8.97 -6.29 -42.18
N GLN E 50 -9.05 -7.36 -42.98
CA GLN E 50 -9.94 -8.47 -42.67
C GLN E 50 -9.41 -9.74 -43.31
N SER E 51 -9.73 -10.86 -42.69
CA SER E 51 -9.32 -12.18 -43.16
C SER E 51 -10.05 -13.23 -42.37
N THR E 52 -9.97 -14.47 -42.84
CA THR E 52 -10.61 -15.61 -42.17
C THR E 52 -9.60 -16.62 -41.63
N TRP E 53 -8.34 -16.19 -41.46
CA TRP E 53 -7.29 -17.08 -40.97
C TRP E 53 -6.92 -16.82 -39.52
N ALA E 54 -7.88 -16.39 -38.71
CA ALA E 54 -7.69 -16.23 -37.27
C ALA E 54 -6.61 -15.19 -36.97
N LYS E 55 -5.36 -15.54 -37.25
CA LYS E 55 -4.26 -14.59 -37.14
C LYS E 55 -4.25 -13.68 -38.37
N MET E 56 -3.21 -12.84 -38.45
CA MET E 56 -3.03 -11.91 -39.57
C MET E 56 -4.21 -10.97 -39.75
N VAL E 57 -5.00 -10.75 -38.69
CA VAL E 57 -6.16 -9.88 -38.82
C VAL E 57 -5.75 -8.43 -39.00
N SER E 58 -4.81 -7.95 -38.18
CA SER E 58 -4.40 -6.54 -38.23
C SER E 58 -2.88 -6.44 -38.07
N ARG E 59 -2.15 -7.28 -38.80
CA ARG E 59 -0.70 -7.29 -38.73
C ARG E 59 -0.11 -6.69 -40.01
N VAL E 60 0.89 -5.83 -39.85
CA VAL E 60 1.46 -5.11 -40.99
C VAL E 60 2.52 -5.95 -41.67
N LEU E 61 2.51 -5.95 -43.00
CA LEU E 61 3.38 -6.77 -43.83
C LEU E 61 4.02 -5.91 -44.91
N ILE E 62 5.06 -6.45 -45.55
CA ILE E 62 5.74 -5.78 -46.66
C ILE E 62 5.82 -6.73 -47.85
N VAL E 63 5.58 -6.20 -49.04
CA VAL E 63 5.65 -6.97 -50.28
C VAL E 63 7.11 -6.95 -50.74
N THR E 64 7.55 -8.06 -51.37
CA THR E 64 8.88 -8.09 -51.95
C THR E 64 8.82 -8.24 -53.47
N ASP E 65 7.79 -8.93 -53.97
CA ASP E 65 7.59 -9.11 -55.40
C ASP E 65 6.36 -8.35 -55.85
N ALA E 66 6.42 -7.79 -57.05
CA ALA E 66 5.36 -6.95 -57.60
C ALA E 66 4.80 -7.54 -58.90
N GLN E 67 4.56 -8.84 -58.93
CA GLN E 67 4.05 -9.46 -60.15
C GLN E 67 2.63 -9.00 -60.43
N GLU E 68 2.22 -9.12 -61.69
CA GLU E 68 0.94 -8.58 -62.13
C GLU E 68 -0.23 -9.24 -61.40
N THR E 69 -0.16 -10.57 -61.23
CA THR E 69 -1.27 -11.30 -60.65
C THR E 69 -0.92 -12.03 -59.35
N SER E 70 0.35 -12.01 -58.93
CA SER E 70 0.79 -12.75 -57.74
C SER E 70 1.74 -11.88 -56.92
N ILE E 71 1.20 -11.16 -55.95
CA ILE E 71 2.04 -10.40 -55.03
C ILE E 71 2.43 -11.28 -53.85
N THR E 72 3.70 -11.18 -53.44
CA THR E 72 4.22 -11.99 -52.35
C THR E 72 4.35 -11.13 -51.11
N LEU E 73 3.45 -11.33 -50.15
CA LEU E 73 3.47 -10.61 -48.88
C LEU E 73 4.45 -11.33 -47.95
N ALA E 74 5.74 -11.02 -48.13
CA ALA E 74 6.78 -11.72 -47.39
C ALA E 74 6.65 -11.49 -45.90
N GLY E 75 6.84 -10.25 -45.46
CA GLY E 75 6.75 -9.92 -44.05
C GLY E 75 7.61 -10.82 -43.17
N ILE E 76 7.07 -11.21 -42.02
CA ILE E 76 7.72 -12.19 -41.15
C ILE E 76 6.84 -13.42 -40.99
N ASP E 77 5.52 -13.21 -40.95
CA ASP E 77 4.59 -14.30 -40.64
C ASP E 77 4.76 -15.45 -41.62
N THR E 78 4.83 -16.66 -41.07
CA THR E 78 4.95 -17.88 -41.86
C THR E 78 3.64 -18.65 -41.75
N SER E 79 3.03 -18.94 -42.90
CA SER E 79 1.75 -19.64 -42.95
C SER E 79 1.91 -21.13 -43.19
N ASP E 80 3.12 -21.66 -43.08
CA ASP E 80 3.35 -23.08 -43.32
C ASP E 80 2.60 -23.94 -42.30
N THR E 81 2.37 -23.41 -41.11
CA THR E 81 1.71 -24.18 -40.06
C THR E 81 0.28 -24.55 -40.48
N LEU E 82 -0.17 -25.71 -40.00
CA LEU E 82 -1.49 -26.21 -40.40
C LEU E 82 -2.61 -25.42 -39.73
N VAL E 83 -2.28 -24.54 -38.78
CA VAL E 83 -3.27 -23.76 -38.04
C VAL E 83 -4.11 -22.97 -39.03
N PHE E 84 -3.46 -22.40 -40.04
CA PHE E 84 -4.19 -21.74 -41.11
C PHE E 84 -4.71 -22.79 -42.10
N PRO E 85 -6.01 -22.89 -42.29
CA PRO E 85 -6.55 -23.91 -43.21
C PRO E 85 -6.24 -23.58 -44.66
N ALA E 86 -6.63 -24.50 -45.55
CA ALA E 86 -6.37 -24.34 -46.97
C ALA E 86 -7.05 -23.11 -47.53
N GLY E 87 -8.39 -23.09 -47.52
CA GLY E 87 -9.11 -21.95 -48.06
C GLY E 87 -8.92 -20.72 -47.21
N GLY E 88 -8.55 -19.61 -47.83
CA GLY E 88 -8.31 -18.38 -47.11
C GLY E 88 -8.44 -17.13 -47.95
N THR E 89 -8.95 -16.06 -47.35
CA THR E 89 -9.10 -14.77 -48.00
C THR E 89 -8.49 -13.69 -47.13
N MET E 90 -8.08 -12.59 -47.77
CA MET E 90 -7.48 -11.48 -47.04
C MET E 90 -7.63 -10.21 -47.87
N SER E 91 -7.89 -9.10 -47.18
CA SER E 91 -7.97 -7.79 -47.79
C SER E 91 -6.98 -6.86 -47.10
N PHE E 92 -6.25 -6.06 -47.89
CA PHE E 92 -5.22 -5.21 -47.35
C PHE E 92 -5.29 -3.83 -48.00
N ALA E 93 -4.76 -2.83 -47.29
CA ALA E 93 -4.74 -1.45 -47.75
C ALA E 93 -3.29 -0.97 -47.82
N LYS E 94 -2.96 -0.25 -48.89
CA LYS E 94 -1.61 0.27 -49.08
C LYS E 94 -1.43 1.57 -48.32
N ILE E 95 -0.29 1.72 -47.64
CA ILE E 95 -0.03 2.93 -46.88
C ILE E 95 0.73 3.93 -47.74
N THR E 96 0.34 5.20 -47.62
CA THR E 96 0.88 6.26 -48.47
C THR E 96 2.08 6.97 -47.85
N GLY E 97 1.90 7.58 -46.67
CA GLY E 97 2.96 8.37 -46.08
C GLY E 97 3.02 8.16 -44.58
N TRP E 98 4.06 8.72 -43.97
CA TRP E 98 4.33 8.59 -42.54
C TRP E 98 4.71 9.94 -41.94
N THR E 99 4.47 10.07 -40.64
CA THR E 99 4.78 11.28 -39.89
C THR E 99 5.51 10.91 -38.61
N GLU E 100 6.59 11.63 -38.32
CA GLU E 100 7.47 11.32 -37.21
C GLU E 100 7.10 12.11 -35.96
N ILE E 101 7.07 11.40 -34.83
CA ILE E 101 6.89 12.05 -33.52
C ILE E 101 8.11 12.91 -33.22
N PRO E 102 7.94 14.12 -32.68
CA PRO E 102 9.11 15.02 -32.54
C PRO E 102 10.23 14.48 -31.68
N CYS E 103 9.98 14.20 -30.40
CA CYS E 103 11.08 13.86 -29.50
C CYS E 103 10.55 12.92 -28.41
N VAL E 104 10.71 11.63 -28.61
CA VAL E 104 10.29 10.64 -27.62
C VAL E 104 11.32 10.58 -26.51
N GLN E 105 10.86 10.69 -25.27
CA GLN E 105 11.74 10.68 -24.11
C GLN E 105 11.53 9.50 -23.19
N GLU E 106 10.41 8.78 -23.32
CA GLU E 106 10.12 7.64 -22.46
C GLU E 106 9.16 6.71 -23.17
N ILE E 107 9.44 5.41 -23.12
CA ILE E 107 8.57 4.38 -23.68
C ILE E 107 8.26 3.37 -22.59
N GLY E 108 6.98 3.15 -22.33
CA GLY E 108 6.56 2.21 -21.31
C GLY E 108 5.45 1.32 -21.80
N GLN E 109 5.44 0.09 -21.32
CA GLN E 109 4.45 -0.91 -21.71
C GLN E 109 3.77 -1.44 -20.46
N ASP E 110 2.50 -1.80 -20.60
CA ASP E 110 1.70 -2.35 -19.51
C ASP E 110 0.70 -3.32 -20.10
N GLY E 111 0.73 -4.56 -19.64
CA GLY E 111 -0.18 -5.58 -20.12
C GLY E 111 0.52 -6.92 -20.19
N GLY E 112 -0.03 -7.81 -21.00
CA GLY E 112 0.48 -9.15 -21.11
C GLY E 112 -0.13 -10.07 -20.06
N GLU E 113 0.63 -11.14 -19.75
CA GLU E 113 0.28 -12.13 -18.73
C GLU E 113 -0.89 -12.99 -19.18
N GLN E 114 -0.84 -14.28 -18.87
CA GLN E 114 -1.86 -15.23 -19.29
C GLN E 114 -2.79 -15.50 -18.11
N GLN E 115 -4.09 -15.40 -18.35
CA GLN E 115 -5.07 -15.72 -17.32
C GLN E 115 -5.34 -17.22 -17.28
N TYR E 116 -5.69 -17.70 -16.10
CA TYR E 116 -5.87 -19.12 -15.86
C TYR E 116 -7.22 -19.38 -15.21
N TYR E 117 -7.72 -20.60 -15.37
CA TYR E 117 -8.92 -21.07 -14.71
C TYR E 117 -8.54 -22.25 -13.81
N THR E 118 -8.93 -22.17 -12.54
CA THR E 118 -8.50 -23.14 -11.53
C THR E 118 -9.66 -24.03 -11.12
N TYR E 119 -9.37 -25.32 -10.96
CA TYR E 119 -10.36 -26.29 -10.50
C TYR E 119 -9.64 -27.38 -9.73
N GLN E 120 -10.39 -28.11 -8.92
CA GLN E 120 -9.83 -29.23 -8.17
C GLN E 120 -10.93 -30.26 -7.93
N CYS E 121 -10.61 -31.52 -8.25
CA CYS E 121 -11.55 -32.61 -8.08
C CYS E 121 -11.21 -33.35 -6.79
N LEU E 122 -12.13 -34.24 -6.37
CA LEU E 122 -11.90 -35.04 -5.19
C LEU E 122 -10.69 -35.97 -5.39
N SER E 123 -10.57 -36.54 -6.59
CA SER E 123 -9.46 -37.43 -6.89
C SER E 123 -8.13 -36.71 -6.96
N ASP E 124 -8.12 -35.45 -7.41
CA ASP E 124 -6.88 -34.70 -7.55
C ASP E 124 -6.28 -34.39 -6.18
N ASP E 125 -4.95 -34.47 -6.10
CA ASP E 125 -4.26 -34.17 -4.85
C ASP E 125 -3.89 -32.69 -4.75
N LYS E 126 -3.67 -32.04 -5.89
CA LYS E 126 -3.32 -30.63 -5.93
C LYS E 126 -4.19 -29.90 -6.93
N GLU E 127 -4.30 -28.58 -6.73
CA GLU E 127 -5.11 -27.76 -7.63
C GLU E 127 -4.51 -27.74 -9.03
N GLN E 128 -5.37 -27.85 -10.04
CA GLN E 128 -4.95 -27.88 -11.43
C GLN E 128 -5.47 -26.64 -12.15
N GLN E 129 -4.76 -26.26 -13.21
CA GLN E 129 -5.06 -25.05 -13.96
C GLN E 129 -5.06 -25.34 -15.45
N ILE E 130 -5.90 -24.60 -16.17
CA ILE E 130 -5.92 -24.65 -17.64
C ILE E 130 -5.95 -23.22 -18.17
N PRO E 131 -5.17 -22.90 -19.20
CA PRO E 131 -5.16 -21.53 -19.72
C PRO E 131 -6.47 -21.17 -20.40
N THR E 132 -6.83 -19.89 -20.33
CA THR E 132 -8.05 -19.41 -20.98
C THR E 132 -7.74 -18.41 -22.09
N PHE E 133 -7.00 -17.33 -21.82
CA PHE E 133 -6.66 -16.35 -22.84
C PHE E 133 -5.61 -15.40 -22.29
N LYS E 134 -5.03 -14.60 -23.19
CA LYS E 134 -3.99 -13.65 -22.85
C LYS E 134 -4.58 -12.24 -22.81
N SER E 135 -4.14 -11.46 -21.84
CA SER E 135 -4.68 -10.11 -21.67
C SER E 135 -4.13 -9.17 -22.75
N ALA E 136 -4.70 -7.97 -22.80
CA ALA E 136 -4.31 -6.98 -23.78
C ALA E 136 -3.04 -6.24 -23.33
N VAL E 137 -2.45 -5.51 -24.26
CA VAL E 137 -1.22 -4.76 -24.02
C VAL E 137 -1.42 -3.33 -24.50
N SER E 138 -0.99 -2.37 -23.67
CA SER E 138 -1.07 -0.96 -24.00
C SER E 138 0.30 -0.31 -23.89
N LEU E 139 0.62 0.59 -24.81
CA LEU E 139 1.90 1.27 -24.85
C LEU E 139 1.68 2.77 -24.67
N THR E 140 2.63 3.42 -24.00
CA THR E 140 2.56 4.86 -23.76
C THR E 140 3.85 5.52 -24.25
N TYR E 141 3.70 6.68 -24.89
CA TYR E 141 4.83 7.47 -25.35
C TYR E 141 4.71 8.88 -24.81
N THR E 142 5.84 9.47 -24.44
CA THR E 142 5.90 10.83 -23.95
C THR E 142 6.84 11.64 -24.84
N PHE E 143 6.35 12.78 -25.34
CA PHE E 143 7.16 13.61 -26.22
C PHE E 143 6.96 15.08 -25.86
N ALA E 144 7.86 15.90 -26.39
CA ALA E 144 7.88 17.32 -26.05
C ALA E 144 6.70 18.06 -26.67
N HIS E 145 6.46 19.27 -26.17
CA HIS E 145 5.29 20.05 -26.55
C HIS E 145 5.67 21.12 -27.56
N GLU E 146 5.08 21.05 -28.75
CA GLU E 146 5.24 22.06 -29.80
C GLU E 146 3.89 22.22 -30.47
N PHE E 147 3.23 23.36 -30.26
CA PHE E 147 1.84 23.50 -30.71
C PHE E 147 1.75 23.76 -32.20
N ASP E 148 2.87 24.04 -32.87
CA ASP E 148 2.86 24.21 -34.31
C ASP E 148 3.12 22.93 -35.08
N ASN E 149 3.46 21.85 -34.38
CA ASN E 149 3.81 20.60 -35.05
C ASN E 149 2.59 20.04 -35.79
N PRO E 150 2.69 19.75 -37.08
CA PRO E 150 1.53 19.24 -37.82
C PRO E 150 1.01 17.90 -37.31
N ILE E 151 1.78 17.19 -36.48
CA ILE E 151 1.32 15.89 -36.00
C ILE E 151 0.11 16.03 -35.08
N TYR E 152 -0.05 17.21 -34.46
CA TYR E 152 -1.15 17.39 -33.51
C TYR E 152 -2.54 17.29 -34.15
N PRO E 153 -2.85 17.98 -35.25
CA PRO E 153 -4.18 17.77 -35.86
C PRO E 153 -4.40 16.35 -36.33
N ILE E 154 -3.36 15.70 -36.86
CA ILE E 154 -3.49 14.32 -37.33
C ILE E 154 -3.82 13.39 -36.17
N LEU E 155 -3.10 13.54 -35.07
CA LEU E 155 -3.35 12.70 -33.91
C LEU E 155 -4.72 12.97 -33.32
N ARG E 156 -5.13 14.23 -33.28
CA ARG E 156 -6.46 14.55 -32.76
C ARG E 156 -7.55 13.94 -33.63
N LYS E 157 -7.40 14.01 -34.95
CA LYS E 157 -8.36 13.40 -35.85
C LYS E 157 -8.41 11.89 -35.68
N LEU E 158 -7.24 11.26 -35.54
CA LEU E 158 -7.20 9.81 -35.37
C LEU E 158 -7.84 9.41 -34.04
N ASP E 159 -7.68 10.23 -33.00
CA ASP E 159 -8.31 9.94 -31.72
C ASP E 159 -9.82 10.13 -31.80
N SER E 160 -10.29 11.11 -32.59
CA SER E 160 -11.71 11.39 -32.65
C SER E 160 -12.51 10.19 -33.14
N SER E 161 -12.08 9.59 -34.25
CA SER E 161 -12.76 8.44 -34.84
C SER E 161 -11.83 7.23 -34.72
N GLY E 162 -12.25 6.25 -33.91
CA GLY E 162 -11.42 5.08 -33.69
C GLY E 162 -11.10 4.31 -34.95
N GLN E 163 -9.82 4.17 -35.25
CA GLN E 163 -9.37 3.45 -36.43
C GLN E 163 -8.07 2.76 -36.11
N VAL E 164 -7.91 1.55 -36.64
CA VAL E 164 -6.72 0.75 -36.35
C VAL E 164 -5.60 1.17 -37.29
N THR E 165 -4.83 2.18 -36.88
CA THR E 165 -3.75 2.69 -37.69
C THR E 165 -2.48 1.86 -37.48
N ALA E 166 -1.45 2.17 -38.26
CA ALA E 166 -0.20 1.43 -38.26
C ALA E 166 0.93 2.32 -37.74
N VAL E 167 1.83 1.73 -36.95
CA VAL E 167 2.94 2.45 -36.35
C VAL E 167 4.23 1.71 -36.68
N ARG E 168 5.26 2.46 -37.05
CA ARG E 168 6.57 1.91 -37.37
C ARG E 168 7.64 2.61 -36.55
N MET E 169 8.62 1.85 -36.08
CA MET E 169 9.76 2.41 -35.38
C MET E 169 11.02 1.66 -35.81
N TYR E 170 12.06 2.41 -36.17
CA TYR E 170 13.23 1.87 -36.84
C TYR E 170 14.46 2.03 -35.96
N VAL E 171 15.15 0.93 -35.70
CA VAL E 171 16.34 0.93 -34.86
C VAL E 171 17.56 0.81 -35.77
N PRO E 172 18.43 1.82 -35.83
CA PRO E 172 19.53 1.78 -36.81
C PRO E 172 20.68 0.88 -36.41
N LYS E 173 20.92 0.67 -35.11
CA LYS E 173 22.08 -0.09 -34.68
C LYS E 173 22.01 -1.54 -35.15
N ALA E 174 20.83 -2.15 -35.09
CA ALA E 174 20.63 -3.52 -35.56
C ALA E 174 19.99 -3.58 -36.93
N SER E 175 19.67 -2.43 -37.53
CA SER E 175 19.01 -2.38 -38.83
C SER E 175 17.73 -3.20 -38.84
N GLU E 176 16.91 -3.01 -37.80
CA GLU E 176 15.68 -3.78 -37.61
C GLU E 176 14.49 -2.82 -37.64
N MET E 177 13.39 -3.28 -38.23
CA MET E 177 12.16 -2.51 -38.34
C MET E 177 11.04 -3.25 -37.62
N ARG E 178 10.39 -2.58 -36.68
CA ARG E 178 9.31 -3.21 -35.93
C ARG E 178 7.98 -2.51 -36.19
N MET E 179 6.97 -3.27 -36.59
CA MET E 179 5.68 -2.66 -36.91
C MET E 179 4.52 -3.28 -36.14
N TRP E 180 3.51 -2.49 -35.85
CA TRP E 180 2.32 -2.99 -35.17
C TRP E 180 1.17 -2.03 -35.42
N ALA E 181 -0.04 -2.49 -35.13
CA ALA E 181 -1.25 -1.72 -35.38
C ALA E 181 -2.07 -1.61 -34.09
N GLY E 182 -2.77 -0.50 -33.94
CA GLY E 182 -3.59 -0.31 -32.75
C GLY E 182 -4.34 1.01 -32.81
N ILE E 183 -5.13 1.25 -31.77
CA ILE E 183 -5.92 2.47 -31.64
C ILE E 183 -5.12 3.50 -30.86
N LEU E 184 -5.23 4.77 -31.26
CA LEU E 184 -4.48 5.85 -30.65
C LEU E 184 -5.44 6.77 -29.89
N SER E 185 -5.15 6.98 -28.60
CA SER E 185 -5.86 7.95 -27.78
C SER E 185 -4.85 8.98 -27.31
N PHE E 186 -5.07 10.24 -27.68
CA PHE E 186 -4.05 11.28 -27.55
C PHE E 186 -4.49 12.31 -26.52
N ASN E 187 -3.81 12.33 -25.38
CA ASN E 187 -3.93 13.43 -24.44
C ASN E 187 -3.17 14.64 -24.97
N ASP E 188 -3.58 15.84 -24.54
CA ASP E 188 -2.93 17.05 -25.00
C ASP E 188 -2.68 18.11 -23.94
N ILE E 189 -3.11 17.87 -22.69
CA ILE E 189 -2.81 18.87 -21.65
C ILE E 189 -1.34 18.75 -21.27
N PRO E 190 -0.54 19.80 -21.42
CA PRO E 190 0.89 19.69 -21.15
C PRO E 190 1.24 19.95 -19.69
N SER E 191 1.98 19.04 -19.07
CA SER E 191 2.43 19.23 -17.71
C SER E 191 3.64 20.17 -17.69
N THR E 192 3.57 21.16 -16.80
CA THR E 192 4.60 22.20 -16.74
C THR E 192 5.27 22.16 -15.38
N GLN E 193 6.60 22.27 -15.39
CA GLN E 193 7.36 22.36 -14.15
C GLN E 193 8.55 23.28 -14.40
N VAL E 194 8.83 24.15 -13.43
CA VAL E 194 9.87 25.15 -13.60
C VAL E 194 11.22 24.46 -13.78
N ASN E 195 12.04 25.02 -14.69
CA ASN E 195 13.35 24.48 -15.03
C ASN E 195 13.25 23.08 -15.63
N GLU E 196 12.15 22.79 -16.31
CA GLU E 196 11.96 21.50 -16.97
C GLU E 196 11.07 21.70 -18.18
N MET E 197 11.36 20.96 -19.24
CA MET E 197 10.58 21.07 -20.46
C MET E 197 9.19 20.46 -20.28
N GLU E 198 8.24 20.96 -21.05
CA GLU E 198 6.86 20.49 -21.01
C GLU E 198 6.71 19.25 -21.89
N THR E 199 5.84 18.33 -21.44
CA THR E 199 5.65 17.06 -22.12
C THR E 199 4.18 16.78 -22.36
N VAL E 200 3.91 16.01 -23.41
CA VAL E 200 2.59 15.52 -23.75
C VAL E 200 2.69 14.02 -23.93
N GLU E 201 1.60 13.31 -23.59
CA GLU E 201 1.63 11.85 -23.55
C GLU E 201 0.63 11.26 -24.52
N LEU E 202 1.03 10.15 -25.14
CA LEU E 202 0.21 9.43 -26.12
C LEU E 202 0.12 7.97 -25.71
N ALA E 203 -1.00 7.34 -26.04
CA ALA E 203 -1.25 5.94 -25.68
C ALA E 203 -1.73 5.16 -26.90
N VAL E 204 -1.31 3.89 -26.97
CA VAL E 204 -1.69 3.00 -28.06
C VAL E 204 -2.21 1.70 -27.46
N SER E 205 -3.35 1.24 -27.95
CA SER E 205 -3.93 -0.04 -27.52
C SER E 205 -3.65 -1.07 -28.61
N LEU E 206 -2.84 -2.07 -28.28
CA LEU E 206 -2.38 -3.03 -29.28
C LEU E 206 -3.53 -3.87 -29.80
N LYS E 207 -3.51 -4.12 -31.11
CA LYS E 207 -4.53 -4.93 -31.77
C LYS E 207 -3.96 -6.09 -32.57
N GLY E 208 -2.65 -6.25 -32.60
CA GLY E 208 -2.03 -7.29 -33.41
C GLY E 208 -0.81 -7.87 -32.73
N ASP E 209 0.14 -8.29 -33.54
CA ASP E 209 1.40 -8.84 -33.06
C ASP E 209 2.58 -8.13 -33.70
N PHE E 210 3.69 -8.06 -32.96
CA PHE E 210 4.87 -7.36 -33.44
C PHE E 210 5.53 -8.14 -34.58
N THR E 211 6.01 -7.40 -35.57
CA THR E 211 6.72 -7.97 -36.71
C THR E 211 8.16 -7.46 -36.71
N PHE E 212 9.12 -8.39 -36.77
CA PHE E 212 10.53 -8.05 -36.77
C PHE E 212 11.11 -8.39 -38.14
N ILE E 213 11.68 -7.40 -38.82
CA ILE E 213 12.30 -7.60 -40.12
C ILE E 213 13.64 -6.87 -40.16
N SER E 214 14.44 -7.20 -41.16
CA SER E 214 15.69 -6.47 -41.38
C SER E 214 15.43 -5.25 -42.26
N SER E 215 16.26 -4.22 -42.08
CA SER E 215 16.08 -2.99 -42.83
C SER E 215 16.54 -3.12 -44.28
N THR E 216 17.22 -4.22 -44.63
CA THR E 216 17.68 -4.39 -46.01
C THR E 216 16.50 -4.54 -46.97
N LEU E 217 15.39 -5.08 -46.48
CA LEU E 217 14.20 -5.22 -47.33
C LEU E 217 13.68 -3.86 -47.76
N ALA E 218 13.66 -2.90 -46.84
CA ALA E 218 13.24 -1.52 -47.12
C ALA E 218 11.84 -1.44 -47.71
N HIS F 2 12.71 25.74 -25.55
CA HIS F 2 11.41 25.98 -24.93
C HIS F 2 11.43 25.68 -23.44
N LEU F 3 11.20 26.72 -22.62
CA LEU F 3 11.18 26.57 -21.18
C LEU F 3 9.94 27.27 -20.63
N PRO F 4 9.31 26.75 -19.58
CA PRO F 4 8.08 27.36 -19.07
C PRO F 4 8.32 28.56 -18.16
N ASN F 5 9.56 28.98 -17.97
CA ASN F 5 9.83 30.09 -17.07
C ASN F 5 9.20 31.38 -17.58
N GLY F 6 8.67 32.17 -16.66
CA GLY F 6 8.11 33.46 -16.97
C GLY F 6 6.62 33.46 -17.27
N ALA F 7 5.98 32.30 -17.32
CA ALA F 7 4.54 32.24 -17.60
C ALA F 7 3.73 32.71 -16.41
N GLN F 8 2.62 33.39 -16.70
CA GLN F 8 1.75 33.94 -15.66
C GLN F 8 0.31 33.61 -16.00
N ILE F 9 -0.49 33.40 -14.94
CA ILE F 9 -1.86 32.88 -15.06
C ILE F 9 -2.83 33.94 -14.56
N PHE F 10 -3.87 34.19 -15.35
CA PHE F 10 -4.93 35.14 -15.00
C PHE F 10 -6.27 34.42 -14.91
N VAL F 11 -7.22 35.07 -14.24
CA VAL F 11 -8.58 34.57 -14.14
C VAL F 11 -9.56 35.67 -14.52
N GLU F 12 -10.75 35.27 -14.93
CA GLU F 12 -11.79 36.21 -15.32
C GLU F 12 -12.28 37.01 -14.11
N THR F 13 -12.58 38.28 -14.34
CA THR F 13 -13.13 39.16 -13.31
C THR F 13 -14.60 39.50 -13.55
N SER F 14 -14.96 39.89 -14.76
CA SER F 14 -16.35 40.25 -15.06
C SER F 14 -16.62 39.95 -16.53
N ARG F 15 -17.91 39.82 -16.86
CA ARG F 15 -18.32 39.52 -18.22
C ARG F 15 -19.52 40.37 -18.58
N GLY F 16 -19.69 40.61 -19.88
CA GLY F 16 -20.76 41.46 -20.37
C GLY F 16 -22.07 40.71 -20.58
N VAL F 17 -23.02 41.40 -21.21
CA VAL F 17 -24.32 40.80 -21.50
C VAL F 17 -24.19 39.79 -22.62
N GLU F 18 -25.21 38.93 -22.74
CA GLU F 18 -25.20 37.88 -23.74
C GLU F 18 -25.31 38.43 -25.15
N VAL F 19 -24.68 37.73 -26.09
CA VAL F 19 -24.76 38.04 -27.51
C VAL F 19 -25.18 36.78 -28.24
N GLU F 20 -26.14 36.91 -29.16
CA GLU F 20 -26.72 35.77 -29.86
C GLU F 20 -26.20 35.74 -31.29
N ALA F 21 -25.78 34.56 -31.74
CA ALA F 21 -25.32 34.36 -33.11
C ALA F 21 -26.35 33.51 -33.85
N THR F 22 -26.94 34.08 -34.90
CA THR F 22 -28.00 33.38 -35.63
C THR F 22 -27.43 32.23 -36.46
N ALA F 23 -26.36 32.50 -37.19
CA ALA F 23 -25.81 31.53 -38.14
C ALA F 23 -24.30 31.45 -37.99
N ILE F 24 -23.75 30.24 -38.19
CA ILE F 24 -22.32 29.99 -38.10
C ILE F 24 -21.89 29.21 -39.33
N THR F 25 -20.84 29.68 -40.00
CA THR F 25 -20.24 28.93 -41.08
C THR F 25 -19.36 27.81 -40.52
N ASN F 26 -19.24 26.73 -41.28
CA ASN F 26 -18.46 25.57 -40.86
C ASN F 26 -17.27 25.34 -41.81
N ALA F 27 -16.18 26.06 -41.53
CA ALA F 27 -14.91 25.89 -42.22
C ALA F 27 -13.88 26.76 -41.54
N GLU F 28 -12.66 26.21 -41.39
CA GLU F 28 -11.52 26.90 -40.77
C GLU F 28 -11.92 27.77 -39.59
N ASN F 29 -11.86 29.09 -39.77
CA ASN F 29 -12.27 30.02 -38.73
C ASN F 29 -13.79 30.22 -38.79
N PRO F 30 -14.54 29.84 -37.77
CA PRO F 30 -15.99 30.06 -37.81
C PRO F 30 -16.33 31.54 -37.88
N VAL F 31 -17.41 31.84 -38.58
CA VAL F 31 -17.91 33.20 -38.74
C VAL F 31 -19.32 33.27 -38.15
N ALA F 32 -19.53 34.22 -37.24
CA ALA F 32 -20.82 34.39 -36.58
C ALA F 32 -21.51 35.62 -37.17
N THR F 33 -22.75 35.42 -37.63
CA THR F 33 -23.54 36.50 -38.24
C THR F 33 -24.40 37.12 -37.15
N VAL F 34 -23.90 38.16 -36.49
CA VAL F 34 -24.58 38.83 -35.40
C VAL F 34 -24.94 40.23 -35.85
N ALA F 35 -26.23 40.56 -35.80
CA ALA F 35 -26.68 41.88 -36.23
C ALA F 35 -26.33 42.93 -35.19
N SER F 36 -25.65 43.99 -35.63
CA SER F 36 -25.31 45.14 -34.79
C SER F 36 -24.51 44.71 -33.56
N LYS F 37 -23.30 44.24 -33.84
CA LYS F 37 -22.43 43.78 -32.76
C LYS F 37 -22.09 44.94 -31.82
N GLY F 38 -21.98 44.63 -30.53
CA GLY F 38 -21.73 45.64 -29.52
C GLY F 38 -20.36 45.56 -28.90
N ASP F 39 -19.50 46.52 -29.23
CA ASP F 39 -18.16 46.66 -28.65
C ASP F 39 -17.34 45.39 -28.82
N LEU F 40 -17.40 44.75 -30.00
CA LEU F 40 -16.62 43.55 -30.27
C LEU F 40 -15.39 43.91 -31.09
N ALA F 41 -14.43 44.56 -30.43
CA ALA F 41 -13.21 44.98 -31.08
C ALA F 41 -12.27 43.79 -31.28
N LYS F 42 -11.25 44.02 -32.10
CA LYS F 42 -10.27 42.99 -32.40
C LYS F 42 -9.44 42.64 -31.16
N GLY F 43 -9.11 41.36 -31.04
CA GLY F 43 -8.33 40.87 -29.92
C GLY F 43 -9.12 40.59 -28.66
N ASP F 44 -10.44 40.64 -28.72
CA ASP F 44 -11.25 40.45 -27.52
C ASP F 44 -11.35 38.96 -27.18
N TYR F 45 -11.70 38.70 -25.91
CA TYR F 45 -11.85 37.36 -25.39
C TYR F 45 -13.31 37.10 -25.06
N VAL F 46 -13.87 36.03 -25.61
CA VAL F 46 -15.28 35.70 -25.45
C VAL F 46 -15.42 34.24 -25.05
N ILE F 47 -16.35 33.96 -24.15
CA ILE F 47 -16.65 32.61 -23.70
C ILE F 47 -18.01 32.20 -24.26
N VAL F 48 -18.10 30.96 -24.72
CA VAL F 48 -19.36 30.41 -25.25
C VAL F 48 -20.13 29.85 -24.07
N THR F 49 -21.41 30.21 -23.95
CA THR F 49 -22.19 29.76 -22.80
C THR F 49 -23.16 28.64 -23.19
N GLN F 50 -23.66 28.65 -24.42
CA GLN F 50 -24.57 27.61 -24.87
C GLN F 50 -24.52 27.51 -26.38
N SER F 51 -24.81 26.31 -26.89
CA SER F 51 -24.82 26.05 -28.32
C SER F 51 -25.44 24.68 -28.55
N THR F 52 -25.74 24.38 -29.81
CA THR F 52 -26.31 23.09 -30.20
C THR F 52 -25.35 22.27 -31.05
N TRP F 53 -24.06 22.61 -31.05
CA TRP F 53 -23.08 21.91 -31.85
C TRP F 53 -22.22 20.96 -31.04
N ALA F 54 -22.76 20.40 -29.96
CA ALA F 54 -22.10 19.37 -29.17
C ALA F 54 -20.81 19.90 -28.54
N LYS F 55 -19.79 20.14 -29.37
CA LYS F 55 -18.55 20.74 -28.89
C LYS F 55 -18.73 22.25 -28.76
N MET F 56 -17.64 22.94 -28.43
CA MET F 56 -17.61 24.40 -28.37
C MET F 56 -18.60 24.94 -27.34
N VAL F 57 -19.07 24.08 -26.43
CA VAL F 57 -20.05 24.51 -25.45
C VAL F 57 -19.43 25.52 -24.48
N SER F 58 -18.22 25.25 -23.98
CA SER F 58 -17.60 26.12 -22.97
C SER F 58 -16.13 26.35 -23.32
N ARG F 59 -15.85 26.72 -24.57
CA ARG F 59 -14.49 26.96 -25.00
C ARG F 59 -14.29 28.44 -25.32
N VAL F 60 -13.14 28.97 -24.92
CA VAL F 60 -12.85 30.39 -25.11
C VAL F 60 -12.20 30.62 -26.46
N LEU F 61 -12.67 31.64 -27.17
CA LEU F 61 -12.22 31.95 -28.52
C LEU F 61 -11.82 33.41 -28.62
N ILE F 62 -11.28 33.79 -29.79
CA ILE F 62 -10.85 35.16 -30.07
C ILE F 62 -11.50 35.61 -31.38
N VAL F 63 -11.96 36.86 -31.40
CA VAL F 63 -12.49 37.47 -32.61
C VAL F 63 -11.33 38.15 -33.32
N THR F 64 -11.28 38.00 -34.64
CA THR F 64 -10.24 38.68 -35.41
C THR F 64 -10.82 39.79 -36.27
N ASP F 65 -12.06 39.64 -36.72
CA ASP F 65 -12.74 40.65 -37.51
C ASP F 65 -13.87 41.27 -36.70
N ALA F 66 -13.98 42.59 -36.78
CA ALA F 66 -14.99 43.35 -36.03
C ALA F 66 -16.06 43.90 -36.98
N GLN F 67 -16.45 43.10 -37.97
CA GLN F 67 -17.42 43.57 -38.95
C GLN F 67 -18.78 43.79 -38.28
N GLU F 68 -19.58 44.68 -38.89
CA GLU F 68 -20.82 45.13 -38.26
C GLU F 68 -21.78 43.97 -38.04
N THR F 69 -21.92 43.09 -39.03
CA THR F 69 -22.91 42.02 -38.96
C THR F 69 -22.31 40.63 -38.97
N SER F 70 -21.01 40.47 -39.28
CA SER F 70 -20.39 39.15 -39.42
C SER F 70 -19.04 39.17 -38.70
N ILE F 71 -19.05 38.80 -37.42
CA ILE F 71 -17.81 38.64 -36.68
C ILE F 71 -17.22 37.27 -37.00
N THR F 72 -15.89 37.19 -37.04
CA THR F 72 -15.18 35.95 -37.35
C THR F 72 -14.49 35.44 -36.09
N LEU F 73 -15.12 34.48 -35.42
CA LEU F 73 -14.57 33.86 -34.21
C LEU F 73 -13.51 32.86 -34.62
N ALA F 74 -12.32 33.38 -34.90
CA ALA F 74 -11.24 32.55 -35.43
C ALA F 74 -10.83 31.50 -34.41
N GLY F 75 -10.49 31.92 -33.18
CA GLY F 75 -10.07 31.02 -32.14
C GLY F 75 -9.07 29.97 -32.59
N ILE F 76 -9.31 28.73 -32.21
CA ILE F 76 -8.50 27.61 -32.69
C ILE F 76 -9.41 26.62 -33.41
N ASP F 77 -10.60 26.40 -32.87
CA ASP F 77 -11.48 25.34 -33.36
C ASP F 77 -11.80 25.51 -34.84
N THR F 78 -11.74 24.39 -35.56
CA THR F 78 -12.16 24.33 -36.95
C THR F 78 -13.41 23.47 -37.04
N SER F 79 -14.48 24.06 -37.57
CA SER F 79 -15.76 23.38 -37.69
C SER F 79 -15.99 22.77 -39.06
N ASP F 80 -14.92 22.62 -39.86
CA ASP F 80 -15.05 22.09 -41.20
C ASP F 80 -15.57 20.65 -41.19
N THR F 81 -15.29 19.91 -40.12
CA THR F 81 -15.72 18.52 -40.05
C THR F 81 -17.24 18.41 -40.05
N LEU F 82 -17.74 17.29 -40.57
CA LEU F 82 -19.18 17.11 -40.70
C LEU F 82 -19.83 16.85 -39.34
N VAL F 83 -19.03 16.63 -38.30
CA VAL F 83 -19.54 16.35 -36.96
C VAL F 83 -20.45 17.49 -36.53
N PHE F 84 -20.05 18.72 -36.85
CA PHE F 84 -20.91 19.86 -36.61
C PHE F 84 -21.91 19.97 -37.75
N PRO F 85 -23.21 19.84 -37.48
CA PRO F 85 -24.19 19.88 -38.57
C PRO F 85 -24.35 21.28 -39.14
N ALA F 86 -25.19 21.38 -40.17
CA ALA F 86 -25.40 22.64 -40.87
C ALA F 86 -26.00 23.70 -39.94
N GLY F 87 -27.24 23.48 -39.51
CA GLY F 87 -27.90 24.45 -38.66
C GLY F 87 -27.26 24.51 -37.29
N GLY F 88 -26.92 25.72 -36.85
CA GLY F 88 -26.26 25.90 -35.57
C GLY F 88 -26.48 27.26 -34.94
N THR F 89 -26.72 27.27 -33.64
CA THR F 89 -26.91 28.49 -32.87
C THR F 89 -25.84 28.58 -31.79
N MET F 90 -25.54 29.81 -31.37
CA MET F 90 -24.52 30.02 -30.36
C MET F 90 -24.84 31.28 -29.57
N SER F 91 -24.37 31.30 -28.32
CA SER F 91 -24.46 32.47 -27.46
C SER F 91 -23.13 32.62 -26.72
N PHE F 92 -22.58 33.83 -26.72
CA PHE F 92 -21.29 34.07 -26.11
C PHE F 92 -21.29 35.41 -25.38
N ALA F 93 -20.47 35.49 -24.34
CA ALA F 93 -20.33 36.69 -23.52
C ALA F 93 -18.88 37.13 -23.53
N LYS F 94 -18.66 38.45 -23.65
CA LYS F 94 -17.31 38.97 -23.75
C LYS F 94 -16.73 39.23 -22.37
N ILE F 95 -15.43 38.95 -22.21
CA ILE F 95 -14.76 39.17 -20.94
C ILE F 95 -14.22 40.60 -20.87
N THR F 96 -14.24 41.17 -19.67
CA THR F 96 -13.84 42.57 -19.47
C THR F 96 -12.42 42.71 -18.94
N GLY F 97 -12.12 42.11 -17.79
CA GLY F 97 -10.82 42.28 -17.16
C GLY F 97 -10.29 40.99 -16.61
N TRP F 98 -9.02 41.02 -16.21
CA TRP F 98 -8.33 39.84 -15.72
C TRP F 98 -7.56 40.17 -14.46
N THR F 99 -7.34 39.14 -13.62
CA THR F 99 -6.59 39.27 -12.39
C THR F 99 -5.58 38.15 -12.31
N GLU F 100 -4.34 38.48 -11.94
CA GLU F 100 -3.23 37.55 -11.98
C GLU F 100 -2.96 36.95 -10.60
N ILE F 101 -2.77 35.64 -10.58
CA ILE F 101 -2.40 34.93 -9.35
C ILE F 101 -1.00 35.37 -8.91
N PRO F 102 -0.79 35.63 -7.62
CA PRO F 102 0.49 36.26 -7.21
C PRO F 102 1.74 35.46 -7.57
N CYS F 103 1.87 34.23 -7.08
CA CYS F 103 3.13 33.50 -7.27
C CYS F 103 2.83 31.99 -7.31
N VAL F 104 2.66 31.47 -8.53
CA VAL F 104 2.44 30.03 -8.69
C VAL F 104 3.74 29.28 -8.53
N GLN F 105 3.75 28.29 -7.65
CA GLN F 105 4.94 27.51 -7.37
C GLN F 105 4.84 26.06 -7.81
N GLU F 106 3.64 25.55 -8.07
CA GLU F 106 3.46 24.16 -8.44
C GLU F 106 2.16 24.01 -9.22
N ILE F 107 2.22 23.23 -10.29
CA ILE F 107 1.05 22.95 -11.13
C ILE F 107 0.92 21.44 -11.26
N GLY F 108 -0.25 20.91 -10.92
CA GLY F 108 -0.50 19.49 -11.02
C GLY F 108 -1.86 19.22 -11.60
N GLN F 109 -1.95 18.13 -12.36
CA GLN F 109 -3.18 17.73 -13.03
C GLN F 109 -3.51 16.29 -12.68
N ASP F 110 -4.78 16.02 -12.40
CA ASP F 110 -5.28 14.69 -12.10
C ASP F 110 -6.51 14.42 -12.94
N GLY F 111 -6.52 13.28 -13.63
CA GLY F 111 -7.67 12.89 -14.41
C GLY F 111 -7.26 12.34 -15.76
N GLY F 112 -8.23 12.24 -16.65
CA GLY F 112 -7.98 11.68 -17.96
C GLY F 112 -8.38 10.22 -18.04
N GLU F 113 -7.75 9.52 -18.99
CA GLU F 113 -7.91 8.08 -19.20
C GLU F 113 -9.28 7.74 -19.78
N GLN F 114 -9.31 6.81 -20.73
CA GLN F 114 -10.52 6.45 -21.44
C GLN F 114 -11.09 5.17 -20.82
N GLN F 115 -12.35 5.23 -20.39
CA GLN F 115 -12.99 4.07 -19.78
C GLN F 115 -13.54 3.13 -20.86
N TYR F 116 -13.50 1.84 -20.57
CA TYR F 116 -13.92 0.81 -21.52
C TYR F 116 -15.03 -0.02 -20.91
N TYR F 117 -15.71 -0.78 -21.77
CA TYR F 117 -16.70 -1.77 -21.38
C TYR F 117 -16.31 -3.10 -21.99
N THR F 118 -16.26 -4.14 -21.16
CA THR F 118 -15.72 -5.44 -21.56
C THR F 118 -16.83 -6.48 -21.68
N TYR F 119 -16.68 -7.37 -22.65
CA TYR F 119 -17.62 -8.46 -22.88
C TYR F 119 -16.90 -9.58 -23.61
N GLN F 120 -17.51 -10.76 -23.63
CA GLN F 120 -16.94 -11.89 -24.34
C GLN F 120 -18.05 -12.87 -24.69
N CYS F 121 -18.03 -13.36 -25.92
CA CYS F 121 -19.01 -14.31 -26.42
C CYS F 121 -18.38 -15.68 -26.52
N LEU F 122 -19.23 -16.71 -26.66
CA LEU F 122 -18.70 -18.05 -26.85
C LEU F 122 -17.91 -18.19 -28.14
N SER F 123 -18.29 -17.44 -29.17
CA SER F 123 -17.56 -17.45 -30.43
C SER F 123 -16.19 -16.77 -30.34
N ASP F 124 -16.08 -15.72 -29.53
CA ASP F 124 -14.82 -15.01 -29.41
C ASP F 124 -13.78 -15.84 -28.68
N ASP F 125 -12.51 -15.66 -29.06
CA ASP F 125 -11.43 -16.38 -28.40
C ASP F 125 -10.80 -15.54 -27.29
N LYS F 126 -10.87 -14.22 -27.42
CA LYS F 126 -10.31 -13.31 -26.43
C LYS F 126 -11.33 -12.25 -26.06
N GLU F 127 -11.17 -11.68 -24.87
CA GLU F 127 -12.08 -10.64 -24.41
C GLU F 127 -11.98 -9.40 -25.27
N GLN F 128 -13.13 -8.83 -25.60
CA GLN F 128 -13.21 -7.65 -26.45
C GLN F 128 -13.71 -6.45 -25.65
N GLN F 129 -13.33 -5.26 -26.11
CA GLN F 129 -13.64 -4.03 -25.40
C GLN F 129 -14.14 -2.97 -26.38
N ILE F 130 -15.02 -2.10 -25.90
CA ILE F 130 -15.50 -0.96 -26.68
C ILE F 130 -15.44 0.29 -25.79
N PRO F 131 -15.05 1.44 -26.34
CA PRO F 131 -14.97 2.64 -25.51
C PRO F 131 -16.35 3.15 -25.13
N THR F 132 -16.45 3.75 -23.94
CA THR F 132 -17.71 4.29 -23.46
C THR F 132 -17.64 5.81 -23.29
N PHE F 133 -16.67 6.33 -22.54
CA PHE F 133 -16.52 7.77 -22.37
C PHE F 133 -15.19 8.06 -21.69
N LYS F 134 -14.83 9.34 -21.68
CA LYS F 134 -13.57 9.81 -21.11
C LYS F 134 -13.84 10.48 -19.78
N SER F 135 -12.98 10.23 -18.79
CA SER F 135 -13.18 10.78 -17.46
C SER F 135 -12.85 12.27 -17.44
N ALA F 136 -13.15 12.90 -16.30
CA ALA F 136 -12.92 14.33 -16.14
C ALA F 136 -11.47 14.61 -15.77
N VAL F 137 -11.10 15.89 -15.81
CA VAL F 137 -9.76 16.35 -15.50
C VAL F 137 -9.85 17.48 -14.48
N SER F 138 -9.00 17.42 -13.46
CA SER F 138 -8.94 18.45 -12.43
C SER F 138 -7.52 18.98 -12.30
N LEU F 139 -7.39 20.28 -12.13
CA LEU F 139 -6.10 20.95 -12.01
C LEU F 139 -5.99 21.63 -10.66
N THR F 140 -4.79 21.62 -10.08
CA THR F 140 -4.53 22.25 -8.80
C THR F 140 -3.37 23.22 -8.93
N TYR F 141 -3.51 24.39 -8.31
CA TYR F 141 -2.46 25.41 -8.27
C TYR F 141 -2.15 25.76 -6.84
N THR F 142 -0.87 25.99 -6.55
CA THR F 142 -0.41 26.39 -5.23
C THR F 142 0.31 27.72 -5.34
N PHE F 143 -0.10 28.69 -4.55
CA PHE F 143 0.51 30.02 -4.60
C PHE F 143 0.71 30.55 -3.19
N ALA F 144 1.54 31.59 -3.09
CA ALA F 144 1.94 32.13 -1.80
C ALA F 144 0.78 32.85 -1.12
N HIS F 145 0.95 33.10 0.17
CA HIS F 145 -0.10 33.65 1.00
C HIS F 145 0.10 35.15 1.20
N GLU F 146 -0.92 35.93 0.83
CA GLU F 146 -0.93 37.38 1.03
C GLU F 146 -2.36 37.80 1.27
N PHE F 147 -2.72 38.05 2.54
CA PHE F 147 -4.12 38.23 2.88
C PHE F 147 -4.65 39.58 2.40
N ASP F 148 -3.75 40.49 1.99
CA ASP F 148 -4.20 41.77 1.46
C ASP F 148 -4.49 41.72 -0.03
N ASN F 149 -4.14 40.63 -0.71
CA ASN F 149 -4.27 40.55 -2.15
C ASN F 149 -5.74 40.62 -2.55
N PRO F 150 -6.12 41.51 -3.47
CA PRO F 150 -7.54 41.60 -3.86
C PRO F 150 -8.09 40.36 -4.53
N ILE F 151 -7.23 39.41 -4.93
CA ILE F 151 -7.71 38.22 -5.61
C ILE F 151 -8.54 37.35 -4.67
N TYR F 152 -8.29 37.46 -3.37
CA TYR F 152 -8.99 36.60 -2.40
C TYR F 152 -10.49 36.82 -2.37
N PRO F 153 -11.02 38.04 -2.29
CA PRO F 153 -12.48 38.19 -2.39
C PRO F 153 -13.05 37.67 -3.70
N ILE F 154 -12.34 37.86 -4.81
CA ILE F 154 -12.85 37.41 -6.10
C ILE F 154 -12.94 35.89 -6.13
N LEU F 155 -11.90 35.21 -5.66
CA LEU F 155 -11.93 33.74 -5.63
C LEU F 155 -13.00 33.24 -4.67
N ARG F 156 -13.14 33.88 -3.52
CA ARG F 156 -14.17 33.46 -2.57
C ARG F 156 -15.57 33.62 -3.16
N LYS F 157 -15.80 34.73 -3.86
CA LYS F 157 -17.10 34.94 -4.50
C LYS F 157 -17.35 33.91 -5.60
N LEU F 158 -16.35 33.64 -6.43
CA LEU F 158 -16.53 32.68 -7.52
C LEU F 158 -16.72 31.27 -6.97
N ASP F 159 -16.14 30.98 -5.81
CA ASP F 159 -16.34 29.68 -5.21
C ASP F 159 -17.71 29.57 -4.56
N SER F 160 -18.23 30.68 -4.04
CA SER F 160 -19.53 30.66 -3.37
C SER F 160 -20.63 30.22 -4.33
N SER F 161 -20.72 30.86 -5.49
CA SER F 161 -21.74 30.54 -6.50
C SER F 161 -21.03 29.88 -7.67
N GLY F 162 -21.41 28.63 -7.95
CA GLY F 162 -20.80 27.90 -9.05
C GLY F 162 -20.99 28.57 -10.38
N GLN F 163 -19.89 28.90 -11.04
CA GLN F 163 -19.93 29.57 -12.34
C GLN F 163 -18.74 29.12 -13.16
N VAL F 164 -18.97 28.90 -14.44
CA VAL F 164 -17.91 28.41 -15.33
C VAL F 164 -17.08 29.61 -15.80
N THR F 165 -16.06 29.97 -15.01
CA THR F 165 -15.22 31.10 -15.34
C THR F 165 -14.18 30.72 -16.38
N ALA F 166 -13.41 31.71 -16.81
CA ALA F 166 -12.37 31.54 -17.82
C ALA F 166 -11.00 31.80 -17.21
N VAL F 167 -10.03 30.98 -17.60
CA VAL F 167 -8.66 31.07 -17.09
C VAL F 167 -7.72 31.14 -18.28
N ARG F 168 -6.68 31.98 -18.17
CA ARG F 168 -5.71 32.17 -19.24
C ARG F 168 -4.30 32.07 -18.70
N MET F 169 -3.41 31.44 -19.47
CA MET F 169 -2.00 31.37 -19.16
C MET F 169 -1.19 31.66 -20.41
N TYR F 170 -0.19 32.53 -20.29
CA TYR F 170 0.59 32.98 -21.42
C TYR F 170 2.06 32.64 -21.20
N VAL F 171 2.62 31.84 -22.11
CA VAL F 171 4.01 31.39 -22.03
C VAL F 171 4.82 32.23 -23.01
N PRO F 172 5.78 33.04 -22.54
CA PRO F 172 6.48 33.95 -23.45
C PRO F 172 7.55 33.28 -24.30
N LYS F 173 8.14 32.18 -23.83
CA LYS F 173 9.24 31.56 -24.57
C LYS F 173 8.79 31.05 -25.93
N ALA F 174 7.62 30.42 -25.98
CA ALA F 174 7.06 29.94 -27.24
C ALA F 174 5.94 30.83 -27.77
N SER F 175 5.63 31.93 -27.07
CA SER F 175 4.57 32.85 -27.47
C SER F 175 3.23 32.13 -27.63
N GLU F 176 2.93 31.23 -26.70
CA GLU F 176 1.65 30.53 -26.65
C GLU F 176 0.73 31.20 -25.65
N MET F 177 -0.58 31.06 -25.86
CA MET F 177 -1.58 31.49 -24.90
C MET F 177 -2.66 30.43 -24.84
N ARG F 178 -2.80 29.79 -23.69
CA ARG F 178 -3.76 28.70 -23.50
C ARG F 178 -4.94 29.19 -22.68
N MET F 179 -6.14 28.81 -23.10
CA MET F 179 -7.38 29.22 -22.44
C MET F 179 -8.27 28.01 -22.21
N TRP F 180 -8.90 27.97 -21.03
CA TRP F 180 -9.83 26.91 -20.69
C TRP F 180 -10.83 27.45 -19.68
N ALA F 181 -11.94 26.74 -19.52
CA ALA F 181 -13.02 27.16 -18.64
C ALA F 181 -13.36 26.06 -17.66
N GLY F 182 -13.75 26.45 -16.45
CA GLY F 182 -14.13 25.46 -15.44
C GLY F 182 -14.55 26.13 -14.16
N ILE F 183 -14.94 25.30 -13.20
CA ILE F 183 -15.37 25.77 -11.88
C ILE F 183 -14.17 25.88 -10.96
N LEU F 184 -14.19 26.88 -10.09
CA LEU F 184 -13.09 27.13 -9.16
C LEU F 184 -13.57 26.87 -7.73
N SER F 185 -12.83 26.04 -7.01
CA SER F 185 -13.06 25.82 -5.58
C SER F 185 -11.79 26.22 -4.84
N PHE F 186 -11.90 27.21 -3.96
CA PHE F 186 -10.74 27.87 -3.38
C PHE F 186 -10.65 27.57 -1.89
N ASN F 187 -9.64 26.80 -1.51
CA ASN F 187 -9.28 26.65 -0.11
C ASN F 187 -8.53 27.90 0.35
N ASP F 188 -8.57 28.16 1.66
CA ASP F 188 -7.90 29.34 2.21
C ASP F 188 -7.12 29.08 3.50
N ILE F 189 -7.15 27.87 4.05
CA ILE F 189 -6.34 27.62 5.24
C ILE F 189 -4.88 27.50 4.83
N PRO F 190 -3.98 28.35 5.31
CA PRO F 190 -2.60 28.29 4.86
C PRO F 190 -1.75 27.37 5.72
N SER F 191 -1.04 26.44 5.07
CA SER F 191 -0.14 25.56 5.79
C SER F 191 1.15 26.29 6.14
N THR F 192 1.59 26.11 7.39
CA THR F 192 2.76 26.82 7.88
C THR F 192 3.83 25.82 8.31
N GLN F 193 5.07 26.10 7.95
CA GLN F 193 6.20 25.30 8.40
C GLN F 193 7.37 26.24 8.66
N VAL F 194 8.09 25.98 9.75
CA VAL F 194 9.16 26.89 10.16
C VAL F 194 10.24 26.92 9.08
N ASN F 195 10.78 28.11 8.85
CA ASN F 195 11.79 28.34 7.81
C ASN F 195 11.26 28.03 6.42
N GLU F 196 9.96 28.21 6.21
CA GLU F 196 9.35 27.99 4.89
C GLU F 196 8.15 28.91 4.75
N MET F 197 7.90 29.35 3.53
CA MET F 197 6.79 30.25 3.27
C MET F 197 5.46 29.52 3.38
N GLU F 198 4.41 30.28 3.65
CA GLU F 198 3.05 29.76 3.76
C GLU F 198 2.40 29.70 2.38
N THR F 199 1.64 28.63 2.14
CA THR F 199 1.05 28.38 0.83
C THR F 199 -0.45 28.14 0.95
N VAL F 200 -1.15 28.50 -0.12
CA VAL F 200 -2.59 28.25 -0.27
C VAL F 200 -2.79 27.56 -1.62
N GLU F 201 -3.86 26.77 -1.71
CA GLU F 201 -4.09 25.94 -2.88
C GLU F 201 -5.45 26.22 -3.49
N LEU F 202 -5.49 26.20 -4.82
CA LEU F 202 -6.70 26.42 -5.60
C LEU F 202 -6.90 25.25 -6.56
N ALA F 203 -8.16 24.93 -6.84
CA ALA F 203 -8.51 23.79 -7.67
C ALA F 203 -9.47 24.21 -8.77
N VAL F 204 -9.33 23.60 -9.95
CA VAL F 204 -10.16 23.87 -11.11
C VAL F 204 -10.63 22.55 -11.70
N SER F 205 -11.91 22.47 -12.05
CA SER F 205 -12.48 21.31 -12.73
C SER F 205 -12.88 21.73 -14.14
N LEU F 206 -12.26 21.10 -15.15
CA LEU F 206 -12.48 21.50 -16.53
C LEU F 206 -13.91 21.21 -16.97
N LYS F 207 -14.44 22.09 -17.81
CA LYS F 207 -15.72 21.86 -18.48
C LYS F 207 -15.58 21.86 -20.00
N GLY F 208 -14.38 22.01 -20.52
CA GLY F 208 -14.17 22.08 -21.94
C GLY F 208 -12.82 21.52 -22.32
N ASP F 209 -12.28 22.05 -23.42
CA ASP F 209 -11.02 21.59 -23.97
C ASP F 209 -10.03 22.75 -24.09
N PHE F 210 -8.74 22.41 -24.05
CA PHE F 210 -7.71 23.43 -24.12
C PHE F 210 -7.63 24.04 -25.52
N THR F 211 -7.32 25.33 -25.58
CA THR F 211 -7.17 26.06 -26.82
C THR F 211 -5.75 26.59 -26.94
N PHE F 212 -5.13 26.34 -28.10
CA PHE F 212 -3.75 26.75 -28.34
C PHE F 212 -3.73 27.76 -29.46
N ILE F 213 -3.15 28.94 -29.20
CA ILE F 213 -3.11 30.03 -30.16
C ILE F 213 -1.70 30.64 -30.16
N SER F 214 -1.45 31.50 -31.14
CA SER F 214 -0.22 32.29 -31.13
C SER F 214 -0.46 33.62 -30.43
N SER F 215 0.59 34.13 -29.79
CA SER F 215 0.48 35.40 -29.07
C SER F 215 0.42 36.60 -30.00
N THR F 216 0.68 36.40 -31.29
CA THR F 216 0.65 37.52 -32.23
C THR F 216 -0.76 38.05 -32.42
N LEU F 217 -1.77 37.18 -32.33
CA LEU F 217 -3.15 37.62 -32.46
C LEU F 217 -3.53 38.59 -31.34
N ALA F 218 -3.11 38.29 -30.12
CA ALA F 218 -3.33 39.16 -28.96
C ALA F 218 -4.81 39.49 -28.75
#